data_5JZQ
# 
_entry.id   5JZQ 
# 
_audit_conform.dict_name       mmcif_pdbx.dic 
_audit_conform.dict_version    5.391 
_audit_conform.dict_location   http://mmcif.pdb.org/dictionaries/ascii/mmcif_pdbx.dic 
# 
loop_
_database_2.database_id 
_database_2.database_code 
_database_2.pdbx_database_accession 
_database_2.pdbx_DOI 
PDB   5JZQ         pdb_00005jzq 10.2210/pdb5jzq/pdb 
WWPDB D_1000218440 ?            ?                   
# 
loop_
_pdbx_audit_revision_history.ordinal 
_pdbx_audit_revision_history.data_content_type 
_pdbx_audit_revision_history.major_revision 
_pdbx_audit_revision_history.minor_revision 
_pdbx_audit_revision_history.revision_date 
1 'Structure model' 1 0 2016-11-09 
2 'Structure model' 1 1 2016-12-21 
3 'Structure model' 1 2 2018-08-08 
4 'Structure model' 1 3 2024-05-08 
# 
_pdbx_audit_revision_details.ordinal             1 
_pdbx_audit_revision_details.revision_ordinal    1 
_pdbx_audit_revision_details.data_content_type   'Structure model' 
_pdbx_audit_revision_details.provider            repository 
_pdbx_audit_revision_details.type                'Initial release' 
_pdbx_audit_revision_details.description         ? 
_pdbx_audit_revision_details.details             ? 
# 
loop_
_pdbx_audit_revision_group.ordinal 
_pdbx_audit_revision_group.revision_ordinal 
_pdbx_audit_revision_group.data_content_type 
_pdbx_audit_revision_group.group 
1 2 'Structure model' 'Database references'  
2 3 'Structure model' 'Data collection'      
3 3 'Structure model' 'Database references'  
4 4 'Structure model' 'Data collection'      
5 4 'Structure model' 'Database references'  
6 4 'Structure model' 'Derived calculations' 
# 
loop_
_pdbx_audit_revision_category.ordinal 
_pdbx_audit_revision_category.revision_ordinal 
_pdbx_audit_revision_category.data_content_type 
_pdbx_audit_revision_category.category 
1 3 'Structure model' pdbx_related_exp_data_set 
2 4 'Structure model' chem_comp_atom            
3 4 'Structure model' chem_comp_bond            
4 4 'Structure model' database_2                
5 4 'Structure model' pdbx_struct_conn_angle    
6 4 'Structure model' struct_conn               
# 
loop_
_pdbx_audit_revision_item.ordinal 
_pdbx_audit_revision_item.revision_ordinal 
_pdbx_audit_revision_item.data_content_type 
_pdbx_audit_revision_item.item 
1  3 'Structure model' '_pdbx_related_exp_data_set.data_reference'     
2  3 'Structure model' '_pdbx_related_exp_data_set.metadata_reference' 
3  4 'Structure model' '_database_2.pdbx_DOI'                          
4  4 'Structure model' '_database_2.pdbx_database_accession'           
5  4 'Structure model' '_pdbx_struct_conn_angle.ptnr1_auth_asym_id'    
6  4 'Structure model' '_pdbx_struct_conn_angle.ptnr1_auth_comp_id'    
7  4 'Structure model' '_pdbx_struct_conn_angle.ptnr1_auth_seq_id'     
8  4 'Structure model' '_pdbx_struct_conn_angle.ptnr1_label_alt_id'    
9  4 'Structure model' '_pdbx_struct_conn_angle.ptnr1_label_asym_id'   
10 4 'Structure model' '_pdbx_struct_conn_angle.ptnr1_label_atom_id'   
11 4 'Structure model' '_pdbx_struct_conn_angle.ptnr1_label_comp_id'   
12 4 'Structure model' '_pdbx_struct_conn_angle.ptnr1_label_seq_id'    
13 4 'Structure model' '_pdbx_struct_conn_angle.ptnr1_symmetry'        
14 4 'Structure model' '_pdbx_struct_conn_angle.ptnr2_symmetry'        
15 4 'Structure model' '_pdbx_struct_conn_angle.ptnr3_auth_asym_id'    
16 4 'Structure model' '_pdbx_struct_conn_angle.ptnr3_auth_comp_id'    
17 4 'Structure model' '_pdbx_struct_conn_angle.ptnr3_auth_seq_id'     
18 4 'Structure model' '_pdbx_struct_conn_angle.ptnr3_label_alt_id'    
19 4 'Structure model' '_pdbx_struct_conn_angle.ptnr3_label_asym_id'   
20 4 'Structure model' '_pdbx_struct_conn_angle.ptnr3_label_atom_id'   
21 4 'Structure model' '_pdbx_struct_conn_angle.ptnr3_label_comp_id'   
22 4 'Structure model' '_pdbx_struct_conn_angle.ptnr3_label_seq_id'    
23 4 'Structure model' '_pdbx_struct_conn_angle.ptnr3_symmetry'        
24 4 'Structure model' '_pdbx_struct_conn_angle.value'                 
25 4 'Structure model' '_struct_conn.pdbx_dist_value'                  
26 4 'Structure model' '_struct_conn.pdbx_ptnr1_label_alt_id'          
27 4 'Structure model' '_struct_conn.pdbx_ptnr2_label_alt_id'          
28 4 'Structure model' '_struct_conn.ptnr1_auth_asym_id'               
29 4 'Structure model' '_struct_conn.ptnr1_auth_comp_id'               
30 4 'Structure model' '_struct_conn.ptnr1_auth_seq_id'                
31 4 'Structure model' '_struct_conn.ptnr1_label_asym_id'              
32 4 'Structure model' '_struct_conn.ptnr1_label_atom_id'              
33 4 'Structure model' '_struct_conn.ptnr1_label_comp_id'              
34 4 'Structure model' '_struct_conn.ptnr1_label_seq_id'               
35 4 'Structure model' '_struct_conn.ptnr2_auth_asym_id'               
36 4 'Structure model' '_struct_conn.ptnr2_auth_comp_id'               
37 4 'Structure model' '_struct_conn.ptnr2_auth_seq_id'                
38 4 'Structure model' '_struct_conn.ptnr2_label_asym_id'              
39 4 'Structure model' '_struct_conn.ptnr2_label_atom_id'              
40 4 'Structure model' '_struct_conn.ptnr2_label_comp_id'              
41 4 'Structure model' '_struct_conn.ptnr2_symmetry'                   
# 
_pdbx_database_status.status_code                     REL 
_pdbx_database_status.status_code_sf                  REL 
_pdbx_database_status.status_code_mr                  ? 
_pdbx_database_status.entry_id                        5JZQ 
_pdbx_database_status.recvd_initial_deposition_date   2016-05-17 
_pdbx_database_status.SG_entry                        N 
_pdbx_database_status.deposit_site                    RCSB 
_pdbx_database_status.process_site                    PDBE 
_pdbx_database_status.status_code_cs                  ? 
_pdbx_database_status.methods_development_category    ? 
_pdbx_database_status.pdb_format_compatible           Y 
_pdbx_database_status.status_code_nmr_data            ? 
# 
loop_
_pdbx_database_related.db_name 
_pdbx_database_related.details 
_pdbx_database_related.db_id 
_pdbx_database_related.content_type 
PDB . 1VTU unspecified 
PDB . 3P4J unspecified 
PDB . 1ICK unspecified 
PDB . 4HIF unspecified 
PDB . 4HIG unspecified 
PDB . 4R15 unspecified 
PDB . 5EBI unspecified 
# 
loop_
_audit_author.name 
_audit_author.pdbx_ordinal 
_audit_author.identifier_ORCID 
'Drozdzal, P.'  1 ? 
'Gilski, M.'    2 ? 
'Jaskolski, M.' 3 ? 
# 
loop_
_citation.abstract 
_citation.abstract_id_CAS 
_citation.book_id_ISBN 
_citation.book_publisher 
_citation.book_publisher_city 
_citation.book_title 
_citation.coordinate_linkage 
_citation.country 
_citation.database_id_Medline 
_citation.details 
_citation.id 
_citation.journal_abbrev 
_citation.journal_id_ASTM 
_citation.journal_id_CSD 
_citation.journal_id_ISSN 
_citation.journal_full 
_citation.journal_issue 
_citation.journal_volume 
_citation.language 
_citation.page_first 
_citation.page_last 
_citation.title 
_citation.year 
_citation.database_id_CSD 
_citation.pdbx_database_id_DOI 
_citation.pdbx_database_id_PubMed 
_citation.unpublished_flag 
? ? ? ? ? ? ? ?  ? ? primary 'Acta Crystallogr D Struct Biol'         ?      ?    2059-7983 ? ? 72  ? 1203  1211  
'Ultrahigh-resolution centrosymmetric crystal structure of Z-DNA reveals the massive presence of alternate conformations.' 2016 ? 
10.1107/S205979831601679X 27841753 ? 
? ? ? ? ? ? ? US ? ? 1       'J. Am. Chem. Soc.'                      JACSAT 0004 0002-7863 ? ? 115 ? 10432 10433 
'Structural characteristics of enantiomorphic DNA: crystal analysis of racemates of the d(CGCGCG) duplex' 1993 ? 
10.1021/ja00075a098       ?        ? 
? ? ? ? ? ? ? UK ? ? 2       'Nucleic Acids Res.'                     NARHAD 0389 1362-4962 ? ? 39  ? 6238  6248  
'High regularity of Z-DNA revealed by ultra high-resolution crystal structure at 0.55 A.' 2011 ? 10.1093/NAR/GKR202        
21459852 ? 
? ? ? ? ? ? ? DK ? ? 3       'Acta Crystallogr. D Biol. Crystallogr.' ABCRE6 0766 0907-4449 ? ? 57  ? 990   995   
'Anomalous signal of phosphorus used for phasing DNA oligomer: importance of data redundancy.' 2001 ? 10.1107/S0907444901006382 
11418767 ? 
? ? ? ? ? ? ? US ? ? 4       'Acta Crystallogr. D Biol. Crystallogr.' ABCRE6 ?    1399-0047 ? ? 69  ? 1180  1190  
'Ultrahigh-resolution crystal structures of Z-DNA in complex with Mn(2+) and Zn(2+) ions.' 2013 ? 10.1107/S0907444913007798 
23695262 ? 
? ? ? ? ? ? ? GW ? ? 5       'J. Biol. Inorg. Chem.'                  JJBCFA ?    1432-1327 ? ? 20  ? 595   602   
'High-resolution crystal structure of Z-DNA in complex with Cr(3+) cations.' 2015 ? 10.1007/s00775-015-1247-5 25687556 ? 
? ? ? ? ? ? ? ?  ? ? 6       'Acta Crystallogr D Struct Biol'         ?      ?    2059-7983 ? ? 72  ? 211   223   
;Atomic resolution structure of a chimeric DNA-RNA Z-type duplex in complex with Ba(2+) ions: a case of complicated multi-domain twinning.
;
2016 ? 10.1107/S2059798315024365 26894669 ? 
# 
loop_
_citation_author.citation_id 
_citation_author.name 
_citation_author.ordinal 
_citation_author.identifier_ORCID 
primary 'Drozdzal, P.'      1  ? 
primary 'Gilski, M.'        2  ? 
primary 'Jaskolski, M.'     3  ? 
1       'Doi, M.'           4  ? 
1       'Inoue, M.'         5  ? 
1       'Tomoo, K.'         6  ? 
1       'Ishida, T.'        7  ? 
1       'Ueda, Y.'          8  ? 
1       'Akagi, M.'         9  ? 
1       'Urata, H.'         10 ? 
2       'Brzezinski, K.'    11 ? 
2       'Brzuszkiewicz, A.' 12 ? 
2       'Dauter, M.'        13 ? 
2       'Kubicki, M.'       14 ? 
2       'Jaskolski, M.'     15 ? 
2       'Dauter, Z.'        16 ? 
3       'Dauter, Z.'        17 ? 
3       'Adamiak, D.A.'     18 ? 
4       'Drozdzal, P.'      19 ? 
4       'Gilski, M.'        20 ? 
4       'Kierzek, R.'       21 ? 
4       'Lomozik, L.'       22 ? 
4       'Jaskolski, M.'     23 ? 
5       'Drozdzal, P.'      24 ? 
5       'Gilski, M.'        25 ? 
5       'Kierzek, R.'       26 ? 
5       'Lomozik, L.'       27 ? 
5       'Jaskolski, M.'     28 ? 
6       'Gilski, M.'        29 ? 
6       'Drozdzal, P.'      30 ? 
6       'Kierzek, R.'       31 ? 
6       'Jaskolski, M.'     32 ? 
# 
loop_
_entity.id 
_entity.type 
_entity.src_method 
_entity.pdbx_description 
_entity.formula_weight 
_entity.pdbx_number_of_molecules 
_entity.pdbx_ec 
_entity.pdbx_mutation 
_entity.pdbx_fragment 
_entity.details 
1 polymer     syn 
;DNA (5'-D(*CP*GP*CP*GP*CP*G)-3')
;
1810.205 2   ? ? ? 'racemic mixture of D- and L-oligodeoxyribonucleotides' 
2 non-polymer syn 'MAGNESIUM ION'                    24.305   3   ? ? ? ?                                                       
3 water       nat water                              18.015   142 ? ? ? ?                                                       
# 
_entity_poly.entity_id                      1 
_entity_poly.type                           polydeoxyribonucleotide 
_entity_poly.nstd_linkage                   no 
_entity_poly.nstd_monomer                   no 
_entity_poly.pdbx_seq_one_letter_code       '(DC)(DG)(DC)(DG)(DC)(DG)' 
_entity_poly.pdbx_seq_one_letter_code_can   CGCGCG 
_entity_poly.pdbx_strand_id                 A,B 
_entity_poly.pdbx_target_identifier         ? 
# 
loop_
_pdbx_entity_nonpoly.entity_id 
_pdbx_entity_nonpoly.name 
_pdbx_entity_nonpoly.comp_id 
2 'MAGNESIUM ION' MG  
3 water           HOH 
# 
loop_
_entity_poly_seq.entity_id 
_entity_poly_seq.num 
_entity_poly_seq.mon_id 
_entity_poly_seq.hetero 
1 1 DC n 
1 2 DG n 
1 3 DC n 
1 4 DG n 
1 5 DC n 
1 6 DG n 
# 
_pdbx_entity_src_syn.entity_id              1 
_pdbx_entity_src_syn.pdbx_src_id            1 
_pdbx_entity_src_syn.pdbx_alt_source_flag   sample 
_pdbx_entity_src_syn.pdbx_beg_seq_num       1 
_pdbx_entity_src_syn.pdbx_end_seq_num       6 
_pdbx_entity_src_syn.organism_scientific    'synthetic construct' 
_pdbx_entity_src_syn.organism_common_name   ? 
_pdbx_entity_src_syn.ncbi_taxonomy_id       32630 
_pdbx_entity_src_syn.details                ? 
# 
loop_
_chem_comp.id 
_chem_comp.type 
_chem_comp.mon_nstd_flag 
_chem_comp.name 
_chem_comp.pdbx_synonyms 
_chem_comp.formula 
_chem_comp.formula_weight 
DC  'DNA linking' y "2'-DEOXYCYTIDINE-5'-MONOPHOSPHATE"  ? 'C9 H14 N3 O7 P'  307.197 
DG  'DNA linking' y "2'-DEOXYGUANOSINE-5'-MONOPHOSPHATE" ? 'C10 H14 N5 O7 P' 347.221 
HOH non-polymer   . WATER                                ? 'H2 O'            18.015  
MG  non-polymer   . 'MAGNESIUM ION'                      ? 'Mg 2'            24.305  
# 
loop_
_pdbx_poly_seq_scheme.asym_id 
_pdbx_poly_seq_scheme.entity_id 
_pdbx_poly_seq_scheme.seq_id 
_pdbx_poly_seq_scheme.mon_id 
_pdbx_poly_seq_scheme.ndb_seq_num 
_pdbx_poly_seq_scheme.pdb_seq_num 
_pdbx_poly_seq_scheme.auth_seq_num 
_pdbx_poly_seq_scheme.pdb_mon_id 
_pdbx_poly_seq_scheme.auth_mon_id 
_pdbx_poly_seq_scheme.pdb_strand_id 
_pdbx_poly_seq_scheme.pdb_ins_code 
_pdbx_poly_seq_scheme.hetero 
A 1 1 DC 1 1  1  DC DC A . n 
A 1 2 DG 2 2  2  DG DG A . n 
A 1 3 DC 3 3  3  DC DC A . n 
A 1 4 DG 4 4  4  DG DG A . n 
A 1 5 DC 5 5  5  DC DC A . n 
A 1 6 DG 6 6  6  DG DG A . n 
B 1 1 DC 1 7  7  DC DC B . n 
B 1 2 DG 2 8  8  DG DG B . n 
B 1 3 DC 3 9  9  DC DC B . n 
B 1 4 DG 4 10 10 DG DG B . n 
B 1 5 DC 5 11 11 DC DC B . n 
B 1 6 DG 6 12 12 DG DG B . n 
# 
loop_
_pdbx_nonpoly_scheme.asym_id 
_pdbx_nonpoly_scheme.entity_id 
_pdbx_nonpoly_scheme.mon_id 
_pdbx_nonpoly_scheme.ndb_seq_num 
_pdbx_nonpoly_scheme.pdb_seq_num 
_pdbx_nonpoly_scheme.auth_seq_num 
_pdbx_nonpoly_scheme.pdb_mon_id 
_pdbx_nonpoly_scheme.auth_mon_id 
_pdbx_nonpoly_scheme.pdb_strand_id 
_pdbx_nonpoly_scheme.pdb_ins_code 
C 2 MG  1  101 1   MG  MG  A . 
D 2 MG  1  102 2   MG  MG  A . 
E 2 MG  1  101 3   MG  MG  B . 
F 3 HOH 1  201 137 HOH HOH A . 
F 3 HOH 2  202 40  HOH HOH A . 
F 3 HOH 3  203 81  HOH HOH A . 
F 3 HOH 4  204 46  HOH HOH A . 
F 3 HOH 5  205 132 HOH HOH A . 
F 3 HOH 6  206 122 HOH HOH A . 
F 3 HOH 7  207 96  HOH HOH A . 
F 3 HOH 8  208 23  HOH HOH A . 
F 3 HOH 9  209 41  HOH HOH A . 
F 3 HOH 10 210 8   HOH HOH A . 
F 3 HOH 11 211 7   HOH HOH A . 
F 3 HOH 12 212 89  HOH HOH A . 
F 3 HOH 13 213 43  HOH HOH A . 
F 3 HOH 14 214 21  HOH HOH A . 
F 3 HOH 15 215 44  HOH HOH A . 
F 3 HOH 16 216 92  HOH HOH A . 
F 3 HOH 17 217 26  HOH HOH A . 
F 3 HOH 18 218 70  HOH HOH A . 
F 3 HOH 19 219 66  HOH HOH A . 
F 3 HOH 20 220 91  HOH HOH A . 
F 3 HOH 21 221 9   HOH HOH A . 
F 3 HOH 22 222 123 HOH HOH A . 
F 3 HOH 23 223 109 HOH HOH A . 
F 3 HOH 24 224 14  HOH HOH A . 
F 3 HOH 25 225 57  HOH HOH A . 
F 3 HOH 26 226 55  HOH HOH A . 
F 3 HOH 27 227 22  HOH HOH A . 
F 3 HOH 28 228 78  HOH HOH A . 
F 3 HOH 29 229 52  HOH HOH A . 
F 3 HOH 30 230 74  HOH HOH A . 
F 3 HOH 31 231 25  HOH HOH A . 
F 3 HOH 32 232 3   HOH HOH A . 
F 3 HOH 33 233 105 HOH HOH A . 
F 3 HOH 34 234 10  HOH HOH A . 
F 3 HOH 35 235 6   HOH HOH A . 
F 3 HOH 36 236 36  HOH HOH A . 
F 3 HOH 37 237 124 HOH HOH A . 
F 3 HOH 38 238 30  HOH HOH A . 
F 3 HOH 39 239 42  HOH HOH A . 
F 3 HOH 40 240 136 HOH HOH A . 
F 3 HOH 41 241 64  HOH HOH A . 
F 3 HOH 42 242 86  HOH HOH A . 
F 3 HOH 43 243 77  HOH HOH A . 
F 3 HOH 44 244 68  HOH HOH A . 
F 3 HOH 45 245 119 HOH HOH A . 
F 3 HOH 46 246 85  HOH HOH A . 
F 3 HOH 47 247 113 HOH HOH A . 
F 3 HOH 48 248 103 HOH HOH A . 
F 3 HOH 49 249 29  HOH HOH A . 
F 3 HOH 50 250 83  HOH HOH A . 
F 3 HOH 51 251 39  HOH HOH A . 
F 3 HOH 52 252 104 HOH HOH A . 
F 3 HOH 53 253 95  HOH HOH A . 
F 3 HOH 54 254 98  HOH HOH A . 
G 3 HOH 1  201 120 HOH HOH B . 
G 3 HOH 2  202 141 HOH HOH B . 
G 3 HOH 3  203 94  HOH HOH B . 
G 3 HOH 4  204 133 HOH HOH B . 
G 3 HOH 5  205 129 HOH HOH B . 
G 3 HOH 6  206 134 HOH HOH B . 
G 3 HOH 7  207 115 HOH HOH B . 
G 3 HOH 8  208 69  HOH HOH B . 
G 3 HOH 9  209 58  HOH HOH B . 
G 3 HOH 10 210 56  HOH HOH B . 
G 3 HOH 11 211 111 HOH HOH B . 
G 3 HOH 12 212 20  HOH HOH B . 
G 3 HOH 13 213 101 HOH HOH B . 
G 3 HOH 14 214 75  HOH HOH B . 
G 3 HOH 15 215 99  HOH HOH B . 
G 3 HOH 16 216 114 HOH HOH B . 
G 3 HOH 17 217 16  HOH HOH B . 
G 3 HOH 18 218 31  HOH HOH B . 
G 3 HOH 19 219 59  HOH HOH B . 
G 3 HOH 20 220 90  HOH HOH B . 
G 3 HOH 21 221 84  HOH HOH B . 
G 3 HOH 22 222 50  HOH HOH B . 
G 3 HOH 23 223 33  HOH HOH B . 
G 3 HOH 24 224 61  HOH HOH B . 
G 3 HOH 25 225 13  HOH HOH B . 
G 3 HOH 26 226 73  HOH HOH B . 
G 3 HOH 27 227 127 HOH HOH B . 
G 3 HOH 28 228 24  HOH HOH B . 
G 3 HOH 29 229 15  HOH HOH B . 
G 3 HOH 30 230 48  HOH HOH B . 
G 3 HOH 31 231 87  HOH HOH B . 
G 3 HOH 32 232 102 HOH HOH B . 
G 3 HOH 33 233 18  HOH HOH B . 
G 3 HOH 34 234 2   HOH HOH B . 
G 3 HOH 35 235 19  HOH HOH B . 
G 3 HOH 36 236 45  HOH HOH B . 
G 3 HOH 37 237 35  HOH HOH B . 
G 3 HOH 38 238 12  HOH HOH B . 
G 3 HOH 39 239 138 HOH HOH B . 
G 3 HOH 40 240 5   HOH HOH B . 
G 3 HOH 41 241 1   HOH HOH B . 
G 3 HOH 42 242 32  HOH HOH B . 
G 3 HOH 43 243 38  HOH HOH B . 
G 3 HOH 44 244 131 HOH HOH B . 
G 3 HOH 45 245 37  HOH HOH B . 
G 3 HOH 46 246 47  HOH HOH B . 
G 3 HOH 47 247 125 HOH HOH B . 
G 3 HOH 48 248 130 HOH HOH B . 
G 3 HOH 49 249 112 HOH HOH B . 
G 3 HOH 50 250 117 HOH HOH B . 
G 3 HOH 51 251 67  HOH HOH B . 
G 3 HOH 52 252 93  HOH HOH B . 
G 3 HOH 53 253 17  HOH HOH B . 
G 3 HOH 54 254 11  HOH HOH B . 
G 3 HOH 55 255 76  HOH HOH B . 
G 3 HOH 56 256 51  HOH HOH B . 
G 3 HOH 57 257 108 HOH HOH B . 
G 3 HOH 58 258 116 HOH HOH B . 
G 3 HOH 59 259 65  HOH HOH B . 
G 3 HOH 60 260 49  HOH HOH B . 
G 3 HOH 61 261 100 HOH HOH B . 
G 3 HOH 62 262 27  HOH HOH B . 
G 3 HOH 63 263 54  HOH HOH B . 
G 3 HOH 64 264 110 HOH HOH B . 
G 3 HOH 65 265 126 HOH HOH B . 
G 3 HOH 66 266 79  HOH HOH B . 
G 3 HOH 67 267 107 HOH HOH B . 
G 3 HOH 68 268 62  HOH HOH B . 
G 3 HOH 69 269 28  HOH HOH B . 
G 3 HOH 70 270 97  HOH HOH B . 
G 3 HOH 71 271 34  HOH HOH B . 
G 3 HOH 72 272 60  HOH HOH B . 
G 3 HOH 73 273 80  HOH HOH B . 
G 3 HOH 74 274 71  HOH HOH B . 
G 3 HOH 75 275 88  HOH HOH B . 
G 3 HOH 76 276 106 HOH HOH B . 
G 3 HOH 77 277 135 HOH HOH B . 
G 3 HOH 78 278 72  HOH HOH B . 
G 3 HOH 79 279 142 HOH HOH B . 
G 3 HOH 80 280 82  HOH HOH B . 
G 3 HOH 81 281 139 HOH HOH B . 
G 3 HOH 82 282 63  HOH HOH B . 
G 3 HOH 83 283 118 HOH HOH B . 
G 3 HOH 84 284 4   HOH HOH B . 
G 3 HOH 85 285 140 HOH HOH B . 
G 3 HOH 86 286 121 HOH HOH B . 
G 3 HOH 87 287 53  HOH HOH B . 
G 3 HOH 88 288 128 HOH HOH B . 
# 
loop_
_software.citation_id 
_software.classification 
_software.compiler_name 
_software.compiler_version 
_software.contact_author 
_software.contact_author_email 
_software.date 
_software.description 
_software.dependencies 
_software.hardware 
_software.language 
_software.location 
_software.mods 
_software.name 
_software.os 
_software.os_version 
_software.type 
_software.version 
_software.pdbx_ordinal 
? 'data reduction' ? ? ? ? ? ? ? ? ? ? ? XDS       ? ? ? .      1 
? 'data reduction' ? ? ? ? ? ? ? ? ? ? ? XPREP     ? ? ? .      2 
? phasing          ? ? ? ? ? ? ? ? ? ? ? SHELXS    ? ? ? .      3 
? refinement       ? ? ? ? ? ? ? ? ? ? ? SHELXL    ? ? ? 2014/7 4 
? refinement       ? ? ? ? ? ? ? ? ? ? ? SHELXL-97 ? ? ? .      5 
? 'data scaling'   ? ? ? ? ? ? ? ? ? ? ? XSCALE    ? ? ? .      6 
? phasing          ? ? ? ? ? ? ? ? ? ? ? SHELX     ? ? ? .      7 
# 
_cell.angle_alpha                  90.00 
_cell.angle_alpha_esd              ? 
_cell.angle_beta                   106.73 
_cell.angle_beta_esd               ? 
_cell.angle_gamma                  90.00 
_cell.angle_gamma_esd              ? 
_cell.entry_id                     5JZQ 
_cell.details                      ? 
_cell.formula_units_Z              ? 
_cell.length_a                     81.300 
_cell.length_a_esd                 ? 
_cell.length_b                     17.610 
_cell.length_b_esd                 ? 
_cell.length_c                     36.490 
_cell.length_c_esd                 ? 
_cell.volume                       ? 
_cell.volume_esd                   ? 
_cell.Z_PDB                        16 
_cell.reciprocal_angle_alpha       ? 
_cell.reciprocal_angle_beta        ? 
_cell.reciprocal_angle_gamma       ? 
_cell.reciprocal_angle_alpha_esd   ? 
_cell.reciprocal_angle_beta_esd    ? 
_cell.reciprocal_angle_gamma_esd   ? 
_cell.reciprocal_length_a          ? 
_cell.reciprocal_length_b          ? 
_cell.reciprocal_length_c          ? 
_cell.reciprocal_length_a_esd      ? 
_cell.reciprocal_length_b_esd      ? 
_cell.reciprocal_length_c_esd      ? 
_cell.pdbx_unique_axis             ? 
# 
_symmetry.entry_id                         5JZQ 
_symmetry.cell_setting                     ? 
_symmetry.Int_Tables_number                15 
_symmetry.space_group_name_Hall            ? 
_symmetry.space_group_name_H-M             'C 1 2/c 1' 
_symmetry.pdbx_full_space_group_name_H-M   ? 
# 
_exptl.absorpt_coefficient_mu     ? 
_exptl.absorpt_correction_T_max   ? 
_exptl.absorpt_correction_T_min   ? 
_exptl.absorpt_correction_type    ? 
_exptl.absorpt_process_details    ? 
_exptl.entry_id                   5JZQ 
_exptl.crystals_number            1 
_exptl.details                    ? 
_exptl.method                     'X-RAY DIFFRACTION' 
_exptl.method_details             ? 
# 
_exptl_crystal.colour                      ? 
_exptl_crystal.density_diffrn              ? 
_exptl_crystal.density_Matthews            1.74 
_exptl_crystal.density_method              ? 
_exptl_crystal.density_percent_sol         28.79 
_exptl_crystal.description                 ? 
_exptl_crystal.F_000                       ? 
_exptl_crystal.id                          1 
_exptl_crystal.preparation                 ? 
_exptl_crystal.size_max                    ? 
_exptl_crystal.size_mid                    ? 
_exptl_crystal.size_min                    ? 
_exptl_crystal.size_rad                    ? 
_exptl_crystal.colour_lustre               ? 
_exptl_crystal.colour_modifier             ? 
_exptl_crystal.colour_primary              ? 
_exptl_crystal.density_meas                ? 
_exptl_crystal.density_meas_esd            ? 
_exptl_crystal.density_meas_gt             ? 
_exptl_crystal.density_meas_lt             ? 
_exptl_crystal.density_meas_temp           ? 
_exptl_crystal.density_meas_temp_esd       ? 
_exptl_crystal.density_meas_temp_gt        ? 
_exptl_crystal.density_meas_temp_lt        ? 
_exptl_crystal.pdbx_crystal_image_url      ? 
_exptl_crystal.pdbx_crystal_image_format   ? 
_exptl_crystal.pdbx_mosaicity              ? 
_exptl_crystal.pdbx_mosaicity_esd          ? 
# 
_exptl_crystal_grow.apparatus       ? 
_exptl_crystal_grow.atmosphere      ? 
_exptl_crystal_grow.crystal_id      1 
_exptl_crystal_grow.details         ? 
_exptl_crystal_grow.method          'VAPOR DIFFUSION, HANGING DROP' 
_exptl_crystal_grow.method_ref      ? 
_exptl_crystal_grow.pH              7 
_exptl_crystal_grow.pressure        ? 
_exptl_crystal_grow.pressure_esd    ? 
_exptl_crystal_grow.seeding         ? 
_exptl_crystal_grow.seeding_ref     ? 
_exptl_crystal_grow.temp            292 
_exptl_crystal_grow.temp_details    ? 
_exptl_crystal_grow.temp_esd        ? 
_exptl_crystal_grow.time            ? 
_exptl_crystal_grow.pdbx_details    
;1.5 MM WATER SOLUTION OF DNA MIXED 1:1 WITH 0.2 M (NH4)2OAc, 0.15 M Mg(OAc)2, 0.05 M HEPES SODIUM PH 7.0 AND 5% (W/V) PEG 4000 AND EQUILIBRATED AGAINST 0.5 ML of 5% (V/V) PEG 4000.
;
_exptl_crystal_grow.pdbx_pH_range   ? 
# 
_diffrn.ambient_environment    ? 
_diffrn.ambient_temp           100 
_diffrn.ambient_temp_details   ? 
_diffrn.ambient_temp_esd       ? 
_diffrn.crystal_id             1 
_diffrn.crystal_support        ? 
_diffrn.crystal_treatment      ? 
_diffrn.details                ? 
_diffrn.id                     1 
_diffrn.ambient_pressure       ? 
_diffrn.ambient_pressure_esd   ? 
_diffrn.ambient_pressure_gt    ? 
_diffrn.ambient_pressure_lt    ? 
_diffrn.ambient_temp_gt        ? 
_diffrn.ambient_temp_lt        ? 
# 
_diffrn_detector.details                      ? 
_diffrn_detector.detector                     CCD 
_diffrn_detector.diffrn_id                    1 
_diffrn_detector.type                         'RAYONIX MX-225' 
_diffrn_detector.area_resol_mean              ? 
_diffrn_detector.dtime                        ? 
_diffrn_detector.pdbx_frames_total            ? 
_diffrn_detector.pdbx_collection_time_total   ? 
_diffrn_detector.pdbx_collection_date         2014-03-29 
# 
_diffrn_radiation.collimation                      ? 
_diffrn_radiation.diffrn_id                        1 
_diffrn_radiation.filter_edge                      ? 
_diffrn_radiation.inhomogeneity                    ? 
_diffrn_radiation.monochromator                    'Double crystal Si (111) Channel' 
_diffrn_radiation.polarisn_norm                    ? 
_diffrn_radiation.polarisn_ratio                   ? 
_diffrn_radiation.probe                            ? 
_diffrn_radiation.type                             ? 
_diffrn_radiation.xray_symbol                      ? 
_diffrn_radiation.wavelength_id                    1 
_diffrn_radiation.pdbx_monochromatic_or_laue_m_l   M 
_diffrn_radiation.pdbx_wavelength_list             ? 
_diffrn_radiation.pdbx_wavelength                  ? 
_diffrn_radiation.pdbx_diffrn_protocol             'SINGLE WAVELENGTH' 
_diffrn_radiation.pdbx_analyzer                    ? 
_diffrn_radiation.pdbx_scattering_type             x-ray 
# 
_diffrn_radiation_wavelength.id           1 
_diffrn_radiation_wavelength.wavelength   0.7999 
_diffrn_radiation_wavelength.wt           1.0 
# 
_diffrn_source.current                     ? 
_diffrn_source.details                     ? 
_diffrn_source.diffrn_id                   1 
_diffrn_source.power                       ? 
_diffrn_source.size                        ? 
_diffrn_source.source                      SYNCHROTRON 
_diffrn_source.target                      ? 
_diffrn_source.type                        'BESSY BEAMLINE 14.2' 
_diffrn_source.voltage                     ? 
_diffrn_source.take-off_angle              ? 
_diffrn_source.pdbx_wavelength_list        0.7999 
_diffrn_source.pdbx_wavelength             ? 
_diffrn_source.pdbx_synchrotron_beamline   14.2 
_diffrn_source.pdbx_synchrotron_site       BESSY 
# 
_reflns.B_iso_Wilson_estimate            12.87 
_reflns.entry_id                         5JZQ 
_reflns.data_reduction_details           ? 
_reflns.data_reduction_method            ? 
_reflns.d_resolution_high                0.78 
_reflns.d_resolution_low                 38.93 
_reflns.details                          ? 
_reflns.limit_h_max                      ? 
_reflns.limit_h_min                      ? 
_reflns.limit_k_max                      ? 
_reflns.limit_k_min                      ? 
_reflns.limit_l_max                      ? 
_reflns.limit_l_min                      ? 
_reflns.number_all                       ? 
_reflns.number_obs                       53660 
_reflns.observed_criterion               ? 
_reflns.observed_criterion_F_max         ? 
_reflns.observed_criterion_F_min         ? 
_reflns.observed_criterion_I_max         ? 
_reflns.observed_criterion_I_min         ? 
_reflns.observed_criterion_sigma_F       ? 
_reflns.observed_criterion_sigma_I       ? 
_reflns.percent_possible_obs             95.5 
_reflns.R_free_details                   ? 
_reflns.Rmerge_F_all                     ? 
_reflns.Rmerge_F_obs                     ? 
_reflns.Friedel_coverage                 ? 
_reflns.number_gt                        ? 
_reflns.threshold_expression             ? 
_reflns.pdbx_redundancy                  9.01 
_reflns.pdbx_Rmerge_I_obs                0.0339 
_reflns.pdbx_Rmerge_I_all                ? 
_reflns.pdbx_Rsym_value                  ? 
_reflns.pdbx_netI_over_av_sigmaI         ? 
_reflns.pdbx_netI_over_sigmaI            25.75 
_reflns.pdbx_res_netI_over_av_sigmaI_2   ? 
_reflns.pdbx_res_netI_over_sigmaI_2      ? 
_reflns.pdbx_chi_squared                 ? 
_reflns.pdbx_scaling_rejects             ? 
_reflns.pdbx_d_res_high_opt              ? 
_reflns.pdbx_d_res_low_opt               ? 
_reflns.pdbx_d_res_opt_method            ? 
_reflns.phase_calculation_details        ? 
_reflns.pdbx_Rrim_I_all                  ? 
_reflns.pdbx_Rpim_I_all                  ? 
_reflns.pdbx_d_opt                       ? 
_reflns.pdbx_number_measured_all         ? 
_reflns.pdbx_diffrn_id                   1 
_reflns.pdbx_ordinal                     1 
_reflns.pdbx_CC_half                     0.999 
_reflns.pdbx_R_split                     ? 
# 
_reflns_shell.d_res_high                  0.78 
_reflns_shell.d_res_low                   0.80 
_reflns_shell.meanI_over_sigI_all         ? 
_reflns_shell.meanI_over_sigI_obs         3.12 
_reflns_shell.number_measured_all         ? 
_reflns_shell.number_measured_obs         ? 
_reflns_shell.number_possible             ? 
_reflns_shell.number_unique_all           ? 
_reflns_shell.number_unique_obs           ? 
_reflns_shell.percent_possible_all        88.4 
_reflns_shell.percent_possible_obs        ? 
_reflns_shell.Rmerge_F_all                ? 
_reflns_shell.Rmerge_F_obs                ? 
_reflns_shell.Rmerge_I_all                ? 
_reflns_shell.Rmerge_I_obs                0.4030 
_reflns_shell.meanI_over_sigI_gt          ? 
_reflns_shell.meanI_over_uI_all           ? 
_reflns_shell.meanI_over_uI_gt            ? 
_reflns_shell.number_measured_gt          ? 
_reflns_shell.number_unique_gt            ? 
_reflns_shell.percent_possible_gt         ? 
_reflns_shell.Rmerge_F_gt                 ? 
_reflns_shell.Rmerge_I_gt                 ? 
_reflns_shell.pdbx_redundancy             4.54 
_reflns_shell.pdbx_Rsym_value             ? 
_reflns_shell.pdbx_chi_squared            ? 
_reflns_shell.pdbx_netI_over_sigmaI_all   ? 
_reflns_shell.pdbx_netI_over_sigmaI_obs   ? 
_reflns_shell.pdbx_Rrim_I_all             ? 
_reflns_shell.pdbx_Rpim_I_all             ? 
_reflns_shell.pdbx_rejects                ? 
_reflns_shell.pdbx_ordinal                1 
_reflns_shell.pdbx_diffrn_id              1 
_reflns_shell.pdbx_CC_half                ? 
_reflns_shell.pdbx_R_split                ? 
# 
_refine.aniso_B[1][1]                            ? 
_refine.aniso_B[1][2]                            ? 
_refine.aniso_B[1][3]                            ? 
_refine.aniso_B[2][2]                            ? 
_refine.aniso_B[2][3]                            ? 
_refine.aniso_B[3][3]                            ? 
_refine.B_iso_max                                ? 
_refine.B_iso_mean                               ? 
_refine.B_iso_min                                ? 
_refine.correlation_coeff_Fo_to_Fc               ? 
_refine.correlation_coeff_Fo_to_Fc_free          ? 
_refine.details                                  
;ANISOTROPIC ATOMIC DISPLACEMENT PARAMETERS WERE USED. HYDROGEN ATOMS WERE ADDED AT RIDING POSITION. THE FINAL REFINEMENT WAS CALCULATED USING WEIGHTED FULL-MATRIX LEAST-SQUARES PROCEDURE AND ALL REFLECTIONS.
;
_refine.diff_density_max                         ? 
_refine.diff_density_max_esd                     ? 
_refine.diff_density_min                         ? 
_refine.diff_density_min_esd                     ? 
_refine.diff_density_rms                         ? 
_refine.diff_density_rms_esd                     ? 
_refine.entry_id                                 5JZQ 
_refine.pdbx_refine_id                           'X-RAY DIFFRACTION' 
_refine.ls_abs_structure_details                 ? 
_refine.ls_abs_structure_Flack                   ? 
_refine.ls_abs_structure_Flack_esd               ? 
_refine.ls_abs_structure_Rogers                  ? 
_refine.ls_abs_structure_Rogers_esd              ? 
_refine.ls_d_res_high                            0.78 
_refine.ls_d_res_low                             38.93 
_refine.ls_extinction_coef                       ? 
_refine.ls_extinction_coef_esd                   ? 
_refine.ls_extinction_expression                 ? 
_refine.ls_extinction_method                     ? 
_refine.ls_goodness_of_fit_all                   ? 
_refine.ls_goodness_of_fit_all_esd               ? 
_refine.ls_goodness_of_fit_obs                   ? 
_refine.ls_goodness_of_fit_obs_esd               ? 
_refine.ls_hydrogen_treatment                    ? 
_refine.ls_matrix_type                           ? 
_refine.ls_number_constraints                    ? 
_refine.ls_number_parameters                     ? 
_refine.ls_number_reflns_all                     ? 
_refine.ls_number_reflns_obs                     53660 
_refine.ls_number_reflns_R_free                  982 
_refine.ls_number_reflns_R_work                  ? 
_refine.ls_number_restraints                     ? 
_refine.ls_percent_reflns_obs                    95.5 
_refine.ls_percent_reflns_R_free                 1.830 
_refine.ls_R_factor_all                          0.1383 
_refine.ls_R_factor_obs                          0.1399 
_refine.ls_R_factor_R_free                       0.1425 
_refine.ls_R_factor_R_free_error                 ? 
_refine.ls_R_factor_R_free_error_details         ? 
_refine.ls_R_factor_R_work                       0.1386 
_refine.ls_R_Fsqd_factor_obs                     ? 
_refine.ls_R_I_factor_obs                        ? 
_refine.ls_redundancy_reflns_all                 ? 
_refine.ls_redundancy_reflns_obs                 ? 
_refine.ls_restrained_S_all                      ? 
_refine.ls_restrained_S_obs                      ? 
_refine.ls_shift_over_esd_max                    ? 
_refine.ls_shift_over_esd_mean                   ? 
_refine.ls_structure_factor_coef                 ? 
_refine.ls_weighting_details                     ? 
_refine.ls_weighting_scheme                      ? 
_refine.ls_wR_factor_all                         ? 
_refine.ls_wR_factor_obs                         ? 
_refine.ls_wR_factor_R_free                      ? 
_refine.ls_wR_factor_R_work                      ? 
_refine.occupancy_max                            ? 
_refine.occupancy_min                            ? 
_refine.solvent_model_details                    'MOEWS & KRETSINGER, J.MOL.BIOL.(1975) 91, 201' 
_refine.solvent_model_param_bsol                 ? 
_refine.solvent_model_param_ksol                 ? 
_refine.ls_R_factor_gt                           ? 
_refine.ls_goodness_of_fit_gt                    ? 
_refine.ls_goodness_of_fit_ref                   ? 
_refine.ls_shift_over_su_max                     ? 
_refine.ls_shift_over_su_max_lt                  ? 
_refine.ls_shift_over_su_mean                    ? 
_refine.ls_shift_over_su_mean_lt                 ? 
_refine.pdbx_ls_sigma_I                          ? 
_refine.pdbx_ls_sigma_F                          ? 
_refine.pdbx_ls_sigma_Fsqd                       ? 
_refine.pdbx_data_cutoff_high_absF               ? 
_refine.pdbx_data_cutoff_high_rms_absF           ? 
_refine.pdbx_data_cutoff_low_absF                ? 
_refine.pdbx_isotropic_thermal_model             ? 
_refine.pdbx_ls_cross_valid_method               'FREE R-VALUE' 
_refine.pdbx_method_to_determine_struct          'AB INITIO PHASING' 
_refine.pdbx_starting_model                      ? 
_refine.pdbx_stereochemistry_target_values       'CLOWNEY, GELBIN & PARKINSON' 
_refine.pdbx_R_Free_selection_details            RANDOM 
_refine.pdbx_stereochem_target_val_spec_case     'PHOSPHATE AND GLYCOSIDIC ANGLES ACCORDING TO PDB MODEL 3P4J' 
_refine.pdbx_overall_ESU_R                       ? 
_refine.pdbx_overall_ESU_R_Free                  ? 
_refine.pdbx_solvent_vdw_probe_radii             ? 
_refine.pdbx_solvent_ion_probe_radii             ? 
_refine.pdbx_solvent_shrinkage_radii             ? 
_refine.pdbx_real_space_R                        ? 
_refine.pdbx_density_correlation                 ? 
_refine.pdbx_pd_number_of_powder_patterns        ? 
_refine.pdbx_pd_number_of_points                 ? 
_refine.pdbx_pd_meas_number_of_points            ? 
_refine.pdbx_pd_proc_ls_prof_R_factor            ? 
_refine.pdbx_pd_proc_ls_prof_wR_factor           ? 
_refine.pdbx_pd_Marquardt_correlation_coeff      ? 
_refine.pdbx_pd_Fsqrd_R_factor                   ? 
_refine.pdbx_pd_ls_matrix_band_width             ? 
_refine.pdbx_overall_phase_error                 ? 
_refine.pdbx_overall_SU_R_free_Cruickshank_DPI   ? 
_refine.pdbx_overall_SU_R_free_Blow_DPI          ? 
_refine.pdbx_overall_SU_R_Blow_DPI               ? 
_refine.pdbx_TLS_residual_ADP_flag               ? 
_refine.pdbx_diffrn_id                           1 
_refine.overall_SU_B                             ? 
_refine.overall_SU_ML                            ? 
_refine.overall_SU_R_Cruickshank_DPI             ? 
_refine.overall_SU_R_free                        ? 
_refine.overall_FOM_free_R_set                   ? 
_refine.overall_FOM_work_R_set                   ? 
_refine.pdbx_average_fsc_overall                 ? 
_refine.pdbx_average_fsc_work                    ? 
_refine.pdbx_average_fsc_free                    ? 
# 
_refine_analyze.entry_id                        5JZQ 
_refine_analyze.pdbx_refine_id                  'X-RAY DIFFRACTION' 
_refine_analyze.Luzzati_coordinate_error_free   ? 
_refine_analyze.Luzzati_coordinate_error_obs    ? 
_refine_analyze.Luzzati_d_res_low_free          ? 
_refine_analyze.Luzzati_d_res_low_obs           ? 
_refine_analyze.Luzzati_sigma_a_free            ? 
_refine_analyze.Luzzati_sigma_a_free_details    ? 
_refine_analyze.Luzzati_sigma_a_obs             ? 
_refine_analyze.Luzzati_sigma_a_obs_details     ? 
_refine_analyze.number_disordered_residues      45 
_refine_analyze.occupancy_sum_hydrogen          133.0 
_refine_analyze.occupancy_sum_non_hydrogen      339.1 
_refine_analyze.RG_d_res_high                   ? 
_refine_analyze.RG_d_res_low                    ? 
_refine_analyze.RG_free                         ? 
_refine_analyze.RG_work                         ? 
_refine_analyze.RG_free_work_ratio              ? 
_refine_analyze.pdbx_Luzzati_d_res_high_obs     ? 
# 
_refine_hist.pdbx_refine_id                   'X-RAY DIFFRACTION' 
_refine_hist.cycle_id                         LAST 
_refine_hist.pdbx_number_atoms_protein        0 
_refine_hist.pdbx_number_atoms_nucleic_acid   240 
_refine_hist.pdbx_number_atoms_ligand         3 
_refine_hist.number_atoms_solvent             142 
_refine_hist.number_atoms_total               385 
_refine_hist.d_res_high                       0.78 
_refine_hist.d_res_low                        38.93 
# 
loop_
_refine_ls_restr.pdbx_refine_id 
_refine_ls_restr.criterion 
_refine_ls_restr.dev_ideal 
_refine_ls_restr.dev_ideal_target 
_refine_ls_restr.number 
_refine_ls_restr.rejects 
_refine_ls_restr.type 
_refine_ls_restr.weight 
_refine_ls_restr.pdbx_restraint_function 
'X-RAY DIFFRACTION' ? 0.0169 ? ? ? s_bond_d               ? ? 
'X-RAY DIFFRACTION' ? 1.776  ? ? ? s_angle_d              ? ? 
'X-RAY DIFFRACTION' ? ?      ? ? ? s_similar_dist         ? ? 
'X-RAY DIFFRACTION' ? 0.008  ? ? ? s_from_restr_planes    ? ? 
'X-RAY DIFFRACTION' ? ?      ? ? ? s_zero_chiral_vol      ? ? 
'X-RAY DIFFRACTION' ? ?      ? ? ? s_non_zero_chiral_vol  ? ? 
'X-RAY DIFFRACTION' ? 0.1275 ? ? ? s_anti_bump_dis_restr  ? ? 
'X-RAY DIFFRACTION' ? ?      ? ? ? s_rigid_bond_adp_cmpnt ? ? 
'X-RAY DIFFRACTION' ? 0.0652 ? ? ? s_similar_adp_cmpnt    ? ? 
'X-RAY DIFFRACTION' ? 0.1149 ? ? ? s_approx_iso_adps      ? ? 
# 
_pdbx_refine.pdbx_refine_id                              'X-RAY DIFFRACTION' 
_pdbx_refine.entry_id                                    5JZQ 
_pdbx_refine.R_factor_all_no_cutoff                      0.1383 
_pdbx_refine.R_factor_obs_no_cutoff                      0.1386 
_pdbx_refine.free_R_factor_no_cutoff                     0.1425 
_pdbx_refine.free_R_error_no_cutoff                      ? 
_pdbx_refine.free_R_val_test_set_size_perc_no_cutoff     1.830 
_pdbx_refine.free_R_val_test_set_ct_no_cutoff            982 
_pdbx_refine.R_factor_all_4sig_cutoff                    0.1225 
_pdbx_refine.R_factor_obs_4sig_cutoff                    0.1207 
_pdbx_refine.free_R_factor_4sig_cutoff                   0.1264 
_pdbx_refine.free_R_val_test_set_size_perc_4sig_cutoff   1.427 
_pdbx_refine.free_R_val_test_set_ct_4sig_cutoff          766 
_pdbx_refine.number_reflns_obs_4sig_cutoff               40459 
# 
_struct.entry_id                     5JZQ 
_struct.title                        
'Ultrahigh-resolution centrosymmetric crystal structure of Z-DNA reveals massive presence of multiple conformations' 
_struct.pdbx_model_details           ? 
_struct.pdbx_formula_weight          ? 
_struct.pdbx_formula_weight_method   ? 
_struct.pdbx_model_type_details      ? 
_struct.pdbx_CASP_flag               N 
# 
_struct_keywords.entry_id        5JZQ 
_struct_keywords.text            
;Z-DNA duplex, self-complementary duplex, centrosymmetric space group, DNA enantiomer; racemate, L-ribose nucleic acid; disorder; macromolecular phase problem, ab initio methods, dual-space methods, DNA
;
_struct_keywords.pdbx_keywords   DNA 
# 
loop_
_struct_asym.id 
_struct_asym.pdbx_blank_PDB_chainid_flag 
_struct_asym.pdbx_modified 
_struct_asym.entity_id 
_struct_asym.details 
A N N 1 ? 
B N N 1 ? 
C N N 2 ? 
D N N 2 ? 
E N N 2 ? 
F N N 3 ? 
G N N 3 ? 
# 
_struct_ref.id                         1 
_struct_ref.db_name                    PDB 
_struct_ref.db_code                    5JZQ 
_struct_ref.pdbx_db_accession          5JZQ 
_struct_ref.pdbx_db_isoform            ? 
_struct_ref.entity_id                  1 
_struct_ref.pdbx_seq_one_letter_code   ? 
_struct_ref.pdbx_align_begin           1 
# 
loop_
_struct_ref_seq.align_id 
_struct_ref_seq.ref_id 
_struct_ref_seq.pdbx_PDB_id_code 
_struct_ref_seq.pdbx_strand_id 
_struct_ref_seq.seq_align_beg 
_struct_ref_seq.pdbx_seq_align_beg_ins_code 
_struct_ref_seq.seq_align_end 
_struct_ref_seq.pdbx_seq_align_end_ins_code 
_struct_ref_seq.pdbx_db_accession 
_struct_ref_seq.db_align_beg 
_struct_ref_seq.pdbx_db_align_beg_ins_code 
_struct_ref_seq.db_align_end 
_struct_ref_seq.pdbx_db_align_end_ins_code 
_struct_ref_seq.pdbx_auth_seq_align_beg 
_struct_ref_seq.pdbx_auth_seq_align_end 
1 1 5JZQ A 1 ? 6 ? 5JZQ 1 ? 6  ? 1 6  
2 1 5JZQ B 1 ? 6 ? 5JZQ 7 ? 12 ? 7 12 
# 
_pdbx_struct_assembly.id                   1 
_pdbx_struct_assembly.details              author_and_software_defined_assembly 
_pdbx_struct_assembly.method_details       PISA 
_pdbx_struct_assembly.oligomeric_details   dimeric 
_pdbx_struct_assembly.oligomeric_count     2 
# 
loop_
_pdbx_struct_assembly_prop.biol_id 
_pdbx_struct_assembly_prop.type 
_pdbx_struct_assembly_prop.value 
_pdbx_struct_assembly_prop.details 
1 'ABSA (A^2)' 840  ? 
1 MORE         -18  ? 
1 'SSA (A^2)'  2440 ? 
# 
_pdbx_struct_assembly_gen.assembly_id       1 
_pdbx_struct_assembly_gen.oper_expression   1 
_pdbx_struct_assembly_gen.asym_id_list      A,B,C,D,E,F,G 
# 
_pdbx_struct_oper_list.id                   1 
_pdbx_struct_oper_list.type                 'identity operation' 
_pdbx_struct_oper_list.name                 1_555 
_pdbx_struct_oper_list.symmetry_operation   x,y,z 
_pdbx_struct_oper_list.matrix[1][1]         1.0000000000 
_pdbx_struct_oper_list.matrix[1][2]         0.0000000000 
_pdbx_struct_oper_list.matrix[1][3]         0.0000000000 
_pdbx_struct_oper_list.vector[1]            0.0000000000 
_pdbx_struct_oper_list.matrix[2][1]         0.0000000000 
_pdbx_struct_oper_list.matrix[2][2]         1.0000000000 
_pdbx_struct_oper_list.matrix[2][3]         0.0000000000 
_pdbx_struct_oper_list.vector[2]            0.0000000000 
_pdbx_struct_oper_list.matrix[3][1]         0.0000000000 
_pdbx_struct_oper_list.matrix[3][2]         0.0000000000 
_pdbx_struct_oper_list.matrix[3][3]         1.0000000000 
_pdbx_struct_oper_list.vector[3]            0.0000000000 
# 
loop_
_struct_conn.id 
_struct_conn.conn_type_id 
_struct_conn.pdbx_leaving_atom_flag 
_struct_conn.pdbx_PDB_id 
_struct_conn.ptnr1_label_asym_id 
_struct_conn.ptnr1_label_comp_id 
_struct_conn.ptnr1_label_seq_id 
_struct_conn.ptnr1_label_atom_id 
_struct_conn.pdbx_ptnr1_label_alt_id 
_struct_conn.pdbx_ptnr1_PDB_ins_code 
_struct_conn.pdbx_ptnr1_standard_comp_id 
_struct_conn.ptnr1_symmetry 
_struct_conn.ptnr2_label_asym_id 
_struct_conn.ptnr2_label_comp_id 
_struct_conn.ptnr2_label_seq_id 
_struct_conn.ptnr2_label_atom_id 
_struct_conn.pdbx_ptnr2_label_alt_id 
_struct_conn.pdbx_ptnr2_PDB_ins_code 
_struct_conn.ptnr1_auth_asym_id 
_struct_conn.ptnr1_auth_comp_id 
_struct_conn.ptnr1_auth_seq_id 
_struct_conn.ptnr2_auth_asym_id 
_struct_conn.ptnr2_auth_comp_id 
_struct_conn.ptnr2_auth_seq_id 
_struct_conn.ptnr2_symmetry 
_struct_conn.pdbx_ptnr3_label_atom_id 
_struct_conn.pdbx_ptnr3_label_seq_id 
_struct_conn.pdbx_ptnr3_label_comp_id 
_struct_conn.pdbx_ptnr3_label_asym_id 
_struct_conn.pdbx_ptnr3_label_alt_id 
_struct_conn.pdbx_ptnr3_PDB_ins_code 
_struct_conn.details 
_struct_conn.pdbx_dist_value 
_struct_conn.pdbx_value_order 
_struct_conn.pdbx_role 
metalc1  metalc ? ? A DG 2 OP2   A ? ? 1_555 C MG  . MG A ? A DG 2   A MG  101 4_575 ? ? ? ? ? ? ?            2.679 ? ? 
metalc2  metalc ? ? A DG 2 OP2   B ? ? 1_555 C MG  . MG B ? A DG 2   A MG  101 4_575 ? ? ? ? ? ? ?            1.904 ? ? 
metalc3  metalc ? ? A DG 2 "O5'" A ? ? 1_555 C MG  . MG A ? A DG 2   A MG  101 4_575 ? ? ? ? ? ? ?            2.792 ? ? 
metalc4  metalc ? ? A DG 2 OP1   A ? ? 1_555 E MG  . MG ? ? A DG 2   B MG  101 4_585 ? ? ? ? ? ? ?            1.942 ? ? 
metalc5  metalc ? ? A DG 2 OP1   B ? ? 1_555 E MG  . MG ? ? A DG 2   B MG  101 4_585 ? ? ? ? ? ? ?            2.056 ? ? 
metalc6  metalc ? ? A DG 6 OP2   ? ? ? 1_555 C MG  . MG A ? A DG 6   A MG  101 1_555 ? ? ? ? ? ? ?            1.954 ? ? 
metalc7  metalc ? ? A DG 6 OP2   ? ? ? 1_555 C MG  . MG B ? A DG 6   A MG  101 1_555 ? ? ? ? ? ? ?            2.099 ? ? 
metalc8  metalc ? ? C MG . MG    A ? ? 1_555 F HOH . O  A ? A MG 101 A HOH 218 1_555 ? ? ? ? ? ? ?            2.004 ? ? 
metalc9  metalc ? ? C MG . MG    B ? ? 1_555 F HOH . O  B ? A MG 101 A HOH 218 1_555 ? ? ? ? ? ? ?            2.102 ? ? 
metalc10 metalc ? ? C MG . MG    A ? ? 1_555 F HOH . O  A ? A MG 101 A HOH 234 1_555 ? ? ? ? ? ? ?            2.104 ? ? 
metalc11 metalc ? ? C MG . MG    B ? ? 1_555 F HOH . O  B ? A MG 101 A HOH 234 1_555 ? ? ? ? ? ? ?            1.712 ? ? 
metalc12 metalc ? ? C MG . MG    A ? ? 1_555 F HOH . O  ? ? A MG 101 A HOH 235 1_555 ? ? ? ? ? ? ?            2.091 ? ? 
metalc13 metalc ? ? C MG . MG    B ? ? 1_555 F HOH . O  ? ? A MG 101 A HOH 235 1_555 ? ? ? ? ? ? ?            2.234 ? ? 
metalc14 metalc ? ? C MG . MG    A ? ? 1_555 F HOH . O  ? ? A MG 101 A HOH 237 1_555 ? ? ? ? ? ? ?            2.959 ? ? 
metalc15 metalc ? ? C MG . MG    B ? ? 1_555 F HOH . O  ? ? A MG 101 A HOH 237 1_555 ? ? ? ? ? ? ?            2.853 ? ? 
metalc16 metalc ? ? C MG . MG    A ? ? 1_555 G HOH . O  A ? A MG 101 B HOH 229 1_555 ? ? ? ? ? ? ?            2.096 ? ? 
metalc17 metalc ? ? C MG . MG    B ? ? 1_555 G HOH . O  B ? A MG 101 B HOH 229 1_555 ? ? ? ? ? ? ?            2.008 ? ? 
metalc18 metalc ? ? D MG . MG    ? ? ? 1_555 F HOH . O  B ? A MG 102 A HOH 209 1_555 ? ? ? ? ? ? ?            1.961 ? ? 
metalc19 metalc ? ? D MG . MG    ? ? ? 1_555 F HOH . O  A ? A MG 102 A HOH 209 1_555 ? ? ? ? ? ? ?            2.792 ? ? 
metalc20 metalc ? ? D MG . MG    ? ? ? 1_555 F HOH . O  A ? A MG 102 A HOH 209 2_555 ? ? ? ? ? ? ?            2.791 ? ? 
metalc21 metalc ? ? D MG . MG    ? ? ? 1_555 F HOH . O  B ? A MG 102 A HOH 209 2_555 ? ? ? ? ? ? ?            1.961 ? ? 
metalc22 metalc ? ? D MG . MG    ? ? ? 1_555 F HOH . O  A ? A MG 102 A HOH 239 1_555 ? ? ? ? ? ? ?            2.526 ? ? 
metalc23 metalc ? ? D MG . MG    ? ? ? 1_555 F HOH . O  B ? A MG 102 A HOH 239 1_555 ? ? ? ? ? ? ?            2.145 ? ? 
metalc24 metalc ? ? D MG . MG    ? ? ? 1_555 F HOH . O  A ? A MG 102 A HOH 239 2_555 ? ? ? ? ? ? ?            2.527 ? ? 
metalc25 metalc ? ? D MG . MG    ? ? ? 1_555 F HOH . O  B ? A MG 102 A HOH 239 2_555 ? ? ? ? ? ? ?            2.145 ? ? 
metalc26 metalc ? ? D MG . MG    ? ? ? 1_555 F HOH . O  A ? A MG 102 A HOH 254 1_555 ? ? ? ? ? ? ?            1.979 ? ? 
metalc27 metalc ? ? D MG . MG    ? ? ? 1_555 F HOH . O  B ? A MG 102 A HOH 254 1_555 ? ? ? ? ? ? ?            2.774 ? ? 
metalc28 metalc ? ? D MG . MG    ? ? ? 1_555 F HOH . O  A ? A MG 102 A HOH 254 2_555 ? ? ? ? ? ? ?            1.978 ? ? 
metalc29 metalc ? ? D MG . MG    ? ? ? 1_555 F HOH . O  B ? A MG 102 A HOH 254 2_555 ? ? ? ? ? ? ?            2.774 ? ? 
metalc30 metalc ? ? B DC 3 OP1   A ? ? 1_555 E MG  . MG ? ? B DC 9   B MG  101 1_555 ? ? ? ? ? ? ?            2.382 ? ? 
metalc31 metalc ? ? E MG . MG    ? ? ? 1_555 G HOH . O  ? ? B MG 101 B HOH 201 1_555 ? ? ? ? ? ? ?            2.625 ? ? 
metalc32 metalc ? ? E MG . MG    ? ? ? 1_555 G HOH . O  A ? B MG 101 B HOH 235 1_555 ? ? ? ? ? ? ?            2.075 ? ? 
metalc33 metalc ? ? E MG . MG    ? ? ? 1_555 G HOH . O  ? ? B MG 101 B HOH 239 1_555 ? ? ? ? ? ? ?            2.085 ? ? 
metalc34 metalc ? ? E MG . MG    ? ? ? 1_555 G HOH . O  ? ? B MG 101 B HOH 254 1_555 ? ? ? ? ? ? ?            2.055 ? ? 
metalc35 metalc ? ? E MG . MG    ? ? ? 1_555 G HOH . O  ? ? B MG 101 B HOH 259 1_555 ? ? ? ? ? ? ?            2.703 ? ? 
metalc36 metalc ? ? E MG . MG    ? ? ? 1_555 G HOH . O  ? ? B MG 101 B HOH 271 1_565 ? ? ? ? ? ? ?            2.097 ? ? 
hydrog1  hydrog ? ? A DC 1 N3    ? ? ? 1_555 B DG  6 N1 A ? A DC 1   B DG  12  1_555 ? ? ? ? ? ? WATSON-CRICK ?     ? ? 
hydrog2  hydrog ? ? A DC 1 N4    ? ? ? 1_555 B DG  6 O6 B ? A DC 1   B DG  12  1_555 ? ? ? ? ? ? WATSON-CRICK ?     ? ? 
hydrog3  hydrog ? ? A DC 1 O2    ? ? ? 1_555 B DG  6 N2 A ? A DC 1   B DG  12  1_555 ? ? ? ? ? ? WATSON-CRICK ?     ? ? 
hydrog4  hydrog ? ? A DG 2 N1    A ? ? 1_555 B DC  5 N3 ? ? A DG 2   B DC  11  1_555 ? ? ? ? ? ? WATSON-CRICK ?     ? ? 
hydrog5  hydrog ? ? A DG 2 N2    A ? ? 1_555 B DC  5 O2 ? ? A DG 2   B DC  11  1_555 ? ? ? ? ? ? WATSON-CRICK ?     ? ? 
hydrog6  hydrog ? ? A DG 2 O6    A ? ? 1_555 B DC  5 N4 ? ? A DG 2   B DC  11  1_555 ? ? ? ? ? ? WATSON-CRICK ?     ? ? 
hydrog7  hydrog ? ? A DC 3 N3    A ? ? 1_555 B DG  4 N1 A ? A DC 3   B DG  10  1_555 ? ? ? ? ? ? WATSON-CRICK ?     ? ? 
hydrog8  hydrog ? ? A DC 3 N4    A ? ? 1_555 B DG  4 O6 A ? A DC 3   B DG  10  1_555 ? ? ? ? ? ? WATSON-CRICK ?     ? ? 
hydrog9  hydrog ? ? A DC 3 O2    A ? ? 1_555 B DG  4 N2 A ? A DC 3   B DG  10  1_555 ? ? ? ? ? ? WATSON-CRICK ?     ? ? 
hydrog10 hydrog ? ? A DG 4 N1    ? ? ? 1_555 B DC  3 N3 ? ? A DG 4   B DC  9   1_555 ? ? ? ? ? ? WATSON-CRICK ?     ? ? 
hydrog11 hydrog ? ? A DG 4 N2    ? ? ? 1_555 B DC  3 O2 ? ? A DG 4   B DC  9   1_555 ? ? ? ? ? ? WATSON-CRICK ?     ? ? 
hydrog12 hydrog ? ? A DG 4 O6    ? ? ? 1_555 B DC  3 N4 ? ? A DG 4   B DC  9   1_555 ? ? ? ? ? ? WATSON-CRICK ?     ? ? 
hydrog13 hydrog ? ? A DC 5 N3    ? ? ? 1_555 B DG  2 N1 ? ? A DC 5   B DG  8   1_555 ? ? ? ? ? ? WATSON-CRICK ?     ? ? 
hydrog14 hydrog ? ? A DC 5 N4    ? ? ? 1_555 B DG  2 O6 ? ? A DC 5   B DG  8   1_555 ? ? ? ? ? ? WATSON-CRICK ?     ? ? 
hydrog15 hydrog ? ? A DC 5 O2    ? ? ? 1_555 B DG  2 N2 ? ? A DC 5   B DG  8   1_555 ? ? ? ? ? ? WATSON-CRICK ?     ? ? 
hydrog16 hydrog ? ? A DG 6 N1    ? ? ? 1_555 B DC  1 N3 ? ? A DG 6   B DC  7   1_555 ? ? ? ? ? ? WATSON-CRICK ?     ? ? 
hydrog17 hydrog ? ? A DG 6 N2    ? ? ? 1_555 B DC  1 O2 ? ? A DG 6   B DC  7   1_555 ? ? ? ? ? ? WATSON-CRICK ?     ? ? 
hydrog18 hydrog ? ? A DG 6 O6    ? ? ? 1_555 B DC  1 N4 ? ? A DG 6   B DC  7   1_555 ? ? ? ? ? ? WATSON-CRICK ?     ? ? 
# 
loop_
_struct_conn_type.id 
_struct_conn_type.criteria 
_struct_conn_type.reference 
metalc ? ? 
hydrog ? ? 
# 
loop_
_pdbx_struct_conn_angle.id 
_pdbx_struct_conn_angle.ptnr1_label_atom_id 
_pdbx_struct_conn_angle.ptnr1_label_alt_id 
_pdbx_struct_conn_angle.ptnr1_label_asym_id 
_pdbx_struct_conn_angle.ptnr1_label_comp_id 
_pdbx_struct_conn_angle.ptnr1_label_seq_id 
_pdbx_struct_conn_angle.ptnr1_auth_atom_id 
_pdbx_struct_conn_angle.ptnr1_auth_asym_id 
_pdbx_struct_conn_angle.ptnr1_auth_comp_id 
_pdbx_struct_conn_angle.ptnr1_auth_seq_id 
_pdbx_struct_conn_angle.ptnr1_PDB_ins_code 
_pdbx_struct_conn_angle.ptnr1_symmetry 
_pdbx_struct_conn_angle.ptnr2_label_atom_id 
_pdbx_struct_conn_angle.ptnr2_label_alt_id 
_pdbx_struct_conn_angle.ptnr2_label_asym_id 
_pdbx_struct_conn_angle.ptnr2_label_comp_id 
_pdbx_struct_conn_angle.ptnr2_label_seq_id 
_pdbx_struct_conn_angle.ptnr2_auth_atom_id 
_pdbx_struct_conn_angle.ptnr2_auth_asym_id 
_pdbx_struct_conn_angle.ptnr2_auth_comp_id 
_pdbx_struct_conn_angle.ptnr2_auth_seq_id 
_pdbx_struct_conn_angle.ptnr2_PDB_ins_code 
_pdbx_struct_conn_angle.ptnr2_symmetry 
_pdbx_struct_conn_angle.ptnr3_label_atom_id 
_pdbx_struct_conn_angle.ptnr3_label_alt_id 
_pdbx_struct_conn_angle.ptnr3_label_asym_id 
_pdbx_struct_conn_angle.ptnr3_label_comp_id 
_pdbx_struct_conn_angle.ptnr3_label_seq_id 
_pdbx_struct_conn_angle.ptnr3_auth_atom_id 
_pdbx_struct_conn_angle.ptnr3_auth_asym_id 
_pdbx_struct_conn_angle.ptnr3_auth_comp_id 
_pdbx_struct_conn_angle.ptnr3_auth_seq_id 
_pdbx_struct_conn_angle.ptnr3_PDB_ins_code 
_pdbx_struct_conn_angle.ptnr3_symmetry 
_pdbx_struct_conn_angle.value 
_pdbx_struct_conn_angle.value_esd 
1   OP2   A A DG  2 ? A DG  2   ? 1_555 MG A C MG . ? A MG 101 ? 4_575 "O5'" A A DG  2 ? A DG  2   ? 1_555 55.0  ? 
2   OP2   A A DG  2 ? A DG  2   ? 1_555 MG A C MG . ? A MG 101 ? 4_575 OP2   ? A DG  6 ? A DG  6   ? 1_555 89.0  ? 
3   "O5'" A A DG  2 ? A DG  2   ? 1_555 MG A C MG . ? A MG 101 ? 4_575 OP2   ? A DG  6 ? A DG  6   ? 1_555 86.6  ? 
4   OP2   A A DG  2 ? A DG  2   ? 1_555 MG A C MG . ? A MG 101 ? 4_575 O     A F HOH . ? A HOH 218 ? 1_555 85.2  ? 
5   "O5'" A A DG  2 ? A DG  2   ? 1_555 MG A C MG . ? A MG 101 ? 4_575 O     A F HOH . ? A HOH 218 ? 1_555 79.8  ? 
6   OP2   ? A DG  6 ? A DG  6   ? 1_555 MG A C MG . ? A MG 101 ? 4_575 O     A F HOH . ? A HOH 218 ? 1_555 6.8   ? 
7   OP2   A A DG  2 ? A DG  2   ? 1_555 MG A C MG . ? A MG 101 ? 4_575 O     A F HOH . ? A HOH 234 ? 1_555 80.9  ? 
8   "O5'" A A DG  2 ? A DG  2   ? 1_555 MG A C MG . ? A MG 101 ? 4_575 O     A F HOH . ? A HOH 234 ? 1_555 83.1  ? 
9   OP2   ? A DG  6 ? A DG  6   ? 1_555 MG A C MG . ? A MG 101 ? 4_575 O     A F HOH . ? A HOH 234 ? 1_555 8.2   ? 
10  O     A F HOH . ? A HOH 218 ? 1_555 MG A C MG . ? A MG 101 ? 4_575 O     A F HOH . ? A HOH 234 ? 1_555 8.2   ? 
11  OP2   A A DG  2 ? A DG  2   ? 1_555 MG A C MG . ? A MG 101 ? 4_575 O     ? F HOH . ? A HOH 235 ? 1_555 84.5  ? 
12  "O5'" A A DG  2 ? A DG  2   ? 1_555 MG A C MG . ? A MG 101 ? 4_575 O     ? F HOH . ? A HOH 235 ? 1_555 77.8  ? 
13  OP2   ? A DG  6 ? A DG  6   ? 1_555 MG A C MG . ? A MG 101 ? 4_575 O     ? F HOH . ? A HOH 235 ? 1_555 8.8   ? 
14  O     A F HOH . ? A HOH 218 ? 1_555 MG A C MG . ? A MG 101 ? 4_575 O     ? F HOH . ? A HOH 235 ? 1_555 2.1   ? 
15  O     A F HOH . ? A HOH 234 ? 1_555 MG A C MG . ? A MG 101 ? 4_575 O     ? F HOH . ? A HOH 235 ? 1_555 9.6   ? 
16  OP2   A A DG  2 ? A DG  2   ? 1_555 MG A C MG . ? A MG 101 ? 4_575 O     ? F HOH . ? A HOH 237 ? 1_555 88.6  ? 
17  "O5'" A A DG  2 ? A DG  2   ? 1_555 MG A C MG . ? A MG 101 ? 4_575 O     ? F HOH . ? A HOH 237 ? 1_555 80.0  ? 
18  OP2   ? A DG  6 ? A DG  6   ? 1_555 MG A C MG . ? A MG 101 ? 4_575 O     ? F HOH . ? A HOH 237 ? 1_555 7.8   ? 
19  O     A F HOH . ? A HOH 218 ? 1_555 MG A C MG . ? A MG 101 ? 4_575 O     ? F HOH . ? A HOH 237 ? 1_555 4.1   ? 
20  O     A F HOH . ? A HOH 234 ? 1_555 MG A C MG . ? A MG 101 ? 4_575 O     ? F HOH . ? A HOH 237 ? 1_555 12.0  ? 
21  O     ? F HOH . ? A HOH 235 ? 1_555 MG A C MG . ? A MG 101 ? 4_575 O     ? F HOH . ? A HOH 237 ? 1_555 4.2   ? 
22  OP2   A A DG  2 ? A DG  2   ? 1_555 MG A C MG . ? A MG 101 ? 4_575 O     A G HOH . ? B HOH 229 ? 1_555 77.4  ? 
23  "O5'" A A DG  2 ? A DG  2   ? 1_555 MG A C MG . ? A MG 101 ? 4_575 O     A G HOH . ? B HOH 229 ? 1_555 76.5  ? 
24  OP2   ? A DG  6 ? A DG  6   ? 1_555 MG A C MG . ? A MG 101 ? 4_575 O     A G HOH . ? B HOH 229 ? 1_555 12.3  ? 
25  O     A F HOH . ? A HOH 218 ? 1_555 MG A C MG . ? A MG 101 ? 4_575 O     A G HOH . ? B HOH 229 ? 1_555 7.8   ? 
26  O     A F HOH . ? A HOH 234 ? 1_555 MG A C MG . ? A MG 101 ? 4_575 O     A G HOH . ? B HOH 229 ? 1_555 6.6   ? 
27  O     ? F HOH . ? A HOH 235 ? 1_555 MG A C MG . ? A MG 101 ? 4_575 O     A G HOH . ? B HOH 229 ? 1_555 7.7   ? 
28  O     ? F HOH . ? A HOH 237 ? 1_555 MG A C MG . ? A MG 101 ? 4_575 O     A G HOH . ? B HOH 229 ? 1_555 11.7  ? 
29  OP2   B A DG  2 ? A DG  2   ? 1_555 MG B C MG . ? A MG 101 ? 4_575 OP2   ? A DG  6 ? A DG  6   ? 1_555 87.4  ? 
30  OP2   B A DG  2 ? A DG  2   ? 1_555 MG B C MG . ? A MG 101 ? 4_575 O     B F HOH . ? A HOH 218 ? 1_555 81.9  ? 
31  OP2   ? A DG  6 ? A DG  6   ? 1_555 MG B C MG . ? A MG 101 ? 4_575 O     B F HOH . ? A HOH 218 ? 1_555 6.4   ? 
32  OP2   B A DG  2 ? A DG  2   ? 1_555 MG B C MG . ? A MG 101 ? 4_575 O     B F HOH . ? A HOH 234 ? 1_555 79.5  ? 
33  OP2   ? A DG  6 ? A DG  6   ? 1_555 MG B C MG . ? A MG 101 ? 4_575 O     B F HOH . ? A HOH 234 ? 1_555 8.7   ? 
34  O     B F HOH . ? A HOH 218 ? 1_555 MG B C MG . ? A MG 101 ? 4_575 O     B F HOH . ? A HOH 234 ? 1_555 7.5   ? 
35  OP2   B A DG  2 ? A DG  2   ? 1_555 MG B C MG . ? A MG 101 ? 4_575 O     ? F HOH . ? A HOH 235 ? 1_555 79.8  ? 
36  OP2   ? A DG  6 ? A DG  6   ? 1_555 MG B C MG . ? A MG 101 ? 4_575 O     ? F HOH . ? A HOH 235 ? 1_555 8.9   ? 
37  O     B F HOH . ? A HOH 218 ? 1_555 MG B C MG . ? A MG 101 ? 4_575 O     ? F HOH . ? A HOH 235 ? 1_555 2.6   ? 
38  O     B F HOH . ? A HOH 234 ? 1_555 MG B C MG . ? A MG 101 ? 4_575 O     ? F HOH . ? A HOH 235 ? 1_555 8.4   ? 
39  OP2   B A DG  2 ? A DG  2   ? 1_555 MG B C MG . ? A MG 101 ? 4_575 O     ? F HOH . ? A HOH 237 ? 1_555 83.5  ? 
40  OP2   ? A DG  6 ? A DG  6   ? 1_555 MG B C MG . ? A MG 101 ? 4_575 O     ? F HOH . ? A HOH 237 ? 1_555 8.0   ? 
41  O     B F HOH . ? A HOH 218 ? 1_555 MG B C MG . ? A MG 101 ? 4_575 O     ? F HOH . ? A HOH 237 ? 1_555 3.9   ? 
42  O     B F HOH . ? A HOH 234 ? 1_555 MG B C MG . ? A MG 101 ? 4_575 O     ? F HOH . ? A HOH 237 ? 1_555 11.3  ? 
43  O     ? F HOH . ? A HOH 235 ? 1_555 MG B C MG . ? A MG 101 ? 4_575 O     ? F HOH . ? A HOH 237 ? 1_555 4.2   ? 
44  OP2   B A DG  2 ? A DG  2   ? 1_555 MG B C MG . ? A MG 101 ? 4_575 O     B G HOH . ? B HOH 229 ? 1_555 75.4  ? 
45  OP2   ? A DG  6 ? A DG  6   ? 1_555 MG B C MG . ? A MG 101 ? 4_575 O     B G HOH . ? B HOH 229 ? 1_555 12.0  ? 
46  O     B F HOH . ? A HOH 218 ? 1_555 MG B C MG . ? A MG 101 ? 4_575 O     B G HOH . ? B HOH 229 ? 1_555 7.4   ? 
47  O     B F HOH . ? A HOH 234 ? 1_555 MG B C MG . ? A MG 101 ? 4_575 O     B G HOH . ? B HOH 229 ? 1_555 5.3   ? 
48  O     ? F HOH . ? A HOH 235 ? 1_555 MG B C MG . ? A MG 101 ? 4_575 O     B G HOH . ? B HOH 229 ? 1_555 6.6   ? 
49  O     ? F HOH . ? A HOH 237 ? 1_555 MG B C MG . ? A MG 101 ? 4_575 O     B G HOH . ? B HOH 229 ? 1_555 10.7  ? 
50  OP1   A A DG  2 ? A DG  2   ? 1_555 MG ? E MG . ? B MG 101 ? 4_585 OP1   B A DG  2 ? A DG  2   ? 1_555 14.5  ? 
51  OP1   A A DG  2 ? A DG  2   ? 1_555 MG ? E MG . ? B MG 101 ? 4_585 OP1   A B DC  3 ? B DC  9   ? 1_555 26.9  ? 
52  OP1   B A DG  2 ? A DG  2   ? 1_555 MG ? E MG . ? B MG 101 ? 4_585 OP1   A B DC  3 ? B DC  9   ? 1_555 37.7  ? 
53  OP1   A A DG  2 ? A DG  2   ? 1_555 MG ? E MG . ? B MG 101 ? 4_585 O     ? G HOH . ? B HOH 201 ? 1_555 33.9  ? 
54  OP1   B A DG  2 ? A DG  2   ? 1_555 MG ? E MG . ? B MG 101 ? 4_585 O     ? G HOH . ? B HOH 201 ? 1_555 45.0  ? 
55  OP1   A B DC  3 ? B DC  9   ? 1_555 MG ? E MG . ? B MG 101 ? 4_585 O     ? G HOH . ? B HOH 201 ? 1_555 7.4   ? 
56  OP1   A A DG  2 ? A DG  2   ? 1_555 MG ? E MG . ? B MG 101 ? 4_585 O     A G HOH . ? B HOH 235 ? 1_555 34.4  ? 
57  OP1   B A DG  2 ? A DG  2   ? 1_555 MG ? E MG . ? B MG 101 ? 4_585 O     A G HOH . ? B HOH 235 ? 1_555 45.3  ? 
58  OP1   A B DC  3 ? B DC  9   ? 1_555 MG ? E MG . ? B MG 101 ? 4_585 O     A G HOH . ? B HOH 235 ? 1_555 7.7   ? 
59  O     ? G HOH . ? B HOH 201 ? 1_555 MG ? E MG . ? B MG 101 ? 4_585 O     A G HOH . ? B HOH 235 ? 1_555 0.8   ? 
60  OP1   A A DG  2 ? A DG  2   ? 1_555 MG ? E MG . ? B MG 101 ? 4_585 O     ? G HOH . ? B HOH 239 ? 1_555 35.7  ? 
61  OP1   B A DG  2 ? A DG  2   ? 1_555 MG ? E MG . ? B MG 101 ? 4_585 O     ? G HOH . ? B HOH 239 ? 1_555 45.7  ? 
62  OP1   A B DC  3 ? B DC  9   ? 1_555 MG ? E MG . ? B MG 101 ? 4_585 O     ? G HOH . ? B HOH 239 ? 1_555 8.9   ? 
63  O     ? G HOH . ? B HOH 201 ? 1_555 MG ? E MG . ? B MG 101 ? 4_585 O     ? G HOH . ? B HOH 239 ? 1_555 4.2   ? 
64  O     A G HOH . ? B HOH 235 ? 1_555 MG ? E MG . ? B MG 101 ? 4_585 O     ? G HOH . ? B HOH 239 ? 1_555 3.4   ? 
65  OP1   A A DG  2 ? A DG  2   ? 1_555 MG ? E MG . ? B MG 101 ? 4_585 O     ? G HOH . ? B HOH 254 ? 1_555 33.9  ? 
66  OP1   B A DG  2 ? A DG  2   ? 1_555 MG ? E MG . ? B MG 101 ? 4_585 O     ? G HOH . ? B HOH 254 ? 1_555 41.3  ? 
67  OP1   A B DC  3 ? B DC  9   ? 1_555 MG ? E MG . ? B MG 101 ? 4_585 O     ? G HOH . ? B HOH 254 ? 1_555 11.2  ? 
68  O     ? G HOH . ? B HOH 201 ? 1_555 MG ? E MG . ? B MG 101 ? 4_585 O     ? G HOH . ? B HOH 254 ? 1_555 12.0  ? 
69  O     A G HOH . ? B HOH 235 ? 1_555 MG ? E MG . ? B MG 101 ? 4_585 O     ? G HOH . ? B HOH 254 ? 1_555 11.4  ? 
70  O     ? G HOH . ? B HOH 239 ? 1_555 MG ? E MG . ? B MG 101 ? 4_585 O     ? G HOH . ? B HOH 254 ? 1_555 8.7   ? 
71  OP1   A A DG  2 ? A DG  2   ? 1_555 MG ? E MG . ? B MG 101 ? 4_585 O     ? G HOH . ? B HOH 259 ? 1_555 36.4  ? 
72  OP1   B A DG  2 ? A DG  2   ? 1_555 MG ? E MG . ? B MG 101 ? 4_585 O     ? G HOH . ? B HOH 259 ? 1_555 44.9  ? 
73  OP1   A B DC  3 ? B DC  9   ? 1_555 MG ? E MG . ? B MG 101 ? 4_585 O     ? G HOH . ? B HOH 259 ? 1_555 11.1  ? 
74  O     ? G HOH . ? B HOH 201 ? 1_555 MG ? E MG . ? B MG 101 ? 4_585 O     ? G HOH . ? B HOH 259 ? 1_555 9.0   ? 
75  O     A G HOH . ? B HOH 235 ? 1_555 MG ? E MG . ? B MG 101 ? 4_585 O     ? G HOH . ? B HOH 259 ? 1_555 8.3   ? 
76  O     ? G HOH . ? B HOH 239 ? 1_555 MG ? E MG . ? B MG 101 ? 4_585 O     ? G HOH . ? B HOH 259 ? 1_555 5.0   ? 
77  O     ? G HOH . ? B HOH 254 ? 1_555 MG ? E MG . ? B MG 101 ? 4_585 O     ? G HOH . ? B HOH 259 ? 1_555 4.5   ? 
78  OP1   A A DG  2 ? A DG  2   ? 1_555 MG ? E MG . ? B MG 101 ? 4_585 O     ? G HOH . ? B HOH 271 ? 1_565 38.9  ? 
79  OP1   B A DG  2 ? A DG  2   ? 1_555 MG ? E MG . ? B MG 101 ? 4_585 O     ? G HOH . ? B HOH 271 ? 1_565 47.6  ? 
80  OP1   A B DC  3 ? B DC  9   ? 1_555 MG ? E MG . ? B MG 101 ? 4_585 O     ? G HOH . ? B HOH 271 ? 1_565 12.9  ? 
81  O     ? G HOH . ? B HOH 201 ? 1_555 MG ? E MG . ? B MG 101 ? 4_585 O     ? G HOH . ? B HOH 271 ? 1_565 9.2   ? 
82  O     A G HOH . ? B HOH 235 ? 1_555 MG ? E MG . ? B MG 101 ? 4_585 O     ? G HOH . ? B HOH 271 ? 1_565 8.4   ? 
83  O     ? G HOH . ? B HOH 239 ? 1_555 MG ? E MG . ? B MG 101 ? 4_585 O     ? G HOH . ? B HOH 271 ? 1_565 5.1   ? 
84  O     ? G HOH . ? B HOH 254 ? 1_555 MG ? E MG . ? B MG 101 ? 4_585 O     ? G HOH . ? B HOH 271 ? 1_565 7.0   ? 
85  O     ? G HOH . ? B HOH 259 ? 1_555 MG ? E MG . ? B MG 101 ? 4_585 O     ? G HOH . ? B HOH 271 ? 1_565 2.7   ? 
86  O     B F HOH . ? A HOH 209 ? 1_555 MG ? D MG . ? A MG 102 ? 1_555 O     A F HOH . ? A HOH 209 ? 1_555 18.5  ? 
87  O     B F HOH . ? A HOH 209 ? 1_555 MG ? D MG . ? A MG 102 ? 1_555 O     A F HOH . ? A HOH 209 ? 2_555 88.9  ? 
88  O     A F HOH . ? A HOH 209 ? 1_555 MG ? D MG . ? A MG 102 ? 1_555 O     A F HOH . ? A HOH 209 ? 2_555 107.4 ? 
89  O     B F HOH . ? A HOH 209 ? 1_555 MG ? D MG . ? A MG 102 ? 1_555 O     B F HOH . ? A HOH 209 ? 2_555 70.3  ? 
90  O     A F HOH . ? A HOH 209 ? 1_555 MG ? D MG . ? A MG 102 ? 1_555 O     B F HOH . ? A HOH 209 ? 2_555 88.8  ? 
91  O     A F HOH . ? A HOH 209 ? 2_555 MG ? D MG . ? A MG 102 ? 1_555 O     B F HOH . ? A HOH 209 ? 2_555 18.5  ? 
92  O     B F HOH . ? A HOH 209 ? 1_555 MG ? D MG . ? A MG 102 ? 1_555 O     A F HOH . ? A HOH 239 ? 1_555 76.7  ? 
93  O     A F HOH . ? A HOH 209 ? 1_555 MG ? D MG . ? A MG 102 ? 1_555 O     A F HOH . ? A HOH 239 ? 1_555 77.9  ? 
94  O     A F HOH . ? A HOH 209 ? 2_555 MG ? D MG . ? A MG 102 ? 1_555 O     A F HOH . ? A HOH 239 ? 1_555 89.3  ? 
95  O     B F HOH . ? A HOH 209 ? 2_555 MG ? D MG . ? A MG 102 ? 1_555 O     A F HOH . ? A HOH 239 ? 1_555 85.6  ? 
96  O     B F HOH . ? A HOH 209 ? 1_555 MG ? D MG . ? A MG 102 ? 1_555 O     B F HOH . ? A HOH 239 ? 1_555 106.6 ? 
97  O     A F HOH . ? A HOH 209 ? 1_555 MG ? D MG . ? A MG 102 ? 1_555 O     B F HOH . ? A HOH 239 ? 1_555 111.0 ? 
98  O     A F HOH . ? A HOH 209 ? 2_555 MG ? D MG . ? A MG 102 ? 1_555 O     B F HOH . ? A HOH 239 ? 1_555 75.5  ? 
99  O     B F HOH . ? A HOH 209 ? 2_555 MG ? D MG . ? A MG 102 ? 1_555 O     B F HOH . ? A HOH 239 ? 1_555 82.1  ? 
100 O     A F HOH . ? A HOH 239 ? 1_555 MG ? D MG . ? A MG 102 ? 1_555 O     B F HOH . ? A HOH 239 ? 1_555 33.4  ? 
101 O     B F HOH . ? A HOH 209 ? 1_555 MG ? D MG . ? A MG 102 ? 1_555 O     A F HOH . ? A HOH 239 ? 2_555 85.6  ? 
102 O     A F HOH . ? A HOH 209 ? 1_555 MG ? D MG . ? A MG 102 ? 1_555 O     A F HOH . ? A HOH 239 ? 2_555 89.3  ? 
103 O     A F HOH . ? A HOH 209 ? 2_555 MG ? D MG . ? A MG 102 ? 1_555 O     A F HOH . ? A HOH 239 ? 2_555 77.9  ? 
104 O     B F HOH . ? A HOH 209 ? 2_555 MG ? D MG . ? A MG 102 ? 1_555 O     A F HOH . ? A HOH 239 ? 2_555 76.7  ? 
105 O     A F HOH . ? A HOH 239 ? 1_555 MG ? D MG . ? A MG 102 ? 1_555 O     A F HOH . ? A HOH 239 ? 2_555 158.4 ? 
106 O     B F HOH . ? A HOH 239 ? 1_555 MG ? D MG . ? A MG 102 ? 1_555 O     A F HOH . ? A HOH 239 ? 2_555 150.4 ? 
107 O     B F HOH . ? A HOH 209 ? 1_555 MG ? D MG . ? A MG 102 ? 1_555 O     B F HOH . ? A HOH 239 ? 2_555 82.1  ? 
108 O     A F HOH . ? A HOH 209 ? 1_555 MG ? D MG . ? A MG 102 ? 1_555 O     B F HOH . ? A HOH 239 ? 2_555 75.5  ? 
109 O     A F HOH . ? A HOH 209 ? 2_555 MG ? D MG . ? A MG 102 ? 1_555 O     B F HOH . ? A HOH 239 ? 2_555 111.0 ? 
110 O     B F HOH . ? A HOH 209 ? 2_555 MG ? D MG . ? A MG 102 ? 1_555 O     B F HOH . ? A HOH 239 ? 2_555 106.6 ? 
111 O     A F HOH . ? A HOH 239 ? 1_555 MG ? D MG . ? A MG 102 ? 1_555 O     B F HOH . ? A HOH 239 ? 2_555 150.3 ? 
112 O     B F HOH . ? A HOH 239 ? 1_555 MG ? D MG . ? A MG 102 ? 1_555 O     B F HOH . ? A HOH 239 ? 2_555 169.5 ? 
113 O     A F HOH . ? A HOH 239 ? 2_555 MG ? D MG . ? A MG 102 ? 1_555 O     B F HOH . ? A HOH 239 ? 2_555 33.4  ? 
114 O     B F HOH . ? A HOH 209 ? 1_555 MG ? D MG . ? A MG 102 ? 1_555 O     A F HOH . ? A HOH 254 ? 1_555 109.1 ? 
115 O     A F HOH . ? A HOH 209 ? 1_555 MG ? D MG . ? A MG 102 ? 1_555 O     A F HOH . ? A HOH 254 ? 1_555 90.6  ? 
116 O     A F HOH . ? A HOH 209 ? 2_555 MG ? D MG . ? A MG 102 ? 1_555 O     A F HOH . ? A HOH 254 ? 1_555 162.0 ? 
117 O     B F HOH . ? A HOH 209 ? 2_555 MG ? D MG . ? A MG 102 ? 1_555 O     A F HOH . ? A HOH 254 ? 1_555 179.2 ? 
118 O     A F HOH . ? A HOH 239 ? 1_555 MG ? D MG . ? A MG 102 ? 1_555 O     A F HOH . ? A HOH 254 ? 1_555 93.7  ? 
119 O     B F HOH . ? A HOH 239 ? 1_555 MG ? D MG . ? A MG 102 ? 1_555 O     A F HOH . ? A HOH 254 ? 1_555 97.6  ? 
120 O     A F HOH . ? A HOH 239 ? 2_555 MG ? D MG . ? A MG 102 ? 1_555 O     A F HOH . ? A HOH 254 ? 1_555 103.8 ? 
121 O     B F HOH . ? A HOH 239 ? 2_555 MG ? D MG . ? A MG 102 ? 1_555 O     A F HOH . ? A HOH 254 ? 1_555 73.7  ? 
122 O     B F HOH . ? A HOH 209 ? 1_555 MG ? D MG . ? A MG 102 ? 1_555 O     B F HOH . ? A HOH 254 ? 1_555 89.9  ? 
123 O     A F HOH . ? A HOH 209 ? 1_555 MG ? D MG . ? A MG 102 ? 1_555 O     B F HOH . ? A HOH 254 ? 1_555 72.6  ? 
124 O     A F HOH . ? A HOH 209 ? 2_555 MG ? D MG . ? A MG 102 ? 1_555 O     B F HOH . ? A HOH 254 ? 1_555 160.3 ? 
125 O     B F HOH . ? A HOH 209 ? 2_555 MG ? D MG . ? A MG 102 ? 1_555 O     B F HOH . ? A HOH 254 ? 1_555 152.7 ? 
126 O     A F HOH . ? A HOH 239 ? 1_555 MG ? D MG . ? A MG 102 ? 1_555 O     B F HOH . ? A HOH 254 ? 1_555 71.2  ? 
127 O     B F HOH . ? A HOH 239 ? 1_555 MG ? D MG . ? A MG 102 ? 1_555 O     B F HOH . ? A HOH 254 ? 1_555 86.0  ? 
128 O     A F HOH . ? A HOH 239 ? 2_555 MG ? D MG . ? A MG 102 ? 1_555 O     B F HOH . ? A HOH 254 ? 1_555 121.6 ? 
129 O     B F HOH . ? A HOH 239 ? 2_555 MG ? D MG . ? A MG 102 ? 1_555 O     B F HOH . ? A HOH 254 ? 1_555 88.3  ? 
130 O     A F HOH . ? A HOH 254 ? 1_555 MG ? D MG . ? A MG 102 ? 1_555 O     B F HOH . ? A HOH 254 ? 1_555 26.6  ? 
131 O     B F HOH . ? A HOH 209 ? 1_555 MG ? D MG . ? A MG 102 ? 1_555 O     A F HOH . ? A HOH 254 ? 2_555 179.2 ? 
132 O     A F HOH . ? A HOH 209 ? 1_555 MG ? D MG . ? A MG 102 ? 1_555 O     A F HOH . ? A HOH 254 ? 2_555 162.0 ? 
133 O     A F HOH . ? A HOH 209 ? 2_555 MG ? D MG . ? A MG 102 ? 1_555 O     A F HOH . ? A HOH 254 ? 2_555 90.6  ? 
134 O     B F HOH . ? A HOH 209 ? 2_555 MG ? D MG . ? A MG 102 ? 1_555 O     A F HOH . ? A HOH 254 ? 2_555 109.2 ? 
135 O     A F HOH . ? A HOH 239 ? 1_555 MG ? D MG . ? A MG 102 ? 1_555 O     A F HOH . ? A HOH 254 ? 2_555 103.8 ? 
136 O     B F HOH . ? A HOH 239 ? 1_555 MG ? D MG . ? A MG 102 ? 1_555 O     A F HOH . ? A HOH 254 ? 2_555 73.8  ? 
137 O     A F HOH . ? A HOH 239 ? 2_555 MG ? D MG . ? A MG 102 ? 1_555 O     A F HOH . ? A HOH 254 ? 2_555 93.7  ? 
138 O     B F HOH . ? A HOH 239 ? 2_555 MG ? D MG . ? A MG 102 ? 1_555 O     A F HOH . ? A HOH 254 ? 2_555 97.5  ? 
139 O     A F HOH . ? A HOH 254 ? 1_555 MG ? D MG . ? A MG 102 ? 1_555 O     A F HOH . ? A HOH 254 ? 2_555 71.4  ? 
140 O     B F HOH . ? A HOH 254 ? 1_555 MG ? D MG . ? A MG 102 ? 1_555 O     A F HOH . ? A HOH 254 ? 2_555 90.8  ? 
141 O     B F HOH . ? A HOH 209 ? 1_555 MG ? D MG . ? A MG 102 ? 1_555 O     B F HOH . ? A HOH 254 ? 2_555 152.7 ? 
142 O     A F HOH . ? A HOH 209 ? 1_555 MG ? D MG . ? A MG 102 ? 1_555 O     B F HOH . ? A HOH 254 ? 2_555 160.3 ? 
143 O     A F HOH . ? A HOH 209 ? 2_555 MG ? D MG . ? A MG 102 ? 1_555 O     B F HOH . ? A HOH 254 ? 2_555 72.6  ? 
144 O     B F HOH . ? A HOH 209 ? 2_555 MG ? D MG . ? A MG 102 ? 1_555 O     B F HOH . ? A HOH 254 ? 2_555 89.9  ? 
145 O     A F HOH . ? A HOH 239 ? 1_555 MG ? D MG . ? A MG 102 ? 1_555 O     B F HOH . ? A HOH 254 ? 2_555 121.7 ? 
146 O     B F HOH . ? A HOH 239 ? 1_555 MG ? D MG . ? A MG 102 ? 1_555 O     B F HOH . ? A HOH 254 ? 2_555 88.3  ? 
147 O     A F HOH . ? A HOH 239 ? 2_555 MG ? D MG . ? A MG 102 ? 1_555 O     B F HOH . ? A HOH 254 ? 2_555 71.2  ? 
148 O     B F HOH . ? A HOH 239 ? 2_555 MG ? D MG . ? A MG 102 ? 1_555 O     B F HOH . ? A HOH 254 ? 2_555 86.0  ? 
149 O     A F HOH . ? A HOH 254 ? 1_555 MG ? D MG . ? A MG 102 ? 1_555 O     B F HOH . ? A HOH 254 ? 2_555 90.8  ? 
150 O     B F HOH . ? A HOH 254 ? 1_555 MG ? D MG . ? A MG 102 ? 1_555 O     B F HOH . ? A HOH 254 ? 2_555 114.3 ? 
151 O     A F HOH . ? A HOH 254 ? 2_555 MG ? D MG . ? A MG 102 ? 1_555 O     B F HOH . ? A HOH 254 ? 2_555 26.6  ? 
# 
loop_
_pdbx_validate_rmsd_bond.id 
_pdbx_validate_rmsd_bond.PDB_model_num 
_pdbx_validate_rmsd_bond.auth_atom_id_1 
_pdbx_validate_rmsd_bond.auth_asym_id_1 
_pdbx_validate_rmsd_bond.auth_comp_id_1 
_pdbx_validate_rmsd_bond.auth_seq_id_1 
_pdbx_validate_rmsd_bond.PDB_ins_code_1 
_pdbx_validate_rmsd_bond.label_alt_id_1 
_pdbx_validate_rmsd_bond.auth_atom_id_2 
_pdbx_validate_rmsd_bond.auth_asym_id_2 
_pdbx_validate_rmsd_bond.auth_comp_id_2 
_pdbx_validate_rmsd_bond.auth_seq_id_2 
_pdbx_validate_rmsd_bond.PDB_ins_code_2 
_pdbx_validate_rmsd_bond.label_alt_id_2 
_pdbx_validate_rmsd_bond.bond_value 
_pdbx_validate_rmsd_bond.bond_target_value 
_pdbx_validate_rmsd_bond.bond_deviation 
_pdbx_validate_rmsd_bond.bond_standard_deviation 
_pdbx_validate_rmsd_bond.linker_flag 
1 1 "C3'" A DG 2 ? A "C2'" A DG 2 ? A 1.463 1.516 -0.053 0.008 N 
2 1 "C5'" B DC 9 ? B "C4'" B DC 9 ? B 1.554 1.512 0.042  0.007 N 
# 
loop_
_pdbx_struct_special_symmetry.id 
_pdbx_struct_special_symmetry.PDB_model_num 
_pdbx_struct_special_symmetry.auth_asym_id 
_pdbx_struct_special_symmetry.auth_comp_id 
_pdbx_struct_special_symmetry.auth_seq_id 
_pdbx_struct_special_symmetry.PDB_ins_code 
_pdbx_struct_special_symmetry.label_asym_id 
_pdbx_struct_special_symmetry.label_comp_id 
_pdbx_struct_special_symmetry.label_seq_id 
1 1 A MG  102 ? D MG  . 
2 1 A HOH 241 ? F HOH . 
3 1 A HOH 244 ? F HOH . 
# 
loop_
_pdbx_distant_solvent_atoms.id 
_pdbx_distant_solvent_atoms.PDB_model_num 
_pdbx_distant_solvent_atoms.auth_atom_id 
_pdbx_distant_solvent_atoms.label_alt_id 
_pdbx_distant_solvent_atoms.auth_asym_id 
_pdbx_distant_solvent_atoms.auth_comp_id 
_pdbx_distant_solvent_atoms.auth_seq_id 
_pdbx_distant_solvent_atoms.PDB_ins_code 
_pdbx_distant_solvent_atoms.neighbor_macromolecule_distance 
_pdbx_distant_solvent_atoms.neighbor_ligand_distance 
1 1 O ? B HOH 282 ? 5.85 . 
2 1 O A B HOH 283 ? 6.07 . 
3 1 O ? B HOH 284 ? 6.13 . 
4 1 O ? B HOH 285 ? 6.27 . 
5 1 O ? B HOH 286 ? 6.37 . 
6 1 O A B HOH 287 ? 6.78 . 
7 1 O ? B HOH 288 ? 7.43 . 
# 
loop_
_chem_comp_atom.comp_id 
_chem_comp_atom.atom_id 
_chem_comp_atom.type_symbol 
_chem_comp_atom.pdbx_aromatic_flag 
_chem_comp_atom.pdbx_stereo_config 
_chem_comp_atom.pdbx_ordinal 
DC  OP3    O  N N 1  
DC  P      P  N N 2  
DC  OP1    O  N N 3  
DC  OP2    O  N N 4  
DC  "O5'"  O  N N 5  
DC  "C5'"  C  N N 6  
DC  "C4'"  C  N R 7  
DC  "O4'"  O  N N 8  
DC  "C3'"  C  N S 9  
DC  "O3'"  O  N N 10 
DC  "C2'"  C  N N 11 
DC  "C1'"  C  N R 12 
DC  N1     N  N N 13 
DC  C2     C  N N 14 
DC  O2     O  N N 15 
DC  N3     N  N N 16 
DC  C4     C  N N 17 
DC  N4     N  N N 18 
DC  C5     C  N N 19 
DC  C6     C  N N 20 
DC  HOP3   H  N N 21 
DC  HOP2   H  N N 22 
DC  "H5'"  H  N N 23 
DC  "H5''" H  N N 24 
DC  "H4'"  H  N N 25 
DC  "H3'"  H  N N 26 
DC  "HO3'" H  N N 27 
DC  "H2'"  H  N N 28 
DC  "H2''" H  N N 29 
DC  "H1'"  H  N N 30 
DC  H41    H  N N 31 
DC  H42    H  N N 32 
DC  H5     H  N N 33 
DC  H6     H  N N 34 
DG  OP3    O  N N 35 
DG  P      P  N N 36 
DG  OP1    O  N N 37 
DG  OP2    O  N N 38 
DG  "O5'"  O  N N 39 
DG  "C5'"  C  N N 40 
DG  "C4'"  C  N R 41 
DG  "O4'"  O  N N 42 
DG  "C3'"  C  N S 43 
DG  "O3'"  O  N N 44 
DG  "C2'"  C  N N 45 
DG  "C1'"  C  N R 46 
DG  N9     N  Y N 47 
DG  C8     C  Y N 48 
DG  N7     N  Y N 49 
DG  C5     C  Y N 50 
DG  C6     C  N N 51 
DG  O6     O  N N 52 
DG  N1     N  N N 53 
DG  C2     C  N N 54 
DG  N2     N  N N 55 
DG  N3     N  N N 56 
DG  C4     C  Y N 57 
DG  HOP3   H  N N 58 
DG  HOP2   H  N N 59 
DG  "H5'"  H  N N 60 
DG  "H5''" H  N N 61 
DG  "H4'"  H  N N 62 
DG  "H3'"  H  N N 63 
DG  "HO3'" H  N N 64 
DG  "H2'"  H  N N 65 
DG  "H2''" H  N N 66 
DG  "H1'"  H  N N 67 
DG  H8     H  N N 68 
DG  H1     H  N N 69 
DG  H21    H  N N 70 
DG  H22    H  N N 71 
HOH O      O  N N 72 
HOH H1     H  N N 73 
HOH H2     H  N N 74 
MG  MG     MG N N 75 
# 
loop_
_chem_comp_bond.comp_id 
_chem_comp_bond.atom_id_1 
_chem_comp_bond.atom_id_2 
_chem_comp_bond.value_order 
_chem_comp_bond.pdbx_aromatic_flag 
_chem_comp_bond.pdbx_stereo_config 
_chem_comp_bond.pdbx_ordinal 
DC  OP3   P      sing N N 1  
DC  OP3   HOP3   sing N N 2  
DC  P     OP1    doub N N 3  
DC  P     OP2    sing N N 4  
DC  P     "O5'"  sing N N 5  
DC  OP2   HOP2   sing N N 6  
DC  "O5'" "C5'"  sing N N 7  
DC  "C5'" "C4'"  sing N N 8  
DC  "C5'" "H5'"  sing N N 9  
DC  "C5'" "H5''" sing N N 10 
DC  "C4'" "O4'"  sing N N 11 
DC  "C4'" "C3'"  sing N N 12 
DC  "C4'" "H4'"  sing N N 13 
DC  "O4'" "C1'"  sing N N 14 
DC  "C3'" "O3'"  sing N N 15 
DC  "C3'" "C2'"  sing N N 16 
DC  "C3'" "H3'"  sing N N 17 
DC  "O3'" "HO3'" sing N N 18 
DC  "C2'" "C1'"  sing N N 19 
DC  "C2'" "H2'"  sing N N 20 
DC  "C2'" "H2''" sing N N 21 
DC  "C1'" N1     sing N N 22 
DC  "C1'" "H1'"  sing N N 23 
DC  N1    C2     sing N N 24 
DC  N1    C6     sing N N 25 
DC  C2    O2     doub N N 26 
DC  C2    N3     sing N N 27 
DC  N3    C4     doub N N 28 
DC  C4    N4     sing N N 29 
DC  C4    C5     sing N N 30 
DC  N4    H41    sing N N 31 
DC  N4    H42    sing N N 32 
DC  C5    C6     doub N N 33 
DC  C5    H5     sing N N 34 
DC  C6    H6     sing N N 35 
DG  OP3   P      sing N N 36 
DG  OP3   HOP3   sing N N 37 
DG  P     OP1    doub N N 38 
DG  P     OP2    sing N N 39 
DG  P     "O5'"  sing N N 40 
DG  OP2   HOP2   sing N N 41 
DG  "O5'" "C5'"  sing N N 42 
DG  "C5'" "C4'"  sing N N 43 
DG  "C5'" "H5'"  sing N N 44 
DG  "C5'" "H5''" sing N N 45 
DG  "C4'" "O4'"  sing N N 46 
DG  "C4'" "C3'"  sing N N 47 
DG  "C4'" "H4'"  sing N N 48 
DG  "O4'" "C1'"  sing N N 49 
DG  "C3'" "O3'"  sing N N 50 
DG  "C3'" "C2'"  sing N N 51 
DG  "C3'" "H3'"  sing N N 52 
DG  "O3'" "HO3'" sing N N 53 
DG  "C2'" "C1'"  sing N N 54 
DG  "C2'" "H2'"  sing N N 55 
DG  "C2'" "H2''" sing N N 56 
DG  "C1'" N9     sing N N 57 
DG  "C1'" "H1'"  sing N N 58 
DG  N9    C8     sing Y N 59 
DG  N9    C4     sing Y N 60 
DG  C8    N7     doub Y N 61 
DG  C8    H8     sing N N 62 
DG  N7    C5     sing Y N 63 
DG  C5    C6     sing N N 64 
DG  C5    C4     doub Y N 65 
DG  C6    O6     doub N N 66 
DG  C6    N1     sing N N 67 
DG  N1    C2     sing N N 68 
DG  N1    H1     sing N N 69 
DG  C2    N2     sing N N 70 
DG  C2    N3     doub N N 71 
DG  N2    H21    sing N N 72 
DG  N2    H22    sing N N 73 
DG  N3    C4     sing N N 74 
HOH O     H1     sing N N 75 
HOH O     H2     sing N N 76 
# 
_ndb_struct_conf_na.entry_id   5JZQ 
_ndb_struct_conf_na.feature    'z-form double helix' 
# 
loop_
_ndb_struct_na_base_pair.model_number 
_ndb_struct_na_base_pair.i_label_asym_id 
_ndb_struct_na_base_pair.i_label_comp_id 
_ndb_struct_na_base_pair.i_label_seq_id 
_ndb_struct_na_base_pair.i_symmetry 
_ndb_struct_na_base_pair.j_label_asym_id 
_ndb_struct_na_base_pair.j_label_comp_id 
_ndb_struct_na_base_pair.j_label_seq_id 
_ndb_struct_na_base_pair.j_symmetry 
_ndb_struct_na_base_pair.shear 
_ndb_struct_na_base_pair.stretch 
_ndb_struct_na_base_pair.stagger 
_ndb_struct_na_base_pair.buckle 
_ndb_struct_na_base_pair.propeller 
_ndb_struct_na_base_pair.opening 
_ndb_struct_na_base_pair.pair_number 
_ndb_struct_na_base_pair.pair_name 
_ndb_struct_na_base_pair.i_auth_asym_id 
_ndb_struct_na_base_pair.i_auth_seq_id 
_ndb_struct_na_base_pair.i_PDB_ins_code 
_ndb_struct_na_base_pair.j_auth_asym_id 
_ndb_struct_na_base_pair.j_auth_seq_id 
_ndb_struct_na_base_pair.j_PDB_ins_code 
_ndb_struct_na_base_pair.hbond_type_28 
_ndb_struct_na_base_pair.hbond_type_12 
1 A DC 1 1_555 B DG 6 1_555 -0.354 -0.074 -0.012 11.071  -1.152 0.399  1 A_DC1:DG12_B A 1 ? B 12 ? 19 1 
1 A DG 2 1_555 B DC 5 1_555 0.494  -0.194 0.348  -11.428 2.239  -2.997 2 A_DG2:DC11_B A 2 ? B 11 ? 19 1 
1 A DC 3 1_555 B DG 4 1_555 -0.043 -0.099 0.028  -0.151  -1.163 2.833  3 A_DC3:DG10_B A 3 ? B 10 ? 19 1 
1 A DG 4 1_555 B DC 3 1_555 0.247  -0.117 0.047  -1.619  -0.722 0.845  4 A_DG4:DC9_B  A 4 ? B 9  ? 19 1 
1 A DC 5 1_555 B DG 2 1_555 -0.285 -0.126 0.074  6.292   -6.106 1.081  5 A_DC5:DG8_B  A 5 ? B 8  ? 19 1 
1 A DG 6 1_555 B DC 1 1_555 0.221  -0.100 0.151  -6.628  -4.041 -0.764 6 A_DG6:DC7_B  A 6 ? B 7  ? 19 1 
# 
loop_
_ndb_struct_na_base_pair_step.model_number 
_ndb_struct_na_base_pair_step.i_label_asym_id_1 
_ndb_struct_na_base_pair_step.i_label_comp_id_1 
_ndb_struct_na_base_pair_step.i_label_seq_id_1 
_ndb_struct_na_base_pair_step.i_symmetry_1 
_ndb_struct_na_base_pair_step.j_label_asym_id_1 
_ndb_struct_na_base_pair_step.j_label_comp_id_1 
_ndb_struct_na_base_pair_step.j_label_seq_id_1 
_ndb_struct_na_base_pair_step.j_symmetry_1 
_ndb_struct_na_base_pair_step.i_label_asym_id_2 
_ndb_struct_na_base_pair_step.i_label_comp_id_2 
_ndb_struct_na_base_pair_step.i_label_seq_id_2 
_ndb_struct_na_base_pair_step.i_symmetry_2 
_ndb_struct_na_base_pair_step.j_label_asym_id_2 
_ndb_struct_na_base_pair_step.j_label_comp_id_2 
_ndb_struct_na_base_pair_step.j_label_seq_id_2 
_ndb_struct_na_base_pair_step.j_symmetry_2 
_ndb_struct_na_base_pair_step.shift 
_ndb_struct_na_base_pair_step.slide 
_ndb_struct_na_base_pair_step.rise 
_ndb_struct_na_base_pair_step.tilt 
_ndb_struct_na_base_pair_step.roll 
_ndb_struct_na_base_pair_step.twist 
_ndb_struct_na_base_pair_step.x_displacement 
_ndb_struct_na_base_pair_step.y_displacement 
_ndb_struct_na_base_pair_step.helical_rise 
_ndb_struct_na_base_pair_step.inclination 
_ndb_struct_na_base_pair_step.tip 
_ndb_struct_na_base_pair_step.helical_twist 
_ndb_struct_na_base_pair_step.step_number 
_ndb_struct_na_base_pair_step.step_name 
_ndb_struct_na_base_pair_step.i_auth_asym_id_1 
_ndb_struct_na_base_pair_step.i_auth_seq_id_1 
_ndb_struct_na_base_pair_step.i_PDB_ins_code_1 
_ndb_struct_na_base_pair_step.j_auth_asym_id_1 
_ndb_struct_na_base_pair_step.j_auth_seq_id_1 
_ndb_struct_na_base_pair_step.j_PDB_ins_code_1 
_ndb_struct_na_base_pair_step.i_auth_asym_id_2 
_ndb_struct_na_base_pair_step.i_auth_seq_id_2 
_ndb_struct_na_base_pair_step.i_PDB_ins_code_2 
_ndb_struct_na_base_pair_step.j_auth_asym_id_2 
_ndb_struct_na_base_pair_step.j_auth_seq_id_2 
_ndb_struct_na_base_pair_step.j_PDB_ins_code_2 
1 A DC 1 1_555 B DG 6 1_555 A DG 2 1_555 B DC 5 1_555 -0.226 5.534  4.190 -1.084 1.394  -9.629  -35.582 -3.773 3.311 -8.214 -6.390 
-9.789  1 AA_DC1DG2:DC11DG12_BB A 1 ? B 12 ? A 2 ? B 11 ? 
1 A DG 2 1_555 B DC 5 1_555 A DC 3 1_555 B DG 4 1_555 0.170  -1.566 3.085 3.107  -8.868 -45.310 2.675   0.454  2.732 11.367 3.982  
-46.223 2 AA_DG2DC3:DG10DC11_BB A 2 ? B 11 ? A 3 ? B 10 ? 
1 A DC 3 1_555 B DG 4 1_555 A DG 4 1_555 B DC 3 1_555 -0.171 5.370  3.578 -0.668 -2.030 -12.747 -21.082 -1.674 4.361 9.061  -2.981 
-12.924 3 AA_DC3DG4:DC9DG10_BB  A 3 ? B 10 ? A 4 ? B 9  ? 
1 A DG 4 1_555 B DC 3 1_555 A DC 5 1_555 B DG 2 1_555 -0.089 -1.412 3.214 -0.525 -5.163 -47.698 2.129   -0.149 3.053 6.362  -0.647 
-47.963 4 AA_DG4DC5:DG8DC9_BB   A 4 ? B 9  ? A 5 ? B 8  ? 
1 A DC 5 1_555 B DG 2 1_555 A DG 6 1_555 B DC 1 1_555 0.017  5.605  3.829 0.850  -3.082 -6.853  -26.990 4.408  5.751 24.129 6.654  
-7.561  5 AA_DC5DG6:DC7DG8_BB   A 5 ? B 8  ? A 6 ? B 7  ? 
# 
_pdbx_audit_support.funding_organization   'National Science Centre' 
_pdbx_audit_support.country                Poland 
_pdbx_audit_support.grant_number           2013/10/M/NZ1/00251 
_pdbx_audit_support.ordinal                1 
# 
_pdbx_related_exp_data_set.ordinal              1 
_pdbx_related_exp_data_set.data_reference       10.18150/repod.0349376 
_pdbx_related_exp_data_set.metadata_reference   10.18150/repod.0349376 
_pdbx_related_exp_data_set.data_set_type        'diffraction image data' 
_pdbx_related_exp_data_set.details              ? 
# 
_atom_sites.entry_id                    5JZQ 
_atom_sites.fract_transf_matrix[1][1]   0.00776337 
_atom_sites.fract_transf_matrix[1][2]   0.00854029 
_atom_sites.fract_transf_matrix[1][3]   0.00563483 
_atom_sites.fract_transf_matrix[2][1]   -0.03903248 
_atom_sites.fract_transf_matrix[2][2]   0.04052895 
_atom_sites.fract_transf_matrix[2][3]   -0.00764979 
_atom_sites.fract_transf_matrix[3][1]   -0.00605707 
_atom_sites.fract_transf_matrix[3][2]   -0.00055560 
_atom_sites.fract_transf_matrix[3][3]   0.02796209 
_atom_sites.fract_transf_vector[1]      0.131200 
_atom_sites.fract_transf_vector[2]      1.168732 
_atom_sites.fract_transf_vector[3]      0.249169 
# 
loop_
_atom_type.symbol 
C  
MG 
N  
O  
P  
# 
loop_
_atom_site.group_PDB 
_atom_site.id 
_atom_site.type_symbol 
_atom_site.label_atom_id 
_atom_site.label_alt_id 
_atom_site.label_comp_id 
_atom_site.label_asym_id 
_atom_site.label_entity_id 
_atom_site.label_seq_id 
_atom_site.pdbx_PDB_ins_code 
_atom_site.Cartn_x 
_atom_site.Cartn_y 
_atom_site.Cartn_z 
_atom_site.occupancy 
_atom_site.B_iso_or_equiv 
_atom_site.pdbx_formal_charge 
_atom_site.auth_seq_id 
_atom_site.auth_comp_id 
_atom_site.auth_asym_id 
_atom_site.auth_atom_id 
_atom_site.pdbx_PDB_model_num 
ATOM   1   O  "O5'" . DC  A 1 1 ? -6.068  4.505   8.249   1.00 10.14 ? 1   DC  A "O5'" 1 
ATOM   2   C  "C5'" . DC  A 1 1 ? -6.274  3.372   7.387   1.00 8.28  ? 1   DC  A "C5'" 1 
ATOM   3   C  "C4'" . DC  A 1 1 ? -5.127  2.419   7.480   1.00 7.30  ? 1   DC  A "C4'" 1 
ATOM   4   O  "O4'" . DC  A 1 1 ? -3.947  2.999   6.864   1.00 7.20  ? 1   DC  A "O4'" 1 
ATOM   5   C  "C3'" A DC  A 1 1 ? -4.707  2.023   8.893   0.20 6.67  ? 1   DC  A "C3'" 1 
ATOM   6   C  "C3'" B DC  A 1 1 ? -4.715  2.044   8.906   0.80 8.73  ? 1   DC  A "C3'" 1 
ATOM   7   O  "O3'" A DC  A 1 1 ? -4.181  0.664   8.857   0.20 11.66 ? 1   DC  A "O3'" 1 
ATOM   8   O  "O3'" B DC  A 1 1 ? -4.345  0.700   8.993   0.80 7.23  ? 1   DC  A "O3'" 1 
ATOM   9   C  "C2'" . DC  A 1 1 ? -3.512  2.954   9.150   1.00 8.35  ? 1   DC  A "C2'" 1 
ATOM   10  C  "C1'" . DC  A 1 1 ? -2.863  2.969   7.759   1.00 7.29  ? 1   DC  A "C1'" 1 
ATOM   11  N  N1    . DC  A 1 1 ? -2.022  4.145   7.513   1.00 7.58  ? 1   DC  A N1    1 
ATOM   12  C  C2    . DC  A 1 1 ? -0.698  4.099   7.865   1.00 8.04  ? 1   DC  A C2    1 
ATOM   13  O  O2    . DC  A 1 1 ? -0.248  3.083   8.412   1.00 10.17 ? 1   DC  A O2    1 
ATOM   14  N  N3    . DC  A 1 1 ? 0.098   5.149   7.625   1.00 8.89  ? 1   DC  A N3    1 
ATOM   15  C  C4    . DC  A 1 1 ? -0.396  6.252   7.082   1.00 9.42  ? 1   DC  A C4    1 
ATOM   16  N  N4    . DC  A 1 1 ? 0.410   7.290   6.819   1.00 11.42 ? 1   DC  A N4    1 
ATOM   17  C  C5    . DC  A 1 1 ? -1.765  6.354   6.725   1.00 9.64  ? 1   DC  A C5    1 
ATOM   18  C  C6    . DC  A 1 1 ? -2.546  5.287   6.962   1.00 8.50  ? 1   DC  A C6    1 
ATOM   19  P  P     A DG  A 1 2 ? -4.731  -0.374  9.970   0.20 18.08 ? 2   DG  A P     1 
ATOM   20  P  P     B DG  A 1 2 ? -5.302  -0.478  9.494   0.80 5.68  ? 2   DG  A P     1 
ATOM   21  O  OP1   A DG  A 1 2 ? -5.666  0.373   10.803  0.20 19.26 ? 2   DG  A OP1   1 
ATOM   22  O  OP1   B DG  A 1 2 ? -6.013  0.006   10.685  0.80 6.30  ? 2   DG  A OP1   1 
ATOM   23  O  OP2   A DG  A 1 2 ? -3.636  -1.169  10.549  0.20 23.36 ? 2   DG  A OP2   1 
ATOM   24  O  OP2   B DG  A 1 2 ? -4.427  -1.714  9.652   0.80 7.26  ? 2   DG  A OP2   1 
ATOM   25  O  "O5'" A DG  A 1 2 ? -5.684  -1.361  9.078   0.20 19.55 ? 2   DG  A "O5'" 1 
ATOM   26  O  "O5'" B DG  A 1 2 ? -6.381  -0.707  8.379   0.80 5.73  ? 2   DG  A "O5'" 1 
ATOM   27  C  "C5'" A DG  A 1 2 ? -5.325  -1.503  7.685   0.20 13.48 ? 2   DG  A "C5'" 1 
ATOM   28  C  "C5'" B DG  A 1 2 ? -5.960  -1.328  7.127   0.80 5.75  ? 2   DG  A "C5'" 1 
ATOM   29  C  "C4'" A DG  A 1 2 ? -6.494  -1.332  6.799   0.21 9.78  ? 2   DG  A "C4'" 1 
ATOM   30  C  "C4'" B DG  A 1 2 ? -7.056  -1.173  6.116   0.79 5.85  ? 2   DG  A "C4'" 1 
ATOM   31  O  "O4'" A DG  A 1 2 ? -6.804  0.012   6.492   0.21 7.57  ? 2   DG  A "O4'" 1 
ATOM   32  O  "O4'" B DG  A 1 2 ? -7.356  0.183   5.868   0.79 6.18  ? 2   DG  A "O4'" 1 
ATOM   33  C  "C3'" A DG  A 1 2 ? -6.365  -2.037  5.418   0.21 8.34  ? 2   DG  A "C3'" 1 
ATOM   34  C  "C3'" B DG  A 1 2 ? -6.680  -1.764  4.721   0.79 6.18  ? 2   DG  A "C3'" 1 
ATOM   35  O  "O3'" A DG  A 1 2 ? -6.740  -3.396  5.560   0.21 10.10 ? 2   DG  A "O3'" 1 
ATOM   36  O  "O3'" B DG  A 1 2 ? -7.034  -3.137  4.716   0.79 6.32  ? 2   DG  A "O3'" 1 
ATOM   37  C  "C2'" A DG  A 1 2 ? -7.192  -1.224  4.526   0.21 11.98 ? 2   DG  A "C2'" 1 
ATOM   38  C  "C2'" B DG  A 1 2 ? -7.421  -0.909  3.781   0.79 7.14  ? 2   DG  A "C2'" 1 
ATOM   39  C  "C1'" A DG  A 1 2 ? -7.371  0.103   5.169   0.21 8.33  ? 2   DG  A "C1'" 1 
ATOM   40  C  "C1'" B DG  A 1 2 ? -7.717  0.364   4.485   0.79 6.72  ? 2   DG  A "C1'" 1 
ATOM   41  N  N9    A DG  A 1 2 ? -6.758  1.248   4.489   0.21 6.81  ? 2   DG  A N9    1 
ATOM   42  N  N9    B DG  A 1 2 ? -7.005  1.560   4.003   0.79 7.15  ? 2   DG  A N9    1 
ATOM   43  C  C8    A DG  A 1 2 ? -7.388  2.387   4.041   0.21 7.96  ? 2   DG  A C8    1 
ATOM   44  C  C8    B DG  A 1 2 ? -7.629  2.737   3.637   0.79 9.18  ? 2   DG  A C8    1 
ATOM   45  N  N7    A DG  A 1 2 ? -6.575  3.296   3.582   0.21 8.13  ? 2   DG  A N7    1 
ATOM   46  N  N7    B DG  A 1 2 ? -6.749  3.663   3.363   0.79 9.26  ? 2   DG  A N7    1 
ATOM   47  C  C5    A DG  A 1 2 ? -5.316  2.760   3.829   0.21 7.37  ? 2   DG  A C5    1 
ATOM   48  C  C5    B DG  A 1 2 ? -5.510  3.085   3.646   0.79 7.60  ? 2   DG  A C5    1 
ATOM   49  C  C6    A DG  A 1 2 ? -4.035  3.316   3.571   0.21 6.41  ? 2   DG  A C6    1 
ATOM   50  C  C6    B DG  A 1 2 ? -4.210  3.637   3.616   0.79 7.33  ? 2   DG  A C6    1 
ATOM   51  O  O6    A DG  A 1 2 ? -3.773  4.413   3.063   0.21 7.84  ? 2   DG  A O6    1 
ATOM   52  O  O6    B DG  A 1 2 ? -3.864  4.798   3.299   0.79 8.47  ? 2   DG  A O6    1 
ATOM   53  N  N1    A DG  A 1 2 ? -3.006  2.474   3.973   0.21 6.22  ? 2   DG  A N1    1 
ATOM   54  N  N1    B DG  A 1 2 ? -3.227  2.750   3.981   0.79 6.81  ? 2   DG  A N1    1 
ATOM   55  C  C2    A DG  A 1 2 ? -3.225  1.269   4.572   0.21 5.50  ? 2   DG  A C2    1 
ATOM   56  C  C2    B DG  A 1 2 ? -3.495  1.485   4.413   0.79 6.43  ? 2   DG  A C2    1 
ATOM   57  N  N2    A DG  A 1 2 ? -2.121  0.595   4.912   0.21 6.49  ? 2   DG  A N2    1 
ATOM   58  N  N2    B DG  A 1 2 ? -2.431  0.777   4.788   0.79 7.14  ? 2   DG  A N2    1 
ATOM   59  N  N3    A DG  A 1 2 ? -4.404  0.736   4.838   0.21 8.64  ? 2   DG  A N3    1 
ATOM   60  N  N3    B DG  A 1 2 ? -4.689  0.924   4.462   0.79 6.04  ? 2   DG  A N3    1 
ATOM   61  C  C4    A DG  A 1 2 ? -5.419  1.517   4.407   0.21 7.78  ? 2   DG  A C4    1 
ATOM   62  C  C4    B DG  A 1 2 ? -5.668  1.786   4.068   0.79 6.59  ? 2   DG  A C4    1 
ATOM   63  P  P     A DC  A 1 3 ? -6.277  -4.551  4.611   0.25 7.78  ? 3   DC  A P     1 
ATOM   64  P  P     B DC  A 1 3 ? -6.688  -4.140  3.531   0.75 6.24  ? 3   DC  A P     1 
ATOM   65  O  OP1   A DC  A 1 3 ? -7.456  -4.834  3.704   0.25 9.85  ? 3   DC  A OP1   1 
ATOM   66  O  OP1   B DC  A 1 3 ? -7.358  -3.700  2.319   0.75 8.04  ? 3   DC  A OP1   1 
ATOM   67  O  OP2   A DC  A 1 3 ? -5.732  -5.730  5.366   0.25 13.97 ? 3   DC  A OP2   1 
ATOM   68  O  OP2   B DC  A 1 3 ? -6.941  -5.564  4.025   0.75 7.62  ? 3   DC  A OP2   1 
ATOM   69  O  "O5'" A DC  A 1 3 ? -5.169  -3.972  3.636   0.25 5.37  ? 3   DC  A "O5'" 1 
ATOM   70  O  "O5'" B DC  A 1 3 ? -5.122  -3.966  3.289   0.75 7.33  ? 3   DC  A "O5'" 1 
ATOM   71  C  "C5'" A DC  A 1 3 ? -4.709  -4.723  2.496   0.25 5.04  ? 3   DC  A "C5'" 1 
ATOM   72  C  "C5'" B DC  A 1 3 ? -4.338  -4.916  2.583   0.75 7.26  ? 3   DC  A "C5'" 1 
ATOM   73  C  "C4'" A DC  A 1 3 ? -3.222  -4.514  2.321   0.25 4.77  ? 3   DC  A "C4'" 1 
ATOM   74  C  "C4'" B DC  A 1 3 ? -2.970  -4.341  2.269   0.75 7.26  ? 3   DC  A "C4'" 1 
ATOM   75  O  "O4'" A DC  A 1 3 ? -2.992  -3.415  1.418   0.25 5.28  ? 3   DC  A "O4'" 1 
ATOM   76  O  "O4'" B DC  A 1 3 ? -3.145  -3.182  1.412   0.75 6.13  ? 3   DC  A "O4'" 1 
ATOM   77  C  "C3'" A DC  A 1 3 ? -2.485  -4.167  3.617   0.25 4.86  ? 3   DC  A "C3'" 1 
ATOM   78  C  "C3'" B DC  A 1 3 ? -2.170  -3.886  3.466   0.75 9.08  ? 3   DC  A "C3'" 1 
ATOM   79  O  "O3'" A DC  A 1 3 ? -1.159  -4.699  3.572   0.25 4.26  ? 3   DC  A "O3'" 1 
ATOM   80  O  "O3'" B DC  A 1 3 ? -0.777  -4.233  3.290   0.75 12.81 ? 3   DC  A "O3'" 1 
ATOM   81  C  "C2'" A DC  A 1 3 ? -2.397  -2.641  3.547   0.25 5.51  ? 3   DC  A "C2'" 1 
ATOM   82  C  "C2'" B DC  A 1 3 ? -2.270  -2.360  3.413   0.75 8.00  ? 3   DC  A "C2'" 1 
ATOM   83  C  "C1'" A DC  A 1 3 ? -2.188  -2.423  2.051   0.25 4.35  ? 3   DC  A "C1'" 1 
ATOM   84  C  "C1'" B DC  A 1 3 ? -2.281  -2.134  1.893   0.75 6.79  ? 3   DC  A "C1'" 1 
ATOM   85  N  N1    A DC  A 1 3 ? -2.617  -1.113  1.569   0.25 3.83  ? 3   DC  A N1    1 
ATOM   86  N  N1    B DC  A 1 3 ? -2.836  -0.865  1.480   0.75 7.04  ? 3   DC  A N1    1 
ATOM   87  C  C2    A DC  A 1 3 ? -1.684  -0.090  1.481   0.25 3.67  ? 3   DC  A C2    1 
ATOM   88  C  C2    B DC  A 1 3 ? -1.954  0.209   1.247   0.75 7.71  ? 3   DC  A C2    1 
ATOM   89  O  O2    A DC  A 1 3 ? -0.470  -0.358  1.642   0.25 4.15  ? 3   DC  A O2    1 
ATOM   90  O  O2    B DC  A 1 3 ? -0.744  0.010   1.440   0.75 9.23  ? 3   DC  A O2    1 
ATOM   91  N  N3    A DC  A 1 3 ? -2.058  1.158   1.086   0.25 3.99  ? 3   DC  A N3    1 
ATOM   92  N  N3    B DC  A 1 3 ? -2.472  1.388   0.923   0.75 8.15  ? 3   DC  A N3    1 
ATOM   93  C  C4    A DC  A 1 3 ? -3.357  1.442   0.962   0.25 4.29  ? 3   DC  A C4    1 
ATOM   94  C  C4    B DC  A 1 3 ? -3.776  1.541   0.766   0.75 8.03  ? 3   DC  A C4    1 
ATOM   95  N  N4    A DC  A 1 3 ? -3.703  2.677   0.617   0.25 5.68  ? 3   DC  A N4    1 
ATOM   96  N  N4    B DC  A 1 3 ? -4.231  2.742   0.428   0.75 10.11 ? 3   DC  A N4    1 
ATOM   97  C  C5    A DC  A 1 3 ? -4.336  0.418   1.137   0.25 4.91  ? 3   DC  A C5    1 
ATOM   98  C  C5    B DC  A 1 3 ? -4.705  0.472   0.997   0.75 7.51  ? 3   DC  A C5    1 
ATOM   99  C  C6    A DC  A 1 3 ? -3.947  -0.802  1.537   0.25 3.96  ? 3   DC  A C6    1 
ATOM   100 C  C6    B DC  A 1 3 ? -4.181  -0.729  1.282   0.75 7.06  ? 3   DC  A C6    1 
ATOM   101 P  P     A DG  A 1 4 ? -0.806  -6.106  4.225   0.29 5.71  ? 4   DG  A P     1 
ATOM   102 P  P     B DG  A 1 4 ? -0.216  -5.558  4.008   0.71 20.42 ? 4   DG  A P     1 
ATOM   103 O  OP1   A DG  A 1 4 ? -1.541  -6.289  5.533   0.29 8.11  ? 4   DG  A OP1   1 
ATOM   104 O  OP1   B DG  A 1 4 ? -0.794  -5.706  5.373   0.71 26.85 ? 4   DG  A OP1   1 
ATOM   105 O  OP2   A DG  A 1 4 ? 0.692   -6.142  4.295   0.29 6.21  ? 4   DG  A OP2   1 
ATOM   106 O  OP2   B DG  A 1 4 ? 1.236   -5.553  3.827   0.71 27.15 ? 4   DG  A OP2   1 
ATOM   107 O  "O5'" A DG  A 1 4 ? -1.220  -7.221  3.223   0.29 7.12  ? 4   DG  A "O5'" 1 
ATOM   108 O  "O5'" B DG  A 1 4 ? -0.770  -6.769  3.094   0.71 17.74 ? 4   DG  A "O5'" 1 
ATOM   109 C  "C5'" A DG  A 1 4 ? -0.408  -7.572  2.075   0.29 14.78 ? 4   DG  A "C5'" 1 
ATOM   110 C  "C5'" B DG  A 1 4 ? -0.389  -6.902  1.748   0.71 12.04 ? 4   DG  A "C5'" 1 
ATOM   111 C  "C4'" A DG  A 1 4 ? -1.290  -8.319  1.092   0.29 8.57  ? 4   DG  A "C4'" 1 
ATOM   112 C  "C4'" B DG  A 1 4 ? -1.181  -7.921  1.004   0.71 10.40 ? 4   DG  A "C4'" 1 
ATOM   113 O  "O4'" . DG  A 1 4 ? -2.585  -7.662  1.038   1.00 11.21 ? 4   DG  A "O4'" 1 
ATOM   114 C  "C3'" A DG  A 1 4 ? -0.801  -8.228  -0.378  0.29 12.92 ? 4   DG  A "C3'" 1 
ATOM   115 C  "C3'" B DG  A 1 4 ? -0.827  -8.108  -0.458  0.71 8.58  ? 4   DG  A "C3'" 1 
ATOM   116 O  "O3'" A DG  A 1 4 ? 0.180   -9.238  -0.589  0.29 8.84  ? 4   DG  A "O3'" 1 
ATOM   117 O  "O3'" B DG  A 1 4 ? 0.197   -9.092  -0.618  0.71 11.44 ? 4   DG  A "O3'" 1 
ATOM   118 C  "C2'" A DG  A 1 4 ? -2.059  -8.392  -1.144  0.29 12.72 ? 4   DG  A "C2'" 1 
ATOM   119 C  "C2'" B DG  A 1 4 ? -2.093  -8.420  -1.138  0.71 9.38  ? 4   DG  A "C2'" 1 
ATOM   120 C  "C1'" . DG  A 1 4 ? -3.176  -7.961  -0.236  1.00 10.22 ? 4   DG  A "C1'" 1 
ATOM   121 N  N9    . DG  A 1 4 ? -3.920  -6.777  -0.660  1.00 8.41  ? 4   DG  A N9    1 
ATOM   122 C  C8    . DG  A 1 4 ? -5.283  -6.673  -0.682  1.00 9.44  ? 4   DG  A C8    1 
ATOM   123 N  N7    . DG  A 1 4 ? -5.696  -5.478  -0.995  1.00 8.41  ? 4   DG  A N7    1 
ATOM   124 C  C5    . DG  A 1 4 ? -4.521  -4.745  -1.181  1.00 6.51  ? 4   DG  A C5    1 
ATOM   125 C  C6    . DG  A 1 4 ? -4.320  -3.389  -1.504  1.00 6.08  ? 4   DG  A C6    1 
ATOM   126 O  O6    . DG  A 1 4 ? -5.193  -2.512  -1.694  1.00 7.23  ? 4   DG  A O6    1 
ATOM   127 N  N1    . DG  A 1 4 ? -2.995  -3.061  -1.621  1.00 5.71  ? 4   DG  A N1    1 
ATOM   128 C  C2    . DG  A 1 4 ? -1.943  -3.910  -1.322  1.00 5.61  ? 4   DG  A C2    1 
ATOM   129 N  N2    . DG  A 1 4 ? -0.734  -3.416  -1.403  1.00 6.43  ? 4   DG  A N2    1 
ATOM   130 N  N3    . DG  A 1 4 ? -2.111  -5.191  -1.007  1.00 6.06  ? 4   DG  A N3    1 
ATOM   131 C  C4    . DG  A 1 4 ? -3.411  -5.549  -0.961  1.00 6.52  ? 4   DG  A C4    1 
ATOM   132 P  P     A DC  A 1 5 ? 1.554   -8.836  -1.348  0.79 8.47  ? 5   DC  A P     1 
ATOM   133 P  P     B DC  A 1 5 ? 0.510   -9.771  -2.048  0.21 16.41 ? 5   DC  A P     1 
ATOM   134 O  OP1   A DC  A 1 5 ? 2.304   -10.107 -1.425  0.79 12.26 ? 5   DC  A OP1   1 
ATOM   135 O  OP1   B DC  A 1 5 ? -0.791  -10.342 -2.500  0.21 25.31 ? 5   DC  A OP1   1 
ATOM   136 O  OP2   A DC  A 1 5 ? 2.222   -7.665  -0.722  0.79 10.62 ? 5   DC  A OP2   1 
ATOM   137 O  OP2   B DC  A 1 5 ? 1.666   -10.708 -1.932  0.21 23.12 ? 5   DC  A OP2   1 
ATOM   138 O  "O5'" A DC  A 1 5 ? 1.035   -8.451  -2.803  0.79 6.42  ? 5   DC  A "O5'" 1 
ATOM   139 O  "O5'" B DC  A 1 5 ? 0.867   -8.562  -3.009  0.21 15.00 ? 5   DC  A "O5'" 1 
ATOM   140 C  "C5'" A DC  A 1 5 ? 1.769   -8.669  -3.985  0.79 5.78  ? 5   DC  A "C5'" 1 
ATOM   141 C  "C5'" B DC  A 1 5 ? 1.826   -8.686  -4.061  0.21 6.84  ? 5   DC  A "C5'" 1 
ATOM   142 C  "C4'" A DC  A 1 5 ? 2.003   -7.394  -4.746  0.79 5.04  ? 5   DC  A "C4'" 1 
ATOM   143 C  "C4'" B DC  A 1 5 ? 2.007   -7.387  -4.777  0.21 5.95  ? 5   DC  A "C4'" 1 
ATOM   144 O  "O4'" . DC  A 1 5 ? 0.753   -6.911  -5.297  1.00 5.10  ? 5   DC  A "O4'" 1 
ATOM   145 C  "C3'" . DC  A 1 5 ? 2.584   -6.251  -3.924  1.00 5.27  ? 5   DC  A "C3'" 1 
ATOM   146 O  "O3'" . DC  A 1 5 ? 3.497   -5.486  -4.712  1.00 5.59  ? 5   DC  A "O3'" 1 
ATOM   147 C  "C2'" . DC  A 1 5 ? 1.357   -5.376  -3.651  1.00 5.60  ? 5   DC  A "C2'" 1 
ATOM   148 C  "C1'" . DC  A 1 5 ? 0.608   -5.522  -4.985  1.00 4.78  ? 5   DC  A "C1'" 1 
ATOM   149 N  N1    . DC  A 1 5 ? -0.813  -5.225  -4.880  1.00 4.72  ? 5   DC  A N1    1 
ATOM   150 C  C2    . DC  A 1 5 ? -1.223  -3.909  -5.107  1.00 4.61  ? 5   DC  A C2    1 
ATOM   151 O  O2    . DC  A 1 5 ? -0.366  -3.059  -5.386  1.00 5.43  ? 5   DC  A O2    1 
ATOM   152 N  N3    . DC  A 1 5 ? -2.537  -3.610  -5.002  1.00 4.74  ? 5   DC  A N3    1 
ATOM   153 C  C4    . DC  A 1 5 ? -3.422  -4.553  -4.671  1.00 4.75  ? 5   DC  A C4    1 
ATOM   154 N  N4    . DC  A 1 5 ? -4.705  -4.221  -4.613  1.00 5.21  ? 5   DC  A N4    1 
ATOM   155 C  C5    . DC  A 1 5 ? -3.020  -5.894  -4.400  1.00 5.10  ? 5   DC  A C5    1 
ATOM   156 C  C6    . DC  A 1 5 ? -1.709  -6.183  -4.517  1.00 5.09  ? 5   DC  A C6    1 
ATOM   157 P  P     . DG  A 1 6 ? 5.068   -5.728  -4.652  1.00 5.89  ? 6   DG  A P     1 
ATOM   158 O  OP1   . DG  A 1 6 ? 5.498   -5.976  -3.262  1.00 8.03  ? 6   DG  A OP1   1 
ATOM   159 O  OP2   . DG  A 1 6 ? 5.694   -4.607  -5.431  1.00 6.71  ? 6   DG  A OP2   1 
ATOM   160 O  "O5'" . DG  A 1 6 ? 5.291   -7.098  -5.418  1.00 5.86  ? 6   DG  A "O5'" 1 
ATOM   161 C  "C5'" . DG  A 1 6 ? 5.086   -7.191  -6.840  1.00 5.35  ? 6   DG  A "C5'" 1 
ATOM   162 C  "C4'" . DG  A 1 6 ? 5.261   -8.644  -7.246  1.00 5.40  ? 6   DG  A "C4'" 1 
ATOM   163 O  "O4'" . DG  A 1 6 ? 4.290   -9.440  -6.556  1.00 4.99  ? 6   DG  A "O4'" 1 
ATOM   164 C  "C3'" . DG  A 1 6 ? 5.054   -8.897  -8.725  1.00 6.14  ? 6   DG  A "C3'" 1 
ATOM   165 O  "O3'" . DG  A 1 6 ? 6.279   -8.839  -9.427  1.00 8.06  ? 6   DG  A "O3'" 1 
ATOM   166 C  "C2'" . DG  A 1 6 ? 4.438   -10.260 -8.759  1.00 5.92  ? 6   DG  A "C2'" 1 
ATOM   167 C  "C1'" . DG  A 1 6 ? 3.790   -10.452 -7.407  1.00 4.98  ? 6   DG  A "C1'" 1 
ATOM   168 N  N9    . DG  A 1 6 ? 2.327   -10.363 -7.394  1.00 4.64  ? 6   DG  A N9    1 
ATOM   169 C  C8    . DG  A 1 6 ? 1.475   -11.329 -6.933  1.00 5.18  ? 6   DG  A C8    1 
ATOM   170 N  N7    . DG  A 1 6 ? 0.226   -10.961 -6.927  1.00 5.24  ? 6   DG  A N7    1 
ATOM   171 C  C5    . DG  A 1 6 ? 0.247   -9.657  -7.416  1.00 4.66  ? 6   DG  A C5    1 
ATOM   172 C  C6    . DG  A 1 6 ? -0.787  -8.700  -7.584  1.00 4.86  ? 6   DG  A C6    1 
ATOM   173 O  O6    . DG  A 1 6 ? -2.002  -8.834  -7.332  1.00 5.84  ? 6   DG  A O6    1 
ATOM   174 N  N1    . DG  A 1 6 ? -0.323  -7.503  -8.080  1.00 4.67  ? 6   DG  A N1    1 
ATOM   175 C  C2    . DG  A 1 6 ? 0.997   -7.210  -8.302  1.00 4.60  ? 6   DG  A C2    1 
ATOM   176 N  N2    . DG  A 1 6 ? 1.288   -5.963  -8.694  1.00 5.40  ? 6   DG  A N2    1 
ATOM   177 N  N3    . DG  A 1 6 ? 1.985   -8.089  -8.157  1.00 4.43  ? 6   DG  A N3    1 
ATOM   178 C  C4    . DG  A 1 6 ? 1.541   -9.276  -7.701  1.00 4.39  ? 6   DG  A C4    1 
ATOM   179 O  "O5'" . DC  B 1 1 ? -4.745  -0.058  -10.822 1.00 7.93  ? 7   DC  B "O5'" 1 
ATOM   180 C  "C5'" . DC  B 1 1 ? -4.246  0.878   -9.877  1.00 6.64  ? 7   DC  B "C5'" 1 
ATOM   181 C  "C4'" . DC  B 1 1 ? -2.907  0.450   -9.336  1.00 5.72  ? 7   DC  B "C4'" 1 
ATOM   182 O  "O4'" . DC  B 1 1 ? -3.072  -0.710  -8.490  1.00 5.77  ? 7   DC  B "O4'" 1 
ATOM   183 C  "C3'" A DC  B 1 1 ? -1.844  0.101   -10.353 0.68 6.13  ? 7   DC  B "C3'" 1 
ATOM   184 C  "C3'" B DC  B 1 1 ? -1.922  0.028   -10.443 0.32 8.00  ? 7   DC  B "C3'" 1 
ATOM   185 O  "O3'" A DC  B 1 1 ? -0.556  0.502   -9.904  0.68 5.76  ? 7   DC  B "O3'" 1 
ATOM   186 O  "O3'" B DC  B 1 1 ? -0.697  0.664   -10.310 0.32 13.37 ? 7   DC  B "O3'" 1 
ATOM   187 C  "C2'" . DC  B 1 1 ? -1.850  -1.460  -10.325 1.00 6.48  ? 7   DC  B "C2'" 1 
ATOM   188 C  "C1'" . DC  B 1 1 ? -2.115  -1.699  -8.844  1.00 5.56  ? 7   DC  B "C1'" 1 
ATOM   189 N  N1    . DC  B 1 1 ? -2.688  -3.011  -8.543  1.00 5.30  ? 7   DC  B N1    1 
ATOM   190 C  C2    . DC  B 1 1 ? -1.797  -4.090  -8.443  1.00 5.21  ? 7   DC  B C2    1 
ATOM   191 O  O2    . DC  B 1 1 ? -0.591  -3.861  -8.650  1.00 6.19  ? 7   DC  B O2    1 
ATOM   192 N  N3    . DC  B 1 1 ? -2.263  -5.311  -8.131  1.00 5.12  ? 7   DC  B N3    1 
ATOM   193 C  C4    . DC  B 1 1 ? -3.585  -5.487  -7.937  1.00 5.05  ? 7   DC  B C4    1 
ATOM   194 N  N4    . DC  B 1 1 ? -4.011  -6.707  -7.612  1.00 5.66  ? 7   DC  B N4    1 
ATOM   195 C  C5    . DC  B 1 1 ? -4.502  -4.401  -8.049  1.00 5.53  ? 7   DC  B C5    1 
ATOM   196 C  C6    . DC  B 1 1 ? -4.016  -3.202  -8.348  1.00 5.44  ? 7   DC  B C6    1 
ATOM   197 P  P     A DG  B 1 2 ? 0.148   1.842   -10.383 0.68 5.96  ? 8   DG  B P     1 
ATOM   198 P  P     B DG  B 1 2 ? -0.390  2.106   -10.969 0.32 15.15 ? 8   DG  B P     1 
ATOM   199 O  OP1   A DG  B 1 2 ? 0.048   1.948   -11.833 0.68 7.81  ? 8   DG  B OP1   1 
ATOM   200 O  OP1   B DG  B 1 2 ? -1.056  2.105   -12.282 0.32 20.42 ? 8   DG  B OP1   1 
ATOM   201 O  OP2   A DG  B 1 2 ? 1.530   1.903   -9.733  0.68 6.79  ? 8   DG  B OP2   1 
ATOM   202 O  OP2   B DG  B 1 2 ? 1.080   2.393   -10.904 0.32 22.33 ? 8   DG  B OP2   1 
ATOM   203 O  "O5'" A DG  B 1 2 ? -0.723  3.037   -9.797  0.68 5.44  ? 8   DG  B "O5'" 1 
ATOM   204 O  "O5'" B DG  B 1 2 ? -1.180  3.154   -10.076 0.32 8.92  ? 8   DG  B "O5'" 1 
ATOM   205 C  "C5'" A DG  B 1 2 ? -0.682  3.232   -8.372  0.68 4.69  ? 8   DG  B "C5'" 1 
ATOM   206 C  "C5'" B DG  B 1 2 ? -0.718  3.483   -8.748  0.32 7.80  ? 8   DG  B "C5'" 1 
ATOM   207 C  "C4'" A DG  B 1 2 ? -1.732  4.227   -7.965  0.68 5.52  ? 8   DG  B "C4'" 1 
ATOM   208 C  "C4'" B DG  B 1 2 ? -1.768  4.328   -8.055  0.32 5.16  ? 8   DG  B "C4'" 1 
ATOM   209 O  "O4'" . DG  B 1 2 ? -3.043  3.722   -8.139  1.00 5.27  ? 8   DG  B "O4'" 1 
ATOM   210 C  "C3'" A DG  B 1 2 ? -1.623  4.639   -6.481  0.68 6.46  ? 8   DG  B "C3'" 1 
ATOM   211 C  "C3'" B DG  B 1 2 ? -1.536  4.525   -6.547  0.32 4.53  ? 8   DG  B "C3'" 1 
ATOM   212 O  "O3'" A DG  B 1 2 ? -0.795  5.804   -6.398  0.68 7.67  ? 8   DG  B "O3'" 1 
ATOM   213 O  "O3'" B DG  B 1 2 ? -0.655  5.650   -6.363  0.32 4.01  ? 8   DG  B "O3'" 1 
ATOM   214 C  "C2'" A DG  B 1 2 ? -3.016  4.842   -6.060  0.68 6.26  ? 8   DG  B "C2'" 1 
ATOM   215 C  "C2'" B DG  B 1 2 ? -2.911  4.753   -6.023  0.32 5.62  ? 8   DG  B "C2'" 1 
ATOM   216 C  "C1'" . DG  B 1 2 ? -3.848  4.058   -6.995  1.00 5.26  ? 8   DG  B "C1'" 1 
ATOM   217 N  N9    . DG  B 1 2 ? -4.453  2.833   -6.504  1.00 4.95  ? 8   DG  B N9    1 
ATOM   218 C  C8    . DG  B 1 2 ? -5.815  2.594   -6.481  1.00 5.36  ? 8   DG  B C8    1 
ATOM   219 N  N7    . DG  B 1 2 ? -6.127  1.384   -6.114  1.00 5.34  ? 8   DG  B N7    1 
ATOM   220 C  C5    . DG  B 1 2 ? -4.893  0.774   -5.898  1.00 4.74  ? 8   DG  B C5    1 
ATOM   221 C  C6    . DG  B 1 2 ? -4.590  -0.567  -5.548  1.00 4.62  ? 8   DG  B C6    1 
ATOM   222 O  O6    . DG  B 1 2 ? -5.403  -1.498  -5.329  1.00 5.12  ? 8   DG  B O6    1 
ATOM   223 N  N1    . DG  B 1 2 ? -3.233  -0.787  -5.450  1.00 4.54  ? 8   DG  B N1    1 
ATOM   224 C  C2    . DG  B 1 2 ? -2.279  0.142   -5.739  1.00 4.46  ? 8   DG  B C2    1 
ATOM   225 N  N2    . DG  B 1 2 ? -0.995  -0.273  -5.654  1.00 4.93  ? 8   DG  B N2    1 
ATOM   226 N  N3    . DG  B 1 2 ? -2.527  1.397   -6.082  1.00 4.53  ? 8   DG  B N3    1 
ATOM   227 C  C4    . DG  B 1 2 ? -3.855  1.652   -6.149  1.00 4.54  ? 8   DG  B C4    1 
ATOM   228 P  P     A DC  B 1 3 ? -0.247  6.290   -4.974  0.79 7.12  ? 9   DC  B P     1 
ATOM   229 P  P     B DC  B 1 3 ? 0.853   5.393   -5.825  0.21 8.55  ? 9   DC  B P     1 
ATOM   230 O  OP1   A DC  B 1 3 ? -1.376  6.643   -4.105  0.79 11.41 ? 9   DC  B OP1   1 
ATOM   231 O  OP1   B DC  B 1 3 ? 1.529   6.712   -5.737  0.21 11.88 ? 9   DC  B OP1   1 
ATOM   232 O  OP2   A DC  B 1 3 ? 0.754   7.387   -5.275  0.79 7.49  ? 9   DC  B OP2   1 
ATOM   233 O  OP2   B DC  B 1 3 ? 1.467   4.338   -6.662  0.21 12.76 ? 9   DC  B OP2   1 
ATOM   234 O  "O5'" A DC  B 1 3 ? 0.512   5.032   -4.374  0.79 9.35  ? 9   DC  B "O5'" 1 
ATOM   235 O  "O5'" B DC  B 1 3 ? 0.632   4.862   -4.334  0.21 9.02  ? 9   DC  B "O5'" 1 
ATOM   236 C  "C5'" A DC  B 1 3 ? 1.436   5.148   -3.291  0.79 10.11 ? 9   DC  B "C5'" 1 
ATOM   237 C  "C5'" B DC  B 1 3 ? 1.566   5.102   -3.289  0.21 11.83 ? 9   DC  B "C5'" 1 
ATOM   238 C  "C4'" A DC  B 1 3 ? 1.840   3.809   -2.773  0.79 9.62  ? 9   DC  B "C4'" 1 
ATOM   239 C  "C4'" B DC  B 1 3 ? 1.961   3.726   -2.682  0.21 9.51  ? 9   DC  B "C4'" 1 
ATOM   240 O  "O4'" . DC  B 1 3 ? 0.740   3.169   -2.106  1.00 10.02 ? 9   DC  B "O4'" 1 
ATOM   241 C  "C3'" A DC  B 1 3 ? 2.375   2.820   -3.795  0.79 8.89  ? 9   DC  B "C3'" 1 
ATOM   242 C  "C3'" B DC  B 1 3 ? 2.399   2.747   -3.771  0.21 10.33 ? 9   DC  B "C3'" 1 
ATOM   243 O  "O3'" A DC  B 1 3 ? 3.488   2.108   -3.276  0.79 10.89 ? 9   DC  B "O3'" 1 
ATOM   244 O  "O3'" B DC  B 1 3 ? 3.506   1.968   -3.296  0.21 13.13 ? 9   DC  B "O3'" 1 
ATOM   245 C  "C2'" . DC  B 1 3 ? 1.197   1.855   -3.972  1.00 8.15  ? 9   DC  B "C2'" 1 
ATOM   246 C  "C1'" . DC  B 1 3 ? 0.594   1.828   -2.572  1.00 8.36  ? 9   DC  B "C1'" 1 
ATOM   247 N  N1    . DC  B 1 3 ? -0.805  1.458   -2.506  1.00 7.61  ? 9   DC  B N1    1 
ATOM   248 C  C2    . DC  B 1 3 ? -1.149  0.136   -2.231  1.00 6.89  ? 9   DC  B C2    1 
ATOM   249 O  O2    . DC  B 1 3 ? -0.206  -0.687  -2.047  1.00 7.27  ? 9   DC  B O2    1 
ATOM   250 N  N3    . DC  B 1 3 ? -2.442  -0.233  -2.186  1.00 6.82  ? 9   DC  B N3    1 
ATOM   251 C  C4    . DC  B 1 3 ? -3.417  0.670   -2.429  1.00 7.49  ? 9   DC  B C4    1 
ATOM   252 N  N4    . DC  B 1 3 ? -4.668  0.271   -2.379  1.00 8.37  ? 9   DC  B N4    1 
ATOM   253 C  C5    . DC  B 1 3 ? -3.102  2.032   -2.746  1.00 8.63  ? 9   DC  B C5    1 
ATOM   254 C  C6    . DC  B 1 3 ? -1.817  2.360   -2.776  1.00 8.76  ? 9   DC  B C6    1 
ATOM   255 P  P     A DG  B 1 4 ? 4.998   2.454   -3.670  0.56 8.55  ? 10  DG  B P     1 
ATOM   256 P  P     B DG  B 1 4 ? 4.980   2.609   -3.304  0.44 18.91 ? 10  DG  B P     1 
ATOM   257 O  OP1   A DG  B 1 4 ? 5.076   3.029   -4.995  0.56 9.82  ? 10  DG  B OP1   1 
ATOM   258 O  OP1   B DG  B 1 4 ? 5.252   3.086   -4.705  0.44 20.52 ? 10  DG  B OP1   1 
ATOM   259 O  OP2   A DG  B 1 4 ? 5.840   1.254   -3.309  0.56 9.55  ? 10  DG  B OP2   1 
ATOM   260 O  OP2   B DG  B 1 4 ? 5.919   1.627   -2.714  0.44 22.05 ? 10  DG  B OP2   1 
ATOM   261 O  "O5'" A DG  B 1 4 ? 5.370   3.638   -2.644  0.56 8.95  ? 10  DG  B "O5'" 1 
ATOM   262 O  "O5'" B DG  B 1 4 ? 4.851   3.907   -2.441  0.44 16.79 ? 10  DG  B "O5'" 1 
ATOM   263 C  "C5'" A DG  B 1 4 ? 5.377   3.358   -1.225  0.56 8.38  ? 10  DG  B "C5'" 1 
ATOM   264 C  "C5'" B DG  B 1 4 ? 4.603   3.920   -1.039  0.44 14.84 ? 10  DG  B "C5'" 1 
ATOM   265 C  "C4'" A DG  B 1 4 ? 5.499   4.670   -0.470  0.56 8.89  ? 10  DG  B "C4'" 1 
ATOM   266 C  "C4'" B DG  B 1 4 ? 4.603   5.325   -0.505  0.44 12.95 ? 10  DG  B "C4'" 1 
ATOM   267 O  "O4'" A DG  B 1 4 ? 4.484   5.580   -0.916  0.56 8.78  ? 10  DG  B "O4'" 1 
ATOM   268 O  "O4'" B DG  B 1 4 ? 3.524   6.090   -1.035  0.44 13.20 ? 10  DG  B "O4'" 1 
ATOM   269 C  "C3'" A DG  B 1 4 ? 5.345   4.574   1.032   0.56 9.20  ? 10  DG  B "C3'" 1 
ATOM   270 C  "C3'" B DG  B 1 4 ? 4.545   5.478   0.999   0.44 13.83 ? 10  DG  B "C3'" 1 
ATOM   271 O  "O3'" A DG  B 1 4 ? 6.643   4.470   1.656   0.67 12.97 ? 10  DG  B "O3'" 1 
ATOM   272 O  "O3'" B DG  B 1 4 ? 5.844   5.523   1.567   0.33 16.79 ? 10  DG  B "O3'" 1 
ATOM   273 C  "C2'" A DG  B 1 4 ? 4.643   5.835   1.421   0.56 10.47 ? 10  DG  B "C2'" 1 
ATOM   274 C  "C2'" B DG  B 1 4 ? 3.709   6.671   1.240   0.44 15.00 ? 10  DG  B "C2'" 1 
ATOM   275 C  "C1'" A DG  B 1 4 ? 3.977   6.326   0.188   0.56 9.67  ? 10  DG  B "C1'" 1 
ATOM   276 C  "C1'" B DG  B 1 4 ? 3.002   6.968   -0.028  0.44 13.56 ? 10  DG  B "C1'" 1 
ATOM   277 N  N9    A DG  B 1 4 ? 2.504   6.215   0.185   0.56 8.82  ? 10  DG  B N9    1 
ATOM   278 N  N9    B DG  B 1 4 ? 1.536   6.808   -0.005  0.44 11.75 ? 10  DG  B N9    1 
ATOM   279 C  C8    A DG  B 1 4 ? 1.652   7.220   -0.178  0.56 9.91  ? 10  DG  B C8    1 
ATOM   280 C  C8    B DG  B 1 4 ? 0.594   7.675   -0.535  0.44 11.44 ? 10  DG  B C8    1 
ATOM   281 N  N7    A DG  B 1 4 ? 0.414   6.853   -0.150  0.56 9.54  ? 10  DG  B N7    1 
ATOM   282 N  N7    B DG  B 1 4 ? -0.611  7.205   -0.485  0.44 11.00 ? 10  DG  B N7    1 
ATOM   283 C  C5    A DG  B 1 4 ? 0.458   5.509   0.225   0.56 7.77  ? 10  DG  B C5    1 
ATOM   284 C  C5    B DG  B 1 4 ? -0.451  5.910   -0.011  0.44 10.05 ? 10  DG  B C5    1 
ATOM   285 C  C6    A DG  B 1 4 ? -0.568  4.558   0.355   0.56 7.11  ? 10  DG  B C6    1 
ATOM   286 C  C6    B DG  B 1 4 ? -1.408  4.875   0.188   0.44 8.49  ? 10  DG  B C6    1 
ATOM   287 O  O6    A DG  B 1 4 ? -1.788  4.723   0.192   0.56 8.02  ? 10  DG  B O6    1 
ATOM   288 O  O6    B DG  B 1 4 ? -2.618  4.953   -0.004  0.44 9.14  ? 10  DG  B O6    1 
ATOM   289 N  N1    A DG  B 1 4 ? -0.093  3.299   0.734   0.56 6.21  ? 10  DG  B N1    1 
ATOM   290 N  N1    B DG  B 1 4 ? -0.795  3.715   0.680   0.44 8.65  ? 10  DG  B N1    1 
ATOM   291 C  C2    A DG  B 1 4 ? 1.234   2.997   0.890   0.56 6.41  ? 10  DG  B C2    1 
ATOM   292 C  C2    B DG  B 1 4 ? 0.528   3.536   0.881   0.44 9.18  ? 10  DG  B C2    1 
ATOM   293 N  N2    A DG  B 1 4 ? 1.510   1.723   1.197   0.56 6.89  ? 10  DG  B N2    1 
ATOM   294 N  N2    B DG  B 1 4 ? 0.961   2.342   1.296   0.44 9.66  ? 10  DG  B N2    1 
ATOM   295 N  N3    A DG  B 1 4 ? 2.216   3.870   0.755   0.56 6.61  ? 10  DG  B N3    1 
ATOM   296 N  N3    B DG  B 1 4 ? 1.460   4.493   0.687   0.44 9.97  ? 10  DG  B N3    1 
ATOM   297 C  C4    A DG  B 1 4 ? 1.779   5.101   0.403   0.56 7.28  ? 10  DG  B C4    1 
ATOM   298 C  C4    B DG  B 1 4 ? 0.877   5.627   0.228   0.44 9.60  ? 10  DG  B C4    1 
ATOM   299 P  P     A DC  B 1 5 ? 6.966   3.206   2.586   0.67 12.62 ? 11  DC  B P     1 
ATOM   300 P  P     B DC  B 1 5 ? 6.144   5.616   3.098   0.33 20.95 ? 11  DC  B P     1 
ATOM   301 O  OP1   A DC  B 1 5 ? 8.323   3.392   3.165   0.67 13.82 ? 11  DC  B OP1   1 
ATOM   302 O  OP1   B DC  B 1 5 ? 5.400   6.752   3.710   0.33 35.30 ? 11  DC  B OP1   1 
ATOM   303 O  OP2   A DC  B 1 5 ? 6.726   1.967   1.790   0.67 14.50 ? 11  DC  B OP2   1 
ATOM   304 O  OP2   B DC  B 1 5 ? 7.627   5.575   3.326   0.33 32.01 ? 11  DC  B OP2   1 
ATOM   305 O  "O5'" A DC  B 1 5 ? 5.901   3.336   3.746   0.67 15.49 ? 11  DC  B "O5'" 1 
ATOM   306 O  "O5'" B DC  B 1 5 ? 5.497   4.268   3.709   0.33 16.67 ? 11  DC  B "O5'" 1 
ATOM   307 C  "C5'" A DC  B 1 5 ? 6.195   3.153   5.120   0.67 12.15 ? 11  DC  B "C5'" 1 
ATOM   308 C  "C5'" B DC  B 1 5 ? 6.026   3.711   4.917   0.33 13.94 ? 11  DC  B "C5'" 1 
ATOM   309 C  "C4'" A DC  B 1 5 ? 5.042   2.453   5.815   0.67 10.83 ? 11  DC  B "C4'" 1 
ATOM   310 C  "C4'" B DC  B 1 5 ? 5.087   2.800   5.584   0.33 12.09 ? 11  DC  B "C4'" 1 
ATOM   311 O  "O4'" A DC  B 1 5 ? 3.890   3.347   5.812   0.67 9.71  ? 11  DC  B "O4'" 1 
ATOM   312 O  "O4'" B DC  B 1 5 ? 3.833   3.405   5.887   0.33 13.35 ? 11  DC  B "O4'" 1 
ATOM   313 C  "C3'" A DC  B 1 5 ? 4.592   1.168   5.134   0.67 11.46 ? 11  DC  B "C3'" 1 
ATOM   314 C  "C3'" B DC  B 1 5 ? 4.780   1.478   4.886   0.33 16.07 ? 11  DC  B "C3'" 1 
ATOM   315 O  "O3'" A DC  B 1 5 ? 4.186   0.211   6.126   0.67 12.84 ? 11  DC  B "O3'" 1 
ATOM   316 O  "O3'" B DC  B 1 5 ? 4.733   0.422   5.859   0.33 22.59 ? 11  DC  B "O3'" 1 
ATOM   317 C  "C2'" A DC  B 1 5 ? 3.330   1.609   4.368   0.67 11.68 ? 11  DC  B "C2'" 1 
ATOM   318 C  "C2'" B DC  B 1 5 ? 3.396   1.702   4.321   0.33 15.59 ? 11  DC  B "C2'" 1 
ATOM   319 C  "C1'" . DC  B 1 5 ? 2.753   2.615   5.365   1.00 9.84  ? 11  DC  B "C1'" 1 
ATOM   320 N  N1    . DC  B 1 5 ? 1.762   3.524   4.834   1.00 8.92  ? 11  DC  B N1    1 
ATOM   321 C  C2    . DC  B 1 5 ? 0.438   3.057   4.711   1.00 8.42  ? 11  DC  B C2    1 
ATOM   322 O  O2    . DC  B 1 5 ? 0.203   1.903   5.109   1.00 9.31  ? 11  DC  B O2    1 
ATOM   323 N  N3    . DC  B 1 5 ? -0.496  3.860   4.213   1.00 8.45  ? 11  DC  B N3    1 
ATOM   324 C  C4    . DC  B 1 5 ? -0.163  5.097   3.800   1.00 9.03  ? 11  DC  B C4    1 
ATOM   325 N  N4    . DC  B 1 5 ? -1.136  5.858   3.329   1.00 9.94  ? 11  DC  B N4    1 
ATOM   326 C  C5    . DC  B 1 5 ? 1.181   5.577   3.897   1.00 10.45 ? 11  DC  B C5    1 
ATOM   327 C  C6    . DC  B 1 5 ? 2.089   4.754   4.407   1.00 9.94  ? 11  DC  B C6    1 
ATOM   328 P  P     A DG  B 1 6 ? 5.146   -1.019  6.485   0.61 14.52 ? 12  DG  B P     1 
ATOM   329 P  P     B DG  B 1 6 ? 5.990   -0.545  6.058   0.39 27.23 ? 12  DG  B P     1 
ATOM   330 O  OP1   A DG  B 1 6 ? 5.499   -1.723  5.214   0.61 20.10 ? 12  DG  B OP1   1 
ATOM   331 O  OP1   B DG  B 1 6 ? 6.578   -0.851  4.731   0.39 26.78 ? 12  DG  B OP1   1 
ATOM   332 O  OP2   A DG  B 1 6 ? 4.516   -1.807  7.577   0.61 18.49 ? 12  DG  B OP2   1 
ATOM   333 O  OP2   B DG  B 1 6 ? 5.600   -1.664  6.953   0.39 30.83 ? 12  DG  B OP2   1 
ATOM   334 O  "O5'" A DG  B 1 6 ? 6.419   -0.342  7.113   0.61 12.97 ? 12  DG  B "O5'" 1 
ATOM   335 O  "O5'" B DG  B 1 6 ? 6.998   0.339   6.923   0.39 21.86 ? 12  DG  B "O5'" 1 
ATOM   336 C  "C5'" A DG  B 1 6 ? 6.473   0.089   8.477   0.61 13.65 ? 12  DG  B "C5'" 1 
ATOM   337 C  "C5'" B DG  B 1 6 ? 6.606   0.904   8.179   0.39 19.59 ? 12  DG  B "C5'" 1 
ATOM   338 C  "C4'" A DG  B 1 6 ? 7.786   0.821   8.716   0.61 13.63 ? 12  DG  B "C4'" 1 
ATOM   339 C  "C4'" B DG  B 1 6 ? 7.680   1.838   8.685   0.39 17.09 ? 12  DG  B "C4'" 1 
ATOM   340 O  "O4'" A DG  B 1 6 ? 7.718   2.113   8.072   0.61 11.29 ? 12  DG  B "O4'" 1 
ATOM   341 O  "O4'" B DG  B 1 6 ? 7.784   2.973   7.783   0.39 13.78 ? 12  DG  B "O4'" 1 
ATOM   342 C  "C3'" A DG  B 1 6 ? 8.065   1.098   10.193  0.61 14.11 ? 12  DG  B "C3'" 1 
ATOM   343 C  "C3'" B DG  B 1 6 ? 7.388   2.447   10.059  0.39 16.86 ? 12  DG  B "C3'" 1 
ATOM   344 O  "O3'" A DG  B 1 6 ? 9.483   1.132   10.410  0.61 17.57 ? 12  DG  B "O3'" 1 
ATOM   345 O  "O3'" B DG  B 1 6 ? 8.061   1.682   11.071  0.39 25.13 ? 12  DG  B "O3'" 1 
ATOM   346 C  "C2'" A DG  B 1 6 ? 7.500   2.502   10.377  0.61 13.33 ? 12  DG  B "C2'" 1 
ATOM   347 C  "C2'" B DG  B 1 6 ? 8.005   3.822   9.967   0.39 15.42 ? 12  DG  B "C2'" 1 
ATOM   348 C  "C1'" A DG  B 1 6 ? 7.786   3.146   9.048   0.61 11.43 ? 12  DG  B "C1'" 1 
ATOM   349 C  "C1'" B DG  B 1 6 ? 7.984   4.159   8.528   0.39 13.47 ? 12  DG  B "C1'" 1 
ATOM   350 N  N9    A DG  B 1 6 ? 6.887   4.218   8.646   0.61 10.08 ? 12  DG  B N9    1 
ATOM   351 N  N9    B DG  B 1 6 ? 7.029   5.164   8.080   0.39 11.56 ? 12  DG  B N9    1 
ATOM   352 C  C8    A DG  B 1 6 ? 7.296   5.446   8.129   0.61 11.00 ? 12  DG  B C8    1 
ATOM   353 C  C8    B DG  B 1 6 ? 7.317   6.319   7.372   0.39 13.18 ? 12  DG  B C8    1 
ATOM   354 N  N7    A DG  B 1 6 ? 6.292   6.190   7.805   0.61 10.93 ? 12  DG  B N7    1 
ATOM   355 N  N7    B DG  B 1 6 ? 6.259   6.995   7.051   0.39 12.53 ? 12  DG  B N7    1 
ATOM   356 C  C5    A DG  B 1 6 ? 5.164   5.464   8.134   0.61 8.57  ? 12  DG  B C5    1 
ATOM   357 C  C5    B DG  B 1 6 ? 5.199   6.255   7.558   0.39 11.80 ? 12  DG  B C5    1 
ATOM   358 C  C6    A DG  B 1 6 ? 3.794   5.757   7.931   0.61 8.38  ? 12  DG  B C6    1 
ATOM   359 C  C6    B DG  B 1 6 ? 3.803   6.492   7.484   0.39 9.71  ? 12  DG  B C6    1 
ATOM   360 O  O6    A DG  B 1 6 ? 3.284   6.802   7.496   0.61 10.27 ? 12  DG  B O6    1 
ATOM   361 O  O6    B DG  B 1 6 ? 3.193   7.438   6.981   0.39 12.75 ? 12  DG  B O6    1 
ATOM   362 N  N1    A DG  B 1 6 ? 2.970   4.723   8.348   0.61 7.86  ? 12  DG  B N1    1 
ATOM   363 N  N1    B DG  B 1 6 ? 3.092   5.480   8.105   0.39 9.58  ? 12  DG  B N1    1 
ATOM   364 C  C2    A DG  B 1 6 ? 3.418   3.519   8.829   0.61 8.15  ? 12  DG  B C2    1 
ATOM   365 C  C2    B DG  B 1 6 ? 3.640   4.365   8.690   0.39 10.06 ? 12  DG  B C2    1 
ATOM   366 N  N2    A DG  B 1 6 ? 2.467   2.623   9.118   0.61 9.60  ? 12  DG  B N2    1 
ATOM   367 N  N2    B DG  B 1 6 ? 2.768   3.495   9.200   0.39 9.46  ? 12  DG  B N2    1 
ATOM   368 N  N3    A DG  B 1 6 ? 4.690   3.221   9.015   0.61 8.61  ? 12  DG  B N3    1 
ATOM   369 N  N3    B DG  B 1 6 ? 4.938   4.141   8.787   0.39 10.71 ? 12  DG  B N3    1 
ATOM   370 C  C4    A DG  B 1 6 ? 5.524   4.221   8.636   0.61 8.76  ? 12  DG  B C4    1 
ATOM   371 C  C4    B DG  B 1 6 ? 5.659   5.110   8.173   0.39 11.17 ? 12  DG  B C4    1 
HETATM 372 MG MG    A MG  C 2 . ? 5.706   -2.653  -5.475  0.52 4.61  ? 101 MG  A MG    1 
HETATM 373 MG MG    B MG  C 2 . ? 5.825   -2.534  -5.733  0.48 20.04 ? 101 MG  A MG    1 
HETATM 374 MG MG    . MG  D 2 . ? -9.812  -4.995  -2.195  0.30 17.12 ? 102 MG  A MG    1 
HETATM 375 MG MG    . MG  E 2 . ? -2.735  8.586   -4.329  0.34 4.95  ? 101 MG  B MG    1 
HETATM 376 O  O     . HOH F 3 . ? -1.028  -11.352 -3.171  0.33 9.42  ? 201 HOH A O     1 
HETATM 377 O  O     . HOH F 3 . ? -5.922  -6.018  6.608   0.79 6.95  ? 202 HOH A O     1 
HETATM 378 O  O     . HOH F 3 . ? -1.597  -7.750  5.992   0.56 13.30 ? 203 HOH A O     1 
HETATM 379 O  O     . HOH F 3 . ? 1.382   -12.069 -2.880  0.49 16.06 ? 204 HOH A O     1 
HETATM 380 O  O     . HOH F 3 . ? 2.520   -6.302  4.738   0.22 24.75 ? 205 HOH A O     1 
HETATM 381 O  O     . HOH F 3 . ? 2.788   -7.428  4.218   0.21 32.06 ? 206 HOH A O     1 
HETATM 382 O  O     . HOH F 3 . ? 3.402   -12.075 -0.193  0.39 17.42 ? 207 HOH A O     1 
HETATM 383 O  O     A HOH F 3 . ? -1.680  -4.351  7.295   0.38 6.98  ? 208 HOH A O     1 
HETATM 384 O  O     B HOH F 3 . ? -2.176  -4.332  7.294   0.62 25.36 ? 208 HOH A O     1 
HETATM 385 O  O     A HOH F 3 . ? -8.149  -5.291  0.028   0.33 7.94  ? 209 HOH A O     1 
HETATM 386 O  O     B HOH F 3 . ? -8.438  -5.689  -0.980  0.67 18.43 ? 209 HOH A O     1 
HETATM 387 O  O     A HOH F 3 . ? 1.623   -5.080  -0.295  0.55 8.00  ? 210 HOH A O     1 
HETATM 388 O  O     B HOH F 3 . ? 1.940   -4.606  -0.618  0.45 14.38 ? 210 HOH A O     1 
HETATM 389 O  O     . HOH F 3 . ? -7.091  -1.909  0.289   1.00 11.53 ? 211 HOH A O     1 
HETATM 390 O  O     . HOH F 3 . ? -7.685  6.151   3.955   0.82 32.48 ? 212 HOH A O     1 
HETATM 391 O  O     A HOH F 3 . ? 1.343   -1.792  3.088   0.50 9.56  ? 213 HOH A O     1 
HETATM 392 O  O     B HOH F 3 . ? 0.920   -0.722  3.454   0.50 23.15 ? 213 HOH A O     1 
HETATM 393 O  O     . HOH F 3 . ? -6.922  2.809   -0.081  1.00 17.16 ? 214 HOH A O     1 
HETATM 394 O  O     . HOH F 3 . ? 1.903   -8.604  4.164   0.81 22.46 ? 215 HOH A O     1 
HETATM 395 O  O     . HOH F 3 . ? 1.648   -1.406  0.209   0.64 28.69 ? 216 HOH A O     1 
HETATM 396 O  O     A HOH F 3 . ? -1.241  -12.686 -5.329  0.79 19.36 ? 217 HOH A O     1 
HETATM 397 O  O     B HOH F 3 . ? -1.163  -11.775 -4.583  0.21 9.77  ? 217 HOH A O     1 
HETATM 398 O  O     A HOH F 3 . ? 5.388   -2.728  -7.452  0.36 4.50  ? 218 HOH A O     1 
HETATM 399 O  O     B HOH F 3 . ? 5.592   -2.920  -7.785  0.64 16.01 ? 218 HOH A O     1 
HETATM 400 O  O     A HOH F 3 . ? 1.948   -4.525  2.419   0.47 9.15  ? 219 HOH A O     1 
HETATM 401 O  O     B HOH F 3 . ? 2.329   -3.595  1.795   0.53 24.86 ? 219 HOH A O     1 
HETATM 402 O  O     . HOH F 3 . ? 2.390   -4.473  6.117   0.90 41.14 ? 220 HOH A O     1 
HETATM 403 O  O     . HOH F 3 . ? -2.400  -9.259  -4.510  1.00 9.86  ? 221 HOH A O     1 
HETATM 404 O  O     . HOH F 3 . ? -10.093 -3.082  2.222   0.22 15.09 ? 222 HOH A O     1 
HETATM 405 O  O     . HOH F 3 . ? -9.815  -3.733  0.940   0.35 12.00 ? 223 HOH A O     1 
HETATM 406 O  O     . HOH F 3 . ? -5.827  -8.049  3.294   1.00 17.75 ? 224 HOH A O     1 
HETATM 407 O  O     . HOH F 3 . ? -5.262  5.776   1.052   0.46 15.60 ? 225 HOH A O     1 
HETATM 408 O  O     . HOH F 3 . ? 1.750   -12.000 0.594   0.54 21.13 ? 226 HOH A O     1 
HETATM 409 O  O     A HOH F 3 . ? 3.315   -11.991 -3.321  0.44 15.00 ? 227 HOH A O     1 
HETATM 410 O  O     B HOH F 3 . ? 3.512   -12.295 -4.587  0.56 8.32  ? 227 HOH A O     1 
HETATM 411 O  O     . HOH F 3 . ? 3.328   -7.869  1.907   0.51 18.88 ? 228 HOH A O     1 
HETATM 412 O  O     . HOH F 3 . ? 0.072   0.291   7.798   0.90 31.92 ? 229 HOH A O     1 
HETATM 413 O  O     A HOH F 3 . ? -0.724  1.351   10.660  0.38 15.16 ? 230 HOH A O     1 
HETATM 414 O  O     B HOH F 3 . ? -0.220  2.158   11.261  0.62 25.67 ? 230 HOH A O     1 
HETATM 415 O  O     . HOH F 3 . ? -1.998  -1.590  6.818   1.00 17.27 ? 231 HOH A O     1 
HETATM 416 O  O     . HOH F 3 . ? 1.651   -2.213  -7.304  1.00 9.47  ? 232 HOH A O     1 
HETATM 417 O  O     . HOH F 3 . ? -6.468  -6.590  -4.211  0.92 7.45  ? 233 HOH A O     1 
HETATM 418 O  O     A HOH F 3 . ? 5.840   -2.426  -3.388  0.79 8.19  ? 234 HOH A O     1 
HETATM 419 O  O     B HOH F 3 . ? 5.854   -2.051  -4.091  0.21 10.85 ? 234 HOH A O     1 
HETATM 420 O  O     . HOH F 3 . ? 3.634   -2.428  -5.306  0.78 10.90 ? 235 HOH A O     1 
HETATM 421 O  O     . HOH F 3 . ? -0.885  9.621   5.426   1.00 31.08 ? 236 HOH A O     1 
HETATM 422 O  O     . HOH F 3 . ? 4.322   -3.571  -7.924  0.21 11.18 ? 237 HOH A O     1 
HETATM 423 O  O     A HOH F 3 . ? 4.029   -3.976  -1.502  0.50 12.62 ? 238 HOH A O     1 
HETATM 424 O  O     B HOH F 3 . ? 3.674   -3.488  -1.589  0.50 28.09 ? 238 HOH A O     1 
HETATM 425 O  O     A HOH F 3 . ? -7.721  -3.784  -2.932  0.52 18.05 ? 239 HOH A O     1 
HETATM 426 O  O     B HOH F 3 . ? -8.777  -4.028  -3.805  0.48 18.90 ? 239 HOH A O     1 
HETATM 427 O  O     . HOH F 3 . ? 1.956   -10.312 1.752   0.51 35.15 ? 240 HOH A O     1 
HETATM 428 O  O     . HOH F 3 . ? -2.871  -12.202 -0.835  0.45 29.52 ? 241 HOH A O     1 
HETATM 429 O  O     . HOH F 3 . ? 4.547   -5.358  2.553   0.24 9.17  ? 242 HOH A O     1 
HETATM 430 O  O     . HOH F 3 . ? -3.598  -11.135 0.788   0.50 27.05 ? 243 HOH A O     1 
HETATM 431 O  O     . HOH F 3 . ? -4.729  -10.273 -1.199  0.22 12.44 ? 244 HOH A O     1 
HETATM 432 O  O     . HOH F 3 . ? -6.503  7.097   2.140   0.44 31.94 ? 245 HOH A O     1 
HETATM 433 O  O     . HOH F 3 . ? -6.932  5.261   0.076   0.21 6.24  ? 246 HOH A O     1 
HETATM 434 O  O     . HOH F 3 . ? 4.561   -7.410  3.931   0.77 43.37 ? 247 HOH A O     1 
HETATM 435 O  O     . HOH F 3 . ? -5.070  -8.944  -3.714  1.00 10.17 ? 248 HOH A O     1 
HETATM 436 O  O     . HOH F 3 . ? -8.371  0.454   0.500   0.82 19.03 ? 249 HOH A O     1 
HETATM 437 O  O     . HOH F 3 . ? 2.473   -13.623 -4.839  0.26 13.24 ? 250 HOH A O     1 
HETATM 438 O  O     . HOH F 3 . ? -8.491  -4.399  -6.560  1.00 18.77 ? 251 HOH A O     1 
HETATM 439 O  O     A HOH F 3 . ? -10.624 -0.381  2.223   0.42 15.28 ? 252 HOH A O     1 
HETATM 440 O  O     B HOH F 3 . ? -10.099 -0.025  2.351   0.58 22.81 ? 252 HOH A O     1 
HETATM 441 O  O     . HOH F 3 . ? -7.587  5.684   -1.703  0.30 15.71 ? 253 HOH A O     1 
HETATM 442 O  O     A HOH F 3 . ? -10.625 -3.377  -1.399  0.48 24.31 ? 254 HOH A O     1 
HETATM 443 O  O     B HOH F 3 . ? -9.703  -2.540  -0.908  0.52 30.38 ? 254 HOH A O     1 
HETATM 444 O  O     . HOH G 3 . ? -1.468  8.243   -2.056  0.22 15.50 ? 201 HOH B O     1 
HETATM 445 O  O     . HOH G 3 . ? 7.579   -0.499  2.851   0.61 41.78 ? 202 HOH B O     1 
HETATM 446 O  O     . HOH G 3 . ? -0.954  9.273   -1.056  0.26 18.74 ? 203 HOH B O     1 
HETATM 447 O  O     . HOH G 3 . ? 8.704   -1.094  5.206   0.32 45.03 ? 204 HOH B O     1 
HETATM 448 O  O     . HOH G 3 . ? 7.031   2.771   -0.999  0.50 46.36 ? 205 HOH B O     1 
HETATM 449 O  O     . HOH G 3 . ? 2.464   -0.717  8.023   0.38 24.97 ? 206 HOH B O     1 
HETATM 450 O  O     . HOH G 3 . ? 3.764   7.371   -5.211  0.43 27.92 ? 207 HOH B O     1 
HETATM 451 O  O     A HOH G 3 . ? 3.277   0.756   10.373  0.45 28.66 ? 208 HOH B O     1 
HETATM 452 O  O     B HOH G 3 . ? 2.935   -0.347  9.623   0.55 27.24 ? 208 HOH B O     1 
HETATM 453 O  O     . HOH G 3 . ? -3.371  7.202   0.532   0.71 26.12 ? 209 HOH B O     1 
HETATM 454 O  O     . HOH G 3 . ? 11.071  2.466   11.738  0.35 13.88 ? 210 HOH B O     1 
HETATM 455 O  O     . HOH G 3 . ? 6.434   -3.511  3.674   0.90 85.85 ? 211 HOH B O     1 
HETATM 456 O  O     . HOH G 3 . ? -3.133  5.385   -2.521  1.00 13.14 ? 212 HOH B O     1 
HETATM 457 O  O     A HOH G 3 . ? 8.659   1.424   0.119   0.30 39.15 ? 213 HOH B O     1 
HETATM 458 O  O     B HOH G 3 . ? 8.512   1.156   -0.324  0.70 43.67 ? 213 HOH B O     1 
HETATM 459 O  O     . HOH G 3 . ? 3.856   2.865   -10.438 0.22 10.68 ? 214 HOH B O     1 
HETATM 460 O  O     . HOH G 3 . ? 1.102   9.313   -3.533  0.32 12.55 ? 215 HOH B O     1 
HETATM 461 O  O     . HOH G 3 . ? 10.040  2.418   12.624  0.22 19.40 ? 216 HOH B O     1 
HETATM 462 O  O     A HOH G 3 . ? 1.560   -1.737  -3.719  0.51 9.45  ? 217 HOH B O     1 
HETATM 463 O  O     B HOH G 3 . ? 2.486   -1.615  -2.736  0.49 7.89  ? 217 HOH B O     1 
HETATM 464 O  O     . HOH G 3 . ? -6.664  -1.728  -9.962  1.00 8.22  ? 218 HOH B O     1 
HETATM 465 O  O     . HOH G 3 . ? 5.204   5.651   -5.590  1.00 35.28 ? 219 HOH B O     1 
HETATM 466 O  O     . HOH G 3 . ? 1.898   -2.429  7.422   0.22 12.57 ? 220 HOH B O     1 
HETATM 467 O  O     . HOH G 3 . ? 3.279   3.930   -9.376  0.59 19.80 ? 221 HOH B O     1 
HETATM 468 O  O     . HOH G 3 . ? 2.615   8.538   -3.669  0.46 17.36 ? 222 HOH B O     1 
HETATM 469 O  O     . HOH G 3 . ? 4.603   -0.369  -1.393  0.80 13.17 ? 223 HOH B O     1 
HETATM 470 O  O     . HOH G 3 . ? 4.916   7.154   -3.164  1.00 29.16 ? 224 HOH B O     1 
HETATM 471 O  O     A HOH G 3 . ? 4.347   0.709   1.143   0.60 10.19 ? 225 HOH B O     1 
HETATM 472 O  O     B HOH G 3 . ? 3.788   1.189   0.945   0.40 19.68 ? 225 HOH B O     1 
HETATM 473 O  O     . HOH G 3 . ? 10.858  -1.099  9.520   1.00 55.17 ? 226 HOH B O     1 
HETATM 474 O  O     . HOH G 3 . ? -7.250  -2.146  -7.322  1.00 9.36  ? 227 HOH B O     1 
HETATM 475 O  O     . HOH G 3 . ? -7.585  -1.630  -3.577  1.00 17.16 ? 228 HOH B O     1 
HETATM 476 O  O     A HOH G 3 . ? 5.764   -0.558  -5.470  0.47 7.00  ? 229 HOH B O     1 
HETATM 477 O  O     B HOH G 3 . ? 5.900   -0.631  -6.368  0.53 16.99 ? 229 HOH B O     1 
HETATM 478 O  O     . HOH G 3 . ? 7.388   2.392   -6.511  0.71 19.46 ? 230 HOH B O     1 
HETATM 479 O  O     . HOH G 3 . ? 4.946   -4.507  5.269   0.22 24.14 ? 231 HOH B O     1 
HETATM 480 O  O     . HOH G 3 . ? 4.057   -1.458  2.784   0.64 14.99 ? 232 HOH B O     1 
HETATM 481 O  O     A HOH G 3 . ? 4.244   1.154   -6.963  0.44 6.27  ? 233 HOH B O     1 
HETATM 482 O  O     B HOH G 3 . ? 3.939   1.274   -6.330  0.56 29.75 ? 233 HOH B O     1 
HETATM 483 O  O     A HOH G 3 . ? 1.529   0.575   -7.201  0.60 5.50  ? 234 HOH B O     1 
HETATM 484 O  O     B HOH G 3 . ? 1.494   0.802   -7.107  0.40 16.34 ? 234 HOH B O     1 
HETATM 485 O  O     A HOH G 3 . ? -0.935  9.610   -4.450  0.36 6.89  ? 235 HOH B O     1 
HETATM 486 O  O     B HOH G 3 . ? -1.536  9.342   -4.185  0.64 25.67 ? 235 HOH B O     1 
HETATM 487 O  O     . HOH G 3 . ? -0.266  8.664   2.885   0.73 19.23 ? 236 HOH B O     1 
HETATM 488 O  O     A HOH G 3 . ? -0.181  -0.617  -13.350 0.32 13.62 ? 237 HOH B O     1 
HETATM 489 O  O     B HOH G 3 . ? 0.084   -0.001  -13.926 0.68 32.89 ? 237 HOH B O     1 
HETATM 490 O  O     . HOH G 3 . ? -6.775  2.355   -2.798  1.00 11.95 ? 238 HOH B O     1 
HETATM 491 O  O     . HOH G 3 . ? -2.647  8.633   -2.247  0.36 7.71  ? 239 HOH B O     1 
HETATM 492 O  O     . HOH G 3 . ? -6.947  -6.650  -6.936  1.00 9.88  ? 240 HOH B O     1 
HETATM 493 O  O     . HOH G 3 . ? 0.319   -4.129  -11.557 1.00 8.19  ? 241 HOH B O     1 
HETATM 494 O  O     A HOH G 3 . ? 2.052   -2.772  -9.765  0.35 7.57  ? 242 HOH B O     1 
HETATM 495 O  O     B HOH G 3 . ? 2.453   -2.671  -10.136 0.65 17.77 ? 242 HOH B O     1 
HETATM 496 O  O     . HOH G 3 . ? 0.577   -1.132  5.677   0.90 27.57 ? 243 HOH B O     1 
HETATM 497 O  O     . HOH G 3 . ? 9.709   1.802   5.481   1.00 73.86 ? 244 HOH B O     1 
HETATM 498 O  O     A HOH G 3 . ? 4.115   7.321   4.482   0.60 26.83 ? 245 HOH B O     1 
HETATM 499 O  O     B HOH G 3 . ? 3.680   7.957   4.779   0.40 31.72 ? 245 HOH B O     1 
HETATM 500 O  O     A HOH G 3 . ? 6.824   9.070   6.414   0.65 29.45 ? 246 HOH B O     1 
HETATM 501 O  O     B HOH G 3 . ? 6.830   8.204   6.251   0.35 17.02 ? 246 HOH B O     1 
HETATM 502 O  O     . HOH G 3 . ? 2.753   8.825   3.363   0.63 41.30 ? 247 HOH B O     1 
HETATM 503 O  O     . HOH G 3 . ? 5.619   2.155   -8.220  0.66 51.31 ? 248 HOH B O     1 
HETATM 504 O  O     . HOH G 3 . ? -2.303  9.460   1.493   0.37 34.69 ? 249 HOH B O     1 
HETATM 505 O  O     . HOH G 3 . ? 8.677   4.566   -2.217  0.90 60.78 ? 250 HOH B O     1 
HETATM 506 O  O     . HOH G 3 . ? 3.336   9.410   -2.184  0.40 14.47 ? 251 HOH B O     1 
HETATM 507 O  O     . HOH G 3 . ? -5.649  5.813   -1.750  0.21 12.12 ? 252 HOH B O     1 
HETATM 508 O  O     A HOH G 3 . ? -5.732  4.725   -3.717  0.61 10.39 ? 253 HOH B O     1 
HETATM 509 O  O     B HOH G 3 . ? -7.129  4.755   -3.696  0.39 10.38 ? 253 HOH B O     1 
HETATM 510 O  O     . HOH G 3 . ? -4.713  8.027   -4.339  0.90 15.27 ? 254 HOH B O     1 
HETATM 511 O  O     . HOH G 3 . ? 5.608   9.104   0.945   0.30 29.71 ? 255 HOH B O     1 
HETATM 512 O  O     . HOH G 3 . ? 1.871   10.076  1.604   0.78 41.50 ? 256 HOH B O     1 
HETATM 513 O  O     . HOH G 3 . ? 1.008   1.491   12.284  0.48 27.17 ? 257 HOH B O     1 
HETATM 514 O  O     . HOH G 3 . ? 3.394   9.962   4.239   0.21 34.13 ? 258 HOH B O     1 
HETATM 515 O  O     . HOH G 3 . ? -4.185  8.241   -2.075  0.46 17.61 ? 259 HOH B O     1 
HETATM 516 O  O     . HOH G 3 . ? 1.953   10.275  -1.812  0.53 22.48 ? 260 HOH B O     1 
HETATM 517 O  O     A HOH G 3 . ? 9.640   0.069   -3.285  0.43 31.08 ? 261 HOH B O     1 
HETATM 518 O  O     B HOH G 3 . ? 8.383   0.227   -2.913  0.57 34.87 ? 261 HOH B O     1 
HETATM 519 O  O     . HOH G 3 . ? -0.658  10.399  -2.977  0.29 9.28  ? 262 HOH B O     1 
HETATM 520 O  O     . HOH G 3 . ? 6.609   -1.676  0.017   0.61 23.99 ? 263 HOH B O     1 
HETATM 521 O  O     . HOH G 3 . ? 9.316   3.226   -4.812  0.21 43.61 ? 264 HOH B O     1 
HETATM 522 O  O     . HOH G 3 . ? 2.941   -5.536  8.048   0.22 25.51 ? 265 HOH B O     1 
HETATM 523 O  O     . HOH G 3 . ? -2.329  10.945  -0.770  0.22 17.36 ? 266 HOH B O     1 
HETATM 524 O  O     . HOH G 3 . ? 4.050   6.850   -9.044  0.60 22.90 ? 267 HOH B O     1 
HETATM 525 O  O     . HOH G 3 . ? 7.254   -5.514  6.898   1.00 33.62 ? 268 HOH B O     1 
HETATM 526 O  O     A HOH G 3 . ? 8.545   -0.172  -6.242  0.60 11.30 ? 269 HOH B O     1 
HETATM 527 O  O     B HOH G 3 . ? 8.969   -0.082  -5.568  0.40 26.96 ? 269 HOH B O     1 
HETATM 528 O  O     . HOH G 3 . ? 4.504   7.931   -8.606  0.43 18.22 ? 270 HOH B O     1 
HETATM 529 O  O     . HOH G 3 . ? 8.353   -2.150  -1.879  0.39 8.15  ? 271 HOH B O     1 
HETATM 530 O  O     . HOH G 3 . ? -3.747  9.185   4.857   1.00 37.01 ? 272 HOH B O     1 
HETATM 531 O  O     A HOH G 3 . ? -0.268  0.203   -16.045 0.28 32.23 ? 273 HOH B O     1 
HETATM 532 O  O     B HOH G 3 . ? -0.838  -0.315  -16.053 0.72 29.34 ? 273 HOH B O     1 
HETATM 533 O  O     A HOH G 3 . ? 1.795   -2.090  -13.105 0.78 30.14 ? 274 HOH B O     1 
HETATM 534 O  O     B HOH G 3 . ? 1.162   -2.751  -13.684 0.22 17.88 ? 274 HOH B O     1 
HETATM 535 O  O     . HOH G 3 . ? 5.201   -3.269  0.877   0.63 32.63 ? 275 HOH B O     1 
HETATM 536 O  O     . HOH G 3 . ? -1.292  11.801  0.385   0.60 69.54 ? 276 HOH B O     1 
HETATM 537 O  O     . HOH G 3 . ? 9.815   -1.192  0.007   0.44 37.48 ? 277 HOH B O     1 
HETATM 538 O  O     . HOH G 3 . ? -5.949  7.979   -1.829  0.40 18.50 ? 278 HOH B O     1 
HETATM 539 O  O     . HOH G 3 . ? 11.314  0.492   0.432   0.75 58.99 ? 279 HOH B O     1 
HETATM 540 O  O     . HOH G 3 . ? -10.467 -2.468  -4.990  0.44 30.51 ? 280 HOH B O     1 
HETATM 541 O  O     . HOH G 3 . ? 0.476   12.177  -1.894  0.22 13.60 ? 281 HOH B O     1 
HETATM 542 O  O     . HOH G 3 . ? -10.701 -3.726  -6.421  0.21 5.68  ? 282 HOH B O     1 
HETATM 543 O  O     A HOH G 3 . ? -10.927 -2.152  -7.749  0.32 14.01 ? 283 HOH B O     1 
HETATM 544 O  O     B HOH G 3 . ? -11.751 -2.412  -7.860  0.68 35.10 ? 283 HOH B O     1 
HETATM 545 O  O     . HOH G 3 . ? -11.390 -1.647  -4.009  0.60 47.85 ? 284 HOH B O     1 
HETATM 546 O  O     . HOH G 3 . ? -12.057 0.336   -4.382  0.37 34.17 ? 285 HOH B O     1 
HETATM 547 O  O     . HOH G 3 . ? -0.618  12.630  2.861   0.89 59.80 ? 286 HOH B O     1 
HETATM 548 O  O     A HOH G 3 . ? -10.961 -4.152  -8.163  0.54 20.04 ? 287 HOH B O     1 
HETATM 549 O  O     B HOH G 3 . ? -11.356 -4.960  -7.827  0.46 15.97 ? 287 HOH B O     1 
HETATM 550 O  O     . HOH G 3 . ? -12.576 -3.429  -5.614  0.35 27.67 ? 288 HOH B O     1 
# 
loop_
_atom_site_anisotrop.id 
_atom_site_anisotrop.type_symbol 
_atom_site_anisotrop.pdbx_label_atom_id 
_atom_site_anisotrop.pdbx_label_alt_id 
_atom_site_anisotrop.pdbx_label_comp_id 
_atom_site_anisotrop.pdbx_label_asym_id 
_atom_site_anisotrop.pdbx_label_seq_id 
_atom_site_anisotrop.pdbx_PDB_ins_code 
_atom_site_anisotrop.U[1][1] 
_atom_site_anisotrop.U[2][2] 
_atom_site_anisotrop.U[3][3] 
_atom_site_anisotrop.U[1][2] 
_atom_site_anisotrop.U[1][3] 
_atom_site_anisotrop.U[2][3] 
_atom_site_anisotrop.pdbx_auth_seq_id 
_atom_site_anisotrop.pdbx_auth_comp_id 
_atom_site_anisotrop.pdbx_auth_asym_id 
_atom_site_anisotrop.pdbx_auth_atom_id 
1   O  "O5'" . DC  A 1 ? 0.1560 0.0799 0.1398 0.0273  -0.0002 -0.0210 1   DC  A "O5'" 
2   C  "C5'" . DC  A 1 ? 0.1118 0.0880 0.1070 0.0112  0.0115  -0.0087 1   DC  A "C5'" 
3   C  "C4'" . DC  A 1 ? 0.1083 0.0706 0.0916 -0.0045 0.0209  -0.0102 1   DC  A "C4'" 
4   O  "O4'" . DC  A 1 ? 0.0984 0.0962 0.0725 -0.0022 0.0038  -0.0100 1   DC  A "O4'" 
5   C  "C3'" A DC  A 1 ? 0.1042 0.0740 0.0687 0.0399  0.0234  -0.0451 1   DC  A "C3'" 
6   C  "C3'" B DC  A 1 ? 0.1493 0.0659 0.1081 -0.0021 0.0098  0.0180  1   DC  A "C3'" 
7   O  "O3'" A DC  A 1 ? 0.2437 0.0719 0.1167 0.1033  0.0184  -0.0421 1   DC  A "O3'" 
8   O  "O3'" B DC  A 1 ? 0.0863 0.0739 0.1076 -0.0040 0.0030  0.0026  1   DC  A "O3'" 
9   C  "C2'" . DC  A 1 ? 0.1425 0.0890 0.0778 0.0152  -0.0089 -0.0049 1   DC  A "C2'" 
10  C  "C1'" . DC  A 1 ? 0.1033 0.0739 0.0930 0.0095  -0.0106 -0.0120 1   DC  A "C1'" 
11  N  N1    . DC  A 1 ? 0.0994 0.0901 0.0915 0.0113  -0.0107 -0.0213 1   DC  A N1    
12  C  C2    . DC  A 1 ? 0.0931 0.1117 0.0931 -0.0016 -0.0049 -0.0263 1   DC  A C2    
13  O  O2    . DC  A 1 ? 0.1092 0.1478 0.1198 0.0253  -0.0203 -0.0008 1   DC  A O2    
14  N  N3    . DC  A 1 ? 0.1029 0.1335 0.0931 0.0046  -0.0035 -0.0287 1   DC  A N3    
15  C  C4    . DC  A 1 ? 0.1222 0.1113 0.1155 -0.0179 0.0059  -0.0439 1   DC  A C4    
16  N  N4    . DC  A 1 ? 0.1419 0.1463 0.1350 -0.0370 0.0124  -0.0358 1   DC  A N4    
17  C  C5    . DC  A 1 ? 0.1252 0.0928 0.1391 -0.0035 -0.0094 -0.0125 1   DC  A C5    
18  C  C6    . DC  A 1 ? 0.1099 0.0739 0.1312 0.0034  -0.0139 -0.0110 1   DC  A C6    
19  P  P     A DG  A 2 ? 0.4107 0.1683 0.0910 0.0447  -0.0294 0.0270  2   DG  A P     
20  P  P     B DG  A 2 ? 0.0664 0.0568 0.0873 0.0042  -0.0061 0.0014  2   DG  A P     
21  O  OP1   A DG  A 2 ? 0.3586 0.2149 0.1404 -0.0247 0.0363  -0.0067 2   DG  A OP1   
22  O  OP1   B DG  A 2 ? 0.0877 0.0687 0.0769 0.0046  -0.0038 0.0023  2   DG  A OP1   
23  O  OP2   A DG  A 2 ? 0.3988 0.1038 0.3629 0.0012  -0.0764 0.0930  2   DG  A OP2   
24  O  OP2   B DG  A 2 ? 0.0670 0.0591 0.1430 0.0026  -0.0152 0.0018  2   DG  A OP2   
25  O  "O5'" A DG  A 2 ? 0.3659 0.2168 0.1418 -0.0121 0.0330  -0.0121 2   DG  A "O5'" 
26  O  "O5'" B DG  A 2 ? 0.0692 0.0689 0.0743 0.0106  0.0039  -0.0081 2   DG  A "O5'" 
27  C  "C5'" A DG  A 2 ? 0.2562 0.1271 0.1163 0.0461  -0.0203 0.0156  2   DG  A "C5'" 
28  C  "C5'" B DG  A 2 ? 0.0716 0.0637 0.0776 0.0046  0.0079  -0.0071 2   DG  A "C5'" 
29  C  "C4'" A DG  A 2 ? 0.1478 0.0600 0.1545 0.0503  0.0397  -0.0326 2   DG  A "C4'" 
30  C  "C4'" B DG  A 2 ? 0.0652 0.0735 0.0782 -0.0009 0.0072  -0.0080 2   DG  A "C4'" 
31  O  "O4'" A DG  A 2 ? 0.0941 0.0631 0.1234 -0.0020 0.0267  -0.0049 2   DG  A "O4'" 
32  O  "O4'" B DG  A 2 ? 0.0741 0.0776 0.0773 0.0100  0.0052  -0.0117 2   DG  A "O4'" 
33  C  "C3'" A DG  A 2 ? 0.0947 0.0811 0.1333 -0.0249 0.0400  -0.0321 2   DG  A "C3'" 
34  C  "C3'" B DG  A 2 ? 0.0843 0.0730 0.0717 -0.0072 0.0140  -0.0112 2   DG  A "C3'" 
35  O  "O3'" A DG  A 2 ? 0.1968 0.0571 0.1205 -0.0059 0.0744  -0.0349 2   DG  A "O3'" 
36  O  "O3'" B DG  A 2 ? 0.0894 0.0803 0.0646 -0.0157 0.0152  -0.0089 2   DG  A "O3'" 
37  C  "C2'" A DG  A 2 ? 0.2086 0.0694 0.1660 0.0270  0.0090  -0.0371 2   DG  A "C2'" 
38  C  "C2'" B DG  A 2 ? 0.0941 0.0948 0.0756 -0.0086 0.0011  -0.0044 2   DG  A "C2'" 
39  C  "C1'" A DG  A 2 ? 0.1337 0.0799 0.0953 -0.0150 0.0455  -0.0326 2   DG  A "C1'" 
40  C  "C1'" B DG  A 2 ? 0.0813 0.0915 0.0764 0.0040  0.0022  -0.0034 2   DG  A "C1'" 
41  N  N9    A DG  A 2 ? 0.0840 0.0946 0.0736 -0.0073 0.0133  -0.0240 2   DG  A N9    
42  N  N9    B DG  A 2 ? 0.1004 0.0851 0.0793 0.0117  -0.0080 -0.0056 2   DG  A N9    
43  C  C8    A DG  A 2 ? 0.0905 0.0749 0.1295 -0.0125 -0.0069 -0.0308 2   DG  A C8    
44  C  C8    B DG  A 2 ? 0.1240 0.1015 0.1144 0.0267  -0.0078 0.0053  2   DG  A C8    
45  N  N7    A DG  A 2 ? 0.0857 0.1162 0.0994 -0.0036 -0.0011 0.0080  2   DG  A N7    
46  N  N7    B DG  A 2 ? 0.1356 0.0960 0.1114 0.0281  -0.0032 0.0090  2   DG  A N7    
47  C  C5    A DG  A 2 ? 0.0840 0.0978 0.0912 0.0044  -0.0019 -0.0164 2   DG  A C5    
48  C  C5    B DG  A 2 ? 0.1148 0.0807 0.0862 0.0079  0.0136  -0.0040 2   DG  A C5    
49  C  C6    A DG  A 2 ? 0.0852 0.0683 0.0841 0.0141  -0.0051 -0.0226 2   DG  A C6    
50  C  C6    B DG  A 2 ? 0.1306 0.0686 0.0723 -0.0012 0.0157  -0.0067 2   DG  A C6    
51  O  O6    A DG  A 2 ? 0.0969 0.0822 0.1115 0.0133  -0.0119 -0.0120 2   DG  A O6    
52  O  O6    B DG  A 2 ? 0.1567 0.0672 0.0899 -0.0077 0.0170  -0.0008 2   DG  A O6    
53  N  N1    A DG  A 2 ? 0.0906 0.0669 0.0729 0.0161  0.0135  -0.0182 2   DG  A N1    
54  N  N1    B DG  A 2 ? 0.1027 0.0739 0.0756 -0.0115 0.0191  -0.0158 2   DG  A N1    
55  C  C2    A DG  A 2 ? 0.0865 0.0517 0.0656 0.0026  0.0034  -0.0280 2   DG  A C2    
56  C  C2    B DG  A 2 ? 0.0931 0.0714 0.0739 -0.0007 0.0119  -0.0097 2   DG  A C2    
57  N  N2    A DG  A 2 ? 0.0944 0.0576 0.0886 0.0159  0.0191  -0.0060 2   DG  A N2    
58  N  N2    B DG  A 2 ? 0.0837 0.0721 0.1089 0.0003  0.0138  -0.0216 2   DG  A N2    
59  N  N3    A DG  A 2 ? 0.0910 0.1017 0.1275 -0.0058 0.0001  0.0109  2   DG  A N3    
60  N  N3    B DG  A 2 ? 0.0876 0.0689 0.0673 -0.0046 0.0135  -0.0193 2   DG  A N3    
61  C  C4    A DG  A 2 ? 0.0838 0.0824 0.1220 0.0041  0.0155  -0.0308 2   DG  A C4    
62  C  C4    B DG  A 2 ? 0.0968 0.0763 0.0710 0.0054  0.0071  -0.0107 2   DG  A C4    
63  P  P     A DC  A 3 ? 0.1158 0.0776 0.0949 0.0044  0.0310  -0.0121 3   DC  A P     
64  P  P     B DC  A 3 ? 0.1019 0.0684 0.0611 -0.0172 0.0080  -0.0068 3   DC  A P     
65  O  OP1   A DC  A 3 ? 0.0976 0.1334 0.1342 -0.0696 0.0609  -0.0660 3   DC  A OP1   
66  O  OP1   B DC  A 3 ? 0.1265 0.0930 0.0782 -0.0147 0.0008  -0.0013 3   DC  A OP1   
67  O  OP2   A DC  A 3 ? 0.2898 0.0793 0.1487 0.0533  0.0669  0.0118  3   DC  A OP2   
68  O  OP2   B DC  A 3 ? 0.1360 0.0678 0.0784 -0.0247 -0.0059 -0.0011 3   DC  A OP2   
69  O  "O5'" A DC  A 3 ? 0.0936 0.0559 0.0495 -0.0084 0.0315  -0.0362 3   DC  A "O5'" 
70  O  "O5'" B DC  A 3 ? 0.1149 0.0745 0.0823 -0.0167 0.0349  -0.0126 3   DC  A "O5'" 
71  C  "C5'" A DC  A 3 ? 0.0736 0.0436 0.0696 0.0125  0.0136  -0.0158 3   DC  A "C5'" 
72  C  "C5'" B DC  A 3 ? 0.1242 0.0582 0.0868 0.0186  0.0210  -0.0075 3   DC  A "C5'" 
73  C  "C4'" A DC  A 3 ? 0.0630 0.0495 0.0644 0.0120  0.0170  -0.0073 3   DC  A "C4'" 
74  C  "C4'" B DC  A 3 ? 0.1090 0.0804 0.0796 0.0202  0.0069  -0.0068 3   DC  A "C4'" 
75  O  "O4'" A DC  A 3 ? 0.0661 0.0515 0.0784 0.0118  -0.0032 -0.0069 3   DC  A "O4'" 
76  O  "O4'" B DC  A 3 ? 0.0880 0.0708 0.0686 0.0069  0.0088  -0.0092 3   DC  A "O4'" 
77  C  "C3'" A DC  A 3 ? 0.0578 0.0549 0.0675 0.0189  0.0245  0.0026  3   DC  A "C3'" 
78  C  "C3'" B DC  A 3 ? 0.1227 0.1315 0.0820 0.0337  -0.0146 -0.0060 3   DC  A "C3'" 
79  O  "O3'" A DC  A 3 ? 0.0533 0.0519 0.0529 0.0112  0.0236  0.0175  3   DC  A "O3'" 
80  O  "O3'" B DC  A 3 ? 0.1381 0.2044 0.1323 0.0693  -0.0372 -0.0518 3   DC  A "O3'" 
81  C  "C2'" A DC  A 3 ? 0.0945 0.0490 0.0609 0.0235  0.0035  -0.0063 3   DC  A "C2'" 
82  C  "C2'" B DC  A 3 ? 0.0845 0.1294 0.0824 -0.0060 -0.0001 -0.0234 3   DC  A "C2'" 
83  C  "C1'" A DC  A 3 ? 0.0575 0.0357 0.0680 0.0182  0.0075  0.0022  3   DC  A "C1'" 
84  C  "C1'" B DC  A 3 ? 0.0777 0.0987 0.0753 -0.0032 0.0082  -0.0165 3   DC  A "C1'" 
85  N  N1    A DC  A 3 ? 0.0422 0.0405 0.0594 0.0171  0.0094  0.0018  3   DC  A N1    
86  N  N1    B DC  A 3 ? 0.0990 0.0777 0.0843 -0.0010 0.0178  -0.0168 3   DC  A N1    
87  C  C2    A DC  A 3 ? 0.0531 0.0425 0.0403 0.0148  0.0048  0.0038  3   DC  A C2    
88  C  C2    B DC  A 3 ? 0.1128 0.1054 0.0674 -0.0260 0.0135  -0.0066 3   DC  A C2    
89  O  O2    A DC  A 3 ? 0.0476 0.0452 0.0611 0.0130  -0.0004 0.0011  3   DC  A O2    
90  O  O2    B DC  A 3 ? 0.1152 0.1217 0.1051 -0.0289 0.0052  -0.0037 3   DC  A O2    
91  N  N3    A DC  A 3 ? 0.0492 0.0418 0.0569 0.0224  0.0038  0.0016  3   DC  A N3    
92  N  N3    B DC  A 3 ? 0.1475 0.0927 0.0617 -0.0200 0.0116  -0.0067 3   DC  A N3    
93  C  C4    A DC  A 3 ? 0.0548 0.0642 0.0397 0.0255  0.0042  0.0074  3   DC  A C4    
94  C  C4    B DC  A 3 ? 0.1526 0.0855 0.0595 -0.0043 0.0008  -0.0021 3   DC  A C4    
95  N  N4    A DC  A 3 ? 0.0647 0.0784 0.0673 0.0436  0.0085  0.0166  3   DC  A N4    
96  N  N4    B DC  A 3 ? 0.2137 0.0937 0.0673 0.0046  -0.0011 0.0055  3   DC  A N4    
97  C  C5    A DC  A 3 ? 0.0494 0.0757 0.0567 0.0240  0.0065  0.0050  3   DC  A C5    
98  C  C5    B DC  A 3 ? 0.1104 0.0922 0.0759 0.0057  0.0129  0.0056  3   DC  A C5    
99  C  C6    A DC  A 3 ? 0.0505 0.0599 0.0365 0.0137  0.0001  0.0005  3   DC  A C6    
100 C  C6    B DC  A 3 ? 0.0900 0.0981 0.0737 -0.0055 0.0045  0.0049  3   DC  A C6    
101 P  P     A DG  A 4 ? 0.0684 0.0682 0.0751 0.0206  0.0283  0.0283  4   DG  A P     
102 P  P     B DG  A 4 ? 0.3106 0.3370 0.1090 0.2287  -0.0546 -0.0557 4   DG  A P     
103 O  OP1   A DG  A 4 ? 0.1060 0.0935 0.1011 0.0312  0.0550  0.0449  4   DG  A OP1   
104 O  OP1   B DG  A 4 ? 0.4969 0.4214 0.0767 0.3394  -0.0306 -0.0113 4   DG  A OP1   
105 O  OP2   A DG  A 4 ? 0.0790 0.0823 0.0688 0.0377  0.0179  0.0242  4   DG  A OP2   
106 O  OP2   B DG  A 4 ? 0.2989 0.5097 0.1975 0.2788  -0.1123 -0.1080 4   DG  A OP2   
107 O  "O5'" A DG  A 4 ? 0.0844 0.0683 0.1113 -0.0026 0.0567  0.0199  4   DG  A "O5'" 
108 O  "O5'" B DG  A 4 ? 0.3621 0.2162 0.0793 0.2090  -0.0052 0.0094  4   DG  A "O5'" 
109 C  "C5'" A DG  A 4 ? 0.1814 0.2417 0.1247 -0.0673 0.0945  -0.0482 4   DG  A "C5'" 
110 C  "C5'" B DG  A 4 ? 0.2073 0.1435 0.0954 0.1296  -0.0154 -0.0058 4   DG  A "C5'" 
111 C  "C4'" A DG  A 4 ? 0.1598 0.0284 0.1292 0.0159  0.0602  0.0119  4   DG  A "C4'" 
112 C  "C4'" B DG  A 4 ? 0.2090 0.0757 0.1009 0.0702  0.0525  0.0402  4   DG  A "C4'" 
113 O  "O4'" . DG  A 4 ? 0.1941 0.1053 0.1161 0.0557  0.0720  0.0233  4   DG  A "O4'" 
114 C  "C3'" A DG  A 4 ? 0.1635 0.1952 0.1201 0.0778  0.0319  -0.0312 4   DG  A "C3'" 
115 C  "C3'" B DG  A 4 ? 0.1591 0.0480 0.1108 0.0344  0.0506  0.0217  4   DG  A "C3'" 
116 O  "O3'" A DG  A 4 ? 0.1683 0.0741 0.0854 0.0312  0.0476  0.0148  4   DG  A "O3'" 
117 O  "O3'" B DG  A 4 ? 0.2115 0.0846 0.1277 0.0780  0.0674  0.0375  4   DG  A "O3'" 
118 C  "C2'" A DG  A 4 ? 0.1609 0.1685 0.1421 0.0548  0.0345  -0.0515 4   DG  A "C2'" 
119 C  "C2'" B DG  A 4 ? 0.1726 0.0600 0.1150 0.0104  0.0551  -0.0010 4   DG  A "C2'" 
120 C  "C1'" . DG  A 4 ? 0.1629 0.0724 0.1436 0.0113  0.0718  0.0111  4   DG  A "C1'" 
121 N  N9    . DG  A 4 ? 0.1201 0.0714 0.1201 -0.0050 0.0448  -0.0056 4   DG  A N9    
122 C  C8    . DG  A 4 ? 0.1336 0.0958 0.1207 -0.0230 0.0489  -0.0219 4   DG  A C8    
123 N  N7    . DG  A 4 ? 0.0999 0.1199 0.0917 -0.0193 0.0224  -0.0202 4   DG  A N7    
124 C  C5    . DG  A 4 ? 0.0822 0.0917 0.0673 -0.0063 0.0115  -0.0081 4   DG  A C5    
125 C  C6    . DG  A 4 ? 0.0758 0.0906 0.0590 0.0130  0.0091  -0.0035 4   DG  A C6    
126 O  O6    . DG  A 4 ? 0.0829 0.1072 0.0779 0.0244  0.0081  0.0028  4   DG  A O6    
127 N  N1    . DG  A 4 ? 0.0785 0.0704 0.0629 0.0098  0.0122  0.0032  4   DG  A N1    
128 C  C2    . DG  A 4 ? 0.0773 0.0658 0.0648 0.0140  0.0145  -0.0003 4   DG  A C2    
129 N  N2    . DG  A 4 ? 0.0805 0.0610 0.0968 0.0138  0.0158  0.0022  4   DG  A N2    
130 N  N3    . DG  A 4 ? 0.0910 0.0626 0.0708 0.0100  0.0171  -0.0002 4   DG  A N3    
131 C  C4    . DG  A 4 ? 0.0944 0.0735 0.0735 0.0017  0.0218  -0.0065 4   DG  A C4    
132 P  P     A DC  A 5 ? 0.1355 0.0913 0.0871 0.0592  0.0228  0.0220  5   DC  A P     
133 P  P     B DC  A 5 ? 0.3378 0.1057 0.1646 0.0786  0.1268  0.0525  5   DC  A P     
134 O  OP1   A DC  A 5 ? 0.2049 0.1292 0.1202 0.1114  0.0560  0.0518  5   DC  A OP1   
135 O  OP1   B DC  A 5 ? 0.5150 0.1220 0.3011 -0.0398 0.0197  -0.0605 5   DC  A OP1   
136 O  OP2   A DC  A 5 ? 0.1174 0.1406 0.1358 0.0390  -0.0129 -0.0049 5   DC  A OP2   
137 O  OP2   B DC  A 5 ? 0.4859 0.1200 0.2508 0.1824  0.2388  0.1304  5   DC  A OP2   
138 O  "O5'" A DC  A 5 ? 0.0969 0.0639 0.0772 0.0239  0.0183  0.0086  5   DC  A "O5'" 
139 O  "O5'" B DC  A 5 ? 0.2513 0.1515 0.1532 0.1172  0.0907  0.0794  5   DC  A "O5'" 
140 C  "C5'" A DC  A 5 ? 0.0751 0.0555 0.0835 0.0167  0.0109  0.0041  5   DC  A "C5'" 
141 C  "C5'" B DC  A 5 ? 0.1500 0.0445 0.0589 0.0319  -0.0038 -0.0029 5   DC  A "C5'" 
142 C  "C4'" A DC  A 5 ? 0.0624 0.0514 0.0731 0.0168  0.0059  0.0009  5   DC  A "C4'" 
143 C  "C4'" B DC  A 5 ? 0.0960 0.0388 0.0858 0.0173  -0.0324 0.0062  5   DC  A "C4'" 
144 O  "O4'" . DC  A 5 ? 0.0698 0.0480 0.0713 0.0149  -0.0052 -0.0038 5   DC  A "O4'" 
145 C  "C3'" . DC  A 5 ? 0.0710 0.0529 0.0712 0.0140  -0.0064 0.0007  5   DC  A "C3'" 
146 O  "O3'" . DC  A 5 ? 0.0672 0.0511 0.0888 0.0132  -0.0097 0.0009  5   DC  A "O3'" 
147 C  "C2'" . DC  A 5 ? 0.0738 0.0577 0.0759 0.0159  -0.0083 -0.0058 5   DC  A "C2'" 
148 C  "C1'" . DC  A 5 ? 0.0693 0.0445 0.0631 0.0146  -0.0012 -0.0016 5   DC  A "C1'" 
149 N  N1    . DC  A 5 ? 0.0654 0.0487 0.0609 0.0140  -0.0010 0.0029  5   DC  A N1    
150 C  C2    . DC  A 5 ? 0.0628 0.0468 0.0610 0.0104  -0.0057 0.0020  5   DC  A C2    
151 O  O2    . DC  A 5 ? 0.0592 0.0502 0.0917 0.0119  0.0013  0.0093  5   DC  A O2    
152 N  N3    . DC  A 5 ? 0.0630 0.0494 0.0632 0.0099  -0.0053 0.0020  5   DC  A N3    
153 C  C4    . DC  A 5 ? 0.0635 0.0578 0.0546 0.0075  -0.0039 -0.0018 5   DC  A C4    
154 N  N4    . DC  A 5 ? 0.0638 0.0550 0.0743 0.0060  -0.0029 0.0025  5   DC  A N4    
155 C  C5    . DC  A 5 ? 0.0668 0.0510 0.0713 0.0039  0.0030  0.0019  5   DC  A C5    
156 C  C6    . DC  A 5 ? 0.0725 0.0481 0.0679 0.0125  0.0016  0.0020  5   DC  A C6    
157 P  P     . DG  A 6 ? 0.0664 0.0558 0.0962 0.0055  -0.0202 0.0004  6   DG  A P     
158 O  OP1   . DG  A 6 ? 0.1000 0.0907 0.1070 -0.0073 -0.0430 0.0013  6   DG  A OP1   
159 O  OP2   . DG  A 6 ? 0.0705 0.0631 0.1151 0.0010  -0.0127 -0.0027 6   DG  A OP2   
160 O  "O5'" . DG  A 6 ? 0.0608 0.0530 0.1036 0.0153  -0.0201 0.0018  6   DG  A "O5'" 
161 C  "C5'" . DG  A 6 ? 0.0507 0.0524 0.0951 0.0097  -0.0066 0.0100  6   DG  A "C5'" 
162 C  "C4'" . DG  A 6 ? 0.0531 0.0560 0.0910 0.0164  -0.0111 0.0062  6   DG  A "C4'" 
163 O  "O4'" . DG  A 6 ? 0.0612 0.0523 0.0714 0.0093  -0.0149 0.0066  6   DG  A "O4'" 
164 C  "C3'" . DG  A 6 ? 0.0685 0.0753 0.0836 0.0222  0.0028  0.0132  6   DG  A "C3'" 
165 O  "O3'" . DG  A 6 ? 0.0825 0.0967 0.1194 0.0077  0.0236  0.0084  6   DG  A "O3'" 
166 C  "C2'" . DG  A 6 ? 0.0576 0.0812 0.0804 0.0188  -0.0074 -0.0043 6   DG  A "C2'" 
167 C  "C1'" . DG  A 6 ? 0.0558 0.0489 0.0799 0.0159  -0.0131 0.0019  6   DG  A "C1'" 
168 N  N9    . DG  A 6 ? 0.0557 0.0451 0.0711 0.0138  -0.0114 -0.0001 6   DG  A N9    
169 C  C8    . DG  A 6 ? 0.0684 0.0468 0.0767 0.0119  -0.0071 0.0010  6   DG  A C8    
170 N  N7    . DG  A 6 ? 0.0659 0.0473 0.0808 0.0076  -0.0025 -0.0013 6   DG  A N7    
171 C  C5    . DG  A 6 ? 0.0572 0.0459 0.0695 0.0094  -0.0064 -0.0029 6   DG  A C5    
172 C  C6    . DG  A 6 ? 0.0552 0.0525 0.0722 0.0079  -0.0081 -0.0062 6   DG  A C6    
173 O  O6    . DG  A 6 ? 0.0527 0.0623 0.1012 0.0085  0.0016  0.0039  6   DG  A O6    
174 N  N1    . DG  A 6 ? 0.0520 0.0498 0.0711 0.0169  -0.0085 0.0012  6   DG  A N1    
175 C  C2    . DG  A 6 ? 0.0538 0.0510 0.0657 0.0130  -0.0083 0.0017  6   DG  A C2    
176 N  N2    . DG  A 6 ? 0.0543 0.0506 0.0951 0.0143  -0.0070 0.0123  6   DG  A N2    
177 N  N3    . DG  A 6 ? 0.0508 0.0462 0.0672 0.0118  -0.0085 0.0011  6   DG  A N3    
178 C  C4    . DG  A 6 ? 0.0557 0.0472 0.0597 0.0136  -0.0075 -0.0036 6   DG  A C4    
179 O  "O5'" . DC  B 1 ? 0.1013 0.1064 0.0860 0.0212  -0.0268 -0.0013 7   DC  B "O5'" 
180 C  "C5'" . DC  B 1 ? 0.0892 0.0668 0.0901 0.0305  -0.0102 0.0035  7   DC  B "C5'" 
181 C  "C4'" . DC  B 1 ? 0.0766 0.0492 0.0863 0.0214  -0.0055 -0.0061 7   DC  B "C4'" 
182 O  "O4'" . DC  B 1 ? 0.0835 0.0562 0.0741 0.0332  -0.0092 -0.0076 7   DC  B "O4'" 
183 C  "C3'" A DC  B 1 ? 0.0891 0.0623 0.0759 0.0203  -0.0093 -0.0057 7   DC  B "C3'" 
184 C  "C3'" B DC  B 1 ? 0.1119 0.0506 0.1339 0.0223  0.0453  -0.0099 7   DC  B "C3'" 
185 O  "O3'" A DC  B 1 ? 0.0804 0.0598 0.0735 0.0222  -0.0073 0.0005  7   DC  B "O3'" 
186 O  "O3'" B DC  B 1 ? 0.1253 0.0751 0.2951 0.0026  0.1019  -0.0452 7   DC  B "O3'" 
187 C  "C2'" . DC  B 1 ? 0.0902 0.0596 0.0904 0.0279  -0.0011 -0.0148 7   DC  B "C2'" 
188 C  "C1'" . DC  B 1 ? 0.0709 0.0531 0.0821 0.0257  -0.0129 -0.0130 7   DC  B "C1'" 
189 N  N1    . DC  B 1 ? 0.0664 0.0535 0.0764 0.0267  -0.0207 -0.0125 7   DC  B N1    
190 C  C2    . DC  B 1 ? 0.0603 0.0520 0.0806 0.0203  -0.0174 -0.0136 7   DC  B C2    
191 O  O2    . DC  B 1 ? 0.0619 0.0507 0.1166 0.0207  -0.0145 -0.0072 7   DC  B O2    
192 N  N3    . DC  B 1 ? 0.0600 0.0565 0.0733 0.0226  -0.0159 -0.0090 7   DC  B N3    
193 C  C4    . DC  B 1 ? 0.0594 0.0624 0.0653 0.0171  -0.0174 -0.0112 7   DC  B C4    
194 N  N4    . DC  B 1 ? 0.0587 0.0686 0.0825 0.0164  -0.0147 -0.0127 7   DC  B N4    
195 C  C5    . DC  B 1 ? 0.0572 0.0736 0.0739 0.0226  -0.0186 -0.0155 7   DC  B C5    
196 C  C6    . DC  B 1 ? 0.0642 0.0633 0.0740 0.0278  -0.0193 -0.0145 7   DC  B C6    
197 P  P     A DG  B 2 ? 0.0822 0.0678 0.0708 0.0231  0.0091  0.0081  8   DG  B P     
198 P  P     B DG  B 2 ? 0.1943 0.0763 0.2910 -0.0164 0.1430  -0.0620 8   DG  B P     
199 O  OP1   A DG  B 2 ? 0.1243 0.0914 0.0737 0.0239  0.0211  0.0066  8   DG  B OP1   
200 O  OP1   B DG  B 2 ? 0.4223 0.1379 0.1963 0.0052  0.1604  -0.0772 8   DG  B OP1   
201 O  OP2   A DG  B 2 ? 0.0745 0.0840 0.0932 0.0193  0.0205  0.0179  8   DG  B OP2   
202 O  OP2   B DG  B 2 ? 0.1933 0.1253 0.5088 -0.0132 0.2256  -0.0797 8   DG  B OP2   
203 O  "O5'" A DG  B 2 ? 0.0751 0.0570 0.0695 0.0156  0.0000  0.0120  8   DG  B "O5'" 
204 O  "O5'" B DG  B 2 ? 0.1246 0.0629 0.1431 0.0090  0.0605  -0.0211 8   DG  B "O5'" 
205 C  "C5'" A DG  B 2 ? 0.0717 0.0437 0.0582 0.0104  0.0009  0.0145  8   DG  B "C5'" 
206 C  "C5'" B DG  B 2 ? 0.1120 0.0480 0.1291 0.0283  0.0410  0.0473  8   DG  B "C5'" 
207 C  "C4'" A DG  B 2 ? 0.0726 0.0641 0.0677 0.0187  -0.0102 0.0084  8   DG  B "C4'" 
208 C  "C4'" B DG  B 2 ? 0.0857 0.0205 0.0849 0.0029  0.0110  0.0044  8   DG  B "C4'" 
209 O  "O4'" . DG  B 2 ? 0.0712 0.0558 0.0683 0.0145  -0.0076 0.0019  8   DG  B "O4'" 
210 C  "C3'" A DG  B 2 ? 0.0898 0.0817 0.0679 0.0037  -0.0141 -0.0033 8   DG  B "C3'" 
211 C  "C3'" B DG  B 2 ? 0.0570 0.0145 0.0962 0.0043  -0.0153 0.0206  8   DG  B "C3'" 
212 O  "O3'" A DG  B 2 ? 0.1078 0.0836 0.0929 -0.0083 -0.0107 -0.0052 8   DG  B "O3'" 
213 O  "O3'" B DG  B 2 ? 0.0655 0.0204 0.0626 0.0011  -0.0107 0.0178  8   DG  B "O3'" 
214 C  "C2'" A DG  B 2 ? 0.0939 0.0499 0.0879 0.0185  -0.0018 -0.0083 8   DG  B "C2'" 
215 C  "C2'" B DG  B 2 ? 0.0812 0.0705 0.0566 -0.0049 -0.0065 0.0134  8   DG  B "C2'" 
216 C  "C1'" . DG  B 2 ? 0.0689 0.0522 0.0736 0.0231  -0.0049 0.0057  8   DG  B "C1'" 
217 N  N9    . DG  B 2 ? 0.0622 0.0525 0.0687 0.0190  -0.0080 0.0031  8   DG  B N9    
218 C  C8    . DG  B 2 ? 0.0589 0.0651 0.0746 0.0234  -0.0077 0.0045  8   DG  B C8    
219 N  N7    . DG  B 2 ? 0.0574 0.0651 0.0753 0.0203  -0.0056 0.0033  8   DG  B N7    
220 C  C5    . DG  B 2 ? 0.0562 0.0561 0.0633 0.0149  -0.0094 0.0027  8   DG  B C5    
221 C  C6    . DG  B 2 ? 0.0529 0.0549 0.0634 0.0136  -0.0086 0.0023  8   DG  B C6    
222 O  O6    . DG  B 2 ? 0.0539 0.0585 0.0773 0.0089  -0.0051 0.0065  8   DG  B O6    
223 N  N1    . DG  B 2 ? 0.0544 0.0495 0.0641 0.0123  -0.0094 0.0053  8   DG  B N1    
224 C  C2    . DG  B 2 ? 0.0538 0.0508 0.0605 0.0126  -0.0137 0.0005  8   DG  B C2    
225 N  N2    . DG  B 2 ? 0.0506 0.0468 0.0853 0.0096  -0.0148 0.0070  8   DG  B N2    
226 N  N3    . DG  B 2 ? 0.0569 0.0478 0.0632 0.0120  -0.0128 -0.0004 8   DG  B N3    
227 C  C4    . DG  B 2 ? 0.0587 0.0490 0.0606 0.0174  -0.0118 -0.0001 8   DG  B C4    
228 P  P     A DC  B 3 ? 0.1245 0.0628 0.0766 -0.0190 -0.0012 -0.0039 9   DC  B P     
229 P  P     B DC  B 3 ? 0.0935 0.1109 0.1126 -0.0198 -0.0414 0.0422  9   DC  B P     
230 O  OP1   A DC  B 3 ? 0.1851 0.1221 0.1155 -0.0584 0.0517  -0.0544 9   DC  B OP1   
231 O  OP1   B DC  B 3 ? 0.1455 0.1599 0.1348 -0.0803 -0.0728 0.0880  9   DC  B OP1   
232 O  OP2   A DC  B 3 ? 0.1141 0.0664 0.0969 -0.0118 -0.0192 0.0063  9   DC  B OP2   
233 O  OP2   B DC  B 3 ? 0.1230 0.2220 0.1279 0.0741  -0.0247 0.0196  9   DC  B OP2   
234 O  "O5'" A DC  B 3 ? 0.1834 0.0811 0.0820 -0.0361 -0.0466 0.0221  9   DC  B "O5'" 
235 O  "O5'" B DC  B 3 ? 0.1823 0.0561 0.0959 -0.0345 -0.0433 0.0168  9   DC  B "O5'" 
236 C  "C5'" A DC  B 3 ? 0.2142 0.0840 0.0764 -0.0485 -0.0497 0.0097  9   DC  B "C5'" 
237 C  "C5'" B DC  B 3 ? 0.2422 0.0818 0.1144 -0.0573 -0.0762 0.0351  9   DC  B "C5'" 
238 C  "C4'" A DC  B 3 ? 0.1730 0.1003 0.0831 -0.0447 -0.0505 0.0155  9   DC  B "C4'" 
239 C  "C4'" B DC  B 3 ? 0.2060 0.0670 0.0793 -0.0242 -0.0166 0.0211  9   DC  B "C4'" 
240 O  "O4'" . DC  B 3 ? 0.2269 0.0768 0.0677 -0.0393 -0.0113 0.0044  9   DC  B "O4'" 
241 C  "C3'" A DC  B 3 ? 0.1395 0.1070 0.0831 -0.0325 -0.0448 0.0173  9   DC  B "C3'" 
242 C  "C3'" B DC  B 3 ? 0.1924 0.1207 0.0697 -0.0545 -0.0188 -0.0070 9   DC  B "C3'" 
243 O  "O3'" A DC  B 3 ? 0.1512 0.1089 0.1434 -0.0365 -0.0528 0.0383  9   DC  B "O3'" 
244 O  "O3'" B DC  B 3 ? 0.1647 0.2398 0.0822 0.0131  -0.0301 -0.1131 9   DC  B "O3'" 
245 C  "C2'" . DC  B 3 ? 0.1386 0.0890 0.0744 -0.0133 -0.0184 0.0060  9   DC  B "C2'" 
246 C  "C1'" . DC  B 3 ? 0.1718 0.0702 0.0677 -0.0215 -0.0214 0.0090  9   DC  B "C1'" 
247 N  N1    . DC  B 3 ? 0.1595 0.0649 0.0575 -0.0018 -0.0051 0.0075  9   DC  B N1    
248 C  C2    . DC  B 3 ? 0.1392 0.0623 0.0538 -0.0052 -0.0031 0.0033  9   DC  B C2    
249 O  O2    . DC  B 3 ? 0.1186 0.0697 0.0812 -0.0035 -0.0076 0.0082  9   DC  B O2    
250 N  N3    . DC  B 3 ? 0.1283 0.0660 0.0585 0.0159  0.0101  0.0017  9   DC  B N3    
251 C  C4    . DC  B 3 ? 0.1414 0.0801 0.0560 0.0320  0.0245  0.0069  9   DC  B C4    
252 N  N4    . DC  B 3 ? 0.1389 0.0955 0.0758 0.0441  0.0251  0.0138  9   DC  B N4    
253 C  C5    . DC  B 3 ? 0.1797 0.0791 0.0612 0.0392  0.0209  0.0079  9   DC  B C5    
254 C  C6    . DC  B 3 ? 0.1902 0.0683 0.0661 0.0133  0.0150  0.0101  9   DC  B C6    
255 P  P     A DG  B 4 ? 0.1303 0.1043 0.0824 -0.0121 -0.0105 -0.0165 10  DG  B P     
256 P  P     B DG  B 4 ? 0.2348 0.2986 0.1673 -0.0655 -0.1156 -0.0195 10  DG  B P     
257 O  OP1   A DG  B 4 ? 0.1546 0.1014 0.1080 -0.0123 -0.0204 -0.0022 10  DG  B OP1   
258 O  OP1   B DG  B 4 ? 0.1388 0.4671 0.1547 -0.0277 -0.0713 0.0018  10  DG  B OP1   
259 O  OP2   A DG  B 4 ? 0.1719 0.1111 0.0707 -0.0127 -0.0428 -0.0086 10  DG  B OP2   
260 O  OP2   B DG  B 4 ? 0.2122 0.4561 0.1488 0.0611  -0.0941 -0.0475 10  DG  B OP2   
261 O  "O5'" A DG  B 4 ? 0.1154 0.1251 0.0911 -0.0238 0.0114  -0.0123 10  DG  B "O5'" 
262 O  "O5'" B DG  B 4 ? 0.1959 0.2720 0.1545 -0.1068 -0.0311 0.0239  10  DG  B "O5'" 
263 C  "C5'" A DG  B 4 ? 0.0872 0.1331 0.0901 -0.0207 -0.0058 -0.0180 10  DG  B "C5'" 
264 C  "C5'" B DG  B 4 ? 0.1835 0.2010 0.1654 -0.0482 -0.0193 0.0244  10  DG  B "C5'" 
265 C  "C4'" A DG  B 4 ? 0.0963 0.1391 0.0940 -0.0375 0.0036  -0.0196 10  DG  B "C4'" 
266 C  "C4'" B DG  B 4 ? 0.1464 0.1782 0.1552 -0.0806 0.0012  0.0620  10  DG  B "C4'" 
267 O  "O4'" A DG  B 4 ? 0.1281 0.1104 0.0869 -0.0358 0.0170  0.0002  10  DG  B "O4'" 
268 O  "O4'" B DG  B 4 ? 0.1398 0.1802 0.1692 -0.0733 -0.0177 0.0198  10  DG  B "O4'" 
269 C  "C3'" A DG  B 4 ? 0.0979 0.1530 0.0899 -0.0584 -0.0031 -0.0259 10  DG  B "C3'" 
270 C  "C3'" B DG  B 4 ? 0.1109 0.2338 0.1680 -0.0556 -0.0054 0.0026  10  DG  B "C3'" 
271 O  "O3'" A DG  B 4 ? 0.1113 0.2101 0.1592 -0.0640 -0.0479 -0.0384 10  DG  B "O3'" 
272 O  "O3'" B DG  B 4 ? 0.1049 0.3103 0.2069 -0.0908 -0.0283 0.0086  10  DG  B "O3'" 
273 C  "C2'" A DG  B 4 ? 0.1365 0.1527 0.0988 -0.0620 0.0136  -0.0451 10  DG  B "C2'" 
274 C  "C2'" B DG  B 4 ? 0.1856 0.1884 0.1818 -0.0543 -0.0549 0.0068  10  DG  B "C2'" 
275 C  "C1'" A DG  B 4 ? 0.1329 0.1085 0.1171 -0.0527 0.0130  -0.0300 10  DG  B "C1'" 
276 C  "C1'" B DG  B 4 ? 0.1671 0.1914 0.1441 -0.0773 -0.0345 -0.0001 10  DG  B "C1'" 
277 N  N9    A DG  B 4 ? 0.1352 0.0862 0.1055 -0.0381 0.0158  -0.0157 10  DG  B N9    
278 N  N9    B DG  B 4 ? 0.1669 0.1334 0.1350 -0.0583 -0.0252 0.0029  10  DG  B N9    
279 C  C8    A DG  B 4 ? 0.1677 0.0791 0.1203 -0.0249 0.0051  -0.0077 10  DG  B C8    
280 C  C8    B DG  B 4 ? 0.1750 0.1218 0.1273 -0.0545 -0.0060 -0.0006 10  DG  B C8    
281 N  N7    A DG  B 4 ? 0.1560 0.0736 0.1241 -0.0154 0.0225  -0.0126 10  DG  B N7    
282 N  N7    B DG  B 4 ? 0.1688 0.1167 0.1219 -0.0429 -0.0041 0.0158  10  DG  B N7    
283 C  C5    A DG  B 4 ? 0.1162 0.0805 0.0911 -0.0082 0.0120  -0.0050 10  DG  B C5    
284 C  C5    B DG  B 4 ? 0.1523 0.1117 0.1084 -0.0397 -0.0013 0.0008  10  DG  B C5    
285 C  C6    A DG  B 4 ? 0.1054 0.0794 0.0789 -0.0026 0.0093  -0.0057 10  DG  B C6    
286 C  C6    B DG  B 4 ? 0.1388 0.1126 0.0633 -0.0382 0.0107  0.0094  10  DG  B C6    
287 O  O6    A DG  B 4 ? 0.1027 0.0820 0.1125 0.0054  -0.0013 -0.0031 10  DG  B O6    
288 O  O6    B DG  B 4 ? 0.1512 0.1100 0.0775 -0.0411 -0.0220 0.0147  10  DG  B O6    
289 N  N1    A DG  B 4 ? 0.0910 0.0762 0.0629 -0.0093 0.0002  -0.0059 10  DG  B N1    
290 N  N1    B DG  B 4 ? 0.1387 0.1150 0.0669 -0.0328 -0.0131 0.0010  10  DG  B N1    
291 C  C2    A DG  B 4 ? 0.0916 0.0869 0.0588 -0.0127 -0.0004 0.0012  10  DG  B C2    
292 C  C2    B DG  B 4 ? 0.1439 0.1241 0.0722 -0.0535 -0.0313 0.0136  10  DG  B C2    
293 N  N2    A DG  B 4 ? 0.0831 0.0891 0.0833 -0.0092 -0.0092 0.0107  10  DG  B N2    
294 N  N2    B DG  B 4 ? 0.1226 0.1414 0.0940 -0.0331 -0.0270 0.0154  10  DG  B N2    
295 N  N3    A DG  B 4 ? 0.0958 0.0859 0.0631 -0.0203 -0.0016 -0.0082 10  DG  B N3    
296 N  N3    B DG  B 4 ? 0.1336 0.1461 0.0896 -0.0553 -0.0201 0.0086  10  DG  B N3    
297 C  C4    A DG  B 4 ? 0.1144 0.0829 0.0726 -0.0227 0.0064  -0.0144 10  DG  B C4    
298 C  C4    B DG  B 4 ? 0.1430 0.1259 0.0870 -0.0508 -0.0132 0.0013  10  DG  B C4    
299 P  P     A DC  B 5 ? 0.1082 0.2462 0.1131 -0.0527 -0.0069 -0.0266 11  DC  B P     
300 P  P     B DC  B 5 ? 0.1697 0.3768 0.2300 -0.0727 -0.0590 0.0229  11  DC  B P     
301 O  OP1   A DC  B 5 ? 0.1125 0.2654 0.1343 -0.0312 -0.0115 -0.0512 11  DC  B OP1   
302 O  OP1   B DC  B 5 ? 0.6282 0.3957 0.2843 0.0557  -0.1409 -0.1053 11  DC  B OP1   
303 O  OP2   A DC  B 5 ? 0.1236 0.2199 0.1936 -0.0378 -0.0183 -0.0299 11  DC  B OP2   
304 O  OP2   B DC  B 5 ? 0.1869 0.7263 0.2732 -0.2366 -0.1005 0.1289  11  DC  B OP2   
305 O  "O5'" A DC  B 5 ? 0.1075 0.3635 0.1029 -0.0032 -0.0160 -0.0132 11  DC  B "O5'" 
306 O  "O5'" B DC  B 5 ? 0.0866 0.3852 0.1459 -0.0642 -0.0126 -0.0117 11  DC  B "O5'" 
307 C  "C5'" A DC  B 5 ? 0.1267 0.2197 0.1037 -0.0271 -0.0168 0.0009  11  DC  B "C5'" 
308 C  "C5'" B DC  B 5 ? 0.0842 0.3249 0.1075 -0.0432 -0.0157 -0.0645 11  DC  B "C5'" 
309 C  "C4'" A DC  B 5 ? 0.1200 0.1467 0.1346 -0.0154 -0.0304 0.0034  11  DC  B "C4'" 
310 C  "C4'" B DC  B 5 ? 0.1120 0.2409 0.0951 -0.0112 0.0042  -0.0811 11  DC  B "C4'" 
311 O  "O4'" A DC  B 5 ? 0.1310 0.1385 0.0905 -0.0168 -0.0148 -0.0242 11  DC  B "O4'" 
312 O  "O4'" B DC  B 5 ? 0.0978 0.2484 0.1484 -0.0373 0.0092  -0.0984 11  DC  B "O4'" 
313 C  "C3'" A DC  B 5 ? 0.1407 0.1472 0.1369 -0.0040 -0.0302 -0.0132 11  DC  B "C3'" 
314 C  "C3'" B DC  B 5 ? 0.1412 0.2779 0.1763 -0.0178 -0.0041 -0.1363 11  DC  B "C3'" 
315 O  "O3'" A DC  B 5 ? 0.1423 0.1331 0.2006 -0.0113 -0.0424 0.0127  11  DC  B "O3'" 
316 O  "O3'" B DC  B 5 ? 0.2342 0.2622 0.3408 -0.0790 -0.0995 -0.0541 11  DC  B "O3'" 
317 C  "C2'" A DC  B 5 ? 0.1519 0.1522 0.1286 0.0077  -0.0481 -0.0348 11  DC  B "C2'" 
318 C  "C2'" B DC  B 5 ? 0.1231 0.2123 0.2424 -0.0205 -0.0032 -0.1302 11  DC  B "C2'" 
319 C  "C1'" . DC  B 5 ? 0.1202 0.1484 0.0963 -0.0304 -0.0074 -0.0217 11  DC  B "C1'" 
320 N  N1    . DC  B 5 ? 0.1264 0.1209 0.0831 -0.0332 0.0071  -0.0246 11  DC  B N1    
321 C  C2    . DC  B 5 ? 0.1184 0.1152 0.0785 -0.0250 0.0058  -0.0179 11  DC  B C2    
322 O  O2    . DC  B 5 ? 0.1161 0.1138 0.1150 -0.0288 -0.0068 0.0048  11  DC  B O2    
323 N  N3    . DC  B 5 ? 0.1367 0.0988 0.0777 -0.0303 0.0063  -0.0109 11  DC  B N3    
324 C  C4    . DC  B 5 ? 0.1424 0.1056 0.0866 -0.0252 0.0078  -0.0105 11  DC  B C4    
325 N  N4    . DC  B 5 ? 0.1637 0.0926 0.1122 -0.0235 0.0192  -0.0036 11  DC  B N4    
326 C  C5    . DC  B 5 ? 0.1641 0.1126 0.1107 -0.0510 0.0081  -0.0102 11  DC  B C5    
327 C  C6    . DC  B 5 ? 0.1345 0.1380 0.0960 -0.0446 0.0032  -0.0133 11  DC  B C6    
328 P  P     A DG  B 6 ? 0.1578 0.1342 0.2459 -0.0006 -0.0849 0.0035  12  DG  B P     
329 P  P     B DG  B 6 ? 0.2813 0.3213 0.4064 -0.0459 -0.1366 -0.0601 12  DG  B P     
330 O  OP1   A DG  B 6 ? 0.3053 0.1579 0.2816 0.0753  -0.1322 -0.0703 12  DG  B OP1   
331 O  OP1   B DG  B 6 ? 0.3577 0.2372 0.3973 0.0416  -0.1877 -0.1351 12  DG  B OP1   
332 O  OP2   A DG  B 6 ? 0.1726 0.1720 0.3406 -0.0094 -0.0936 0.0920  12  DG  B OP2   
333 O  OP2   B DG  B 6 ? 0.1597 0.3750 0.6076 -0.0248 -0.1511 0.0588  12  DG  B OP2   
334 O  "O5'" A DG  B 6 ? 0.1395 0.1329 0.2083 0.0275  -0.0685 -0.0151 12  DG  B "O5'" 
335 O  "O5'" B DG  B 6 ? 0.2493 0.2455 0.3154 0.0297  -0.1097 -0.0758 12  DG  B "O5'" 
336 C  "C5'" A DG  B 6 ? 0.1470 0.1645 0.1943 -0.0151 -0.0697 0.0352  12  DG  B "C5'" 
337 C  "C5'" B DG  B 6 ? 0.2068 0.2845 0.2346 -0.0115 -0.0585 0.0341  12  DG  B "C5'" 
338 C  "C4'" A DG  B 6 ? 0.1359 0.1627 0.2066 -0.0028 -0.0453 -0.0283 12  DG  B "C4'" 
339 C  "C4'" B DG  B 6 ? 0.2047 0.2279 0.2008 0.0410  -0.0426 -0.0252 12  DG  B "C4'" 
340 O  "O4'" A DG  B 6 ? 0.1055 0.1557 0.1571 -0.0210 0.0159  -0.0461 12  DG  B "O4'" 
341 O  "O4'" B DG  B 6 ? 0.1689 0.2118 0.1301 0.0454  -0.0090 -0.0645 12  DG  B "O4'" 
342 C  "C3'" A DG  B 6 ? 0.1066 0.2281 0.1881 0.0191  -0.0219 -0.0345 12  DG  B "C3'" 
343 C  "C3'" B DG  B 6 ? 0.1346 0.3183 0.1718 0.0363  0.0023  0.0085  12  DG  B "C3'" 
344 O  "O3'" A DG  B 6 ? 0.1195 0.2583 0.2733 0.0351  -0.0671 -0.0451 12  DG  B "O3'" 
345 O  "O3'" B DG  B 6 ? 0.3453 0.3569 0.2292 -0.0077 -0.1528 0.0086  12  DG  B "O3'" 
346 C  "C2'" A DG  B 6 ? 0.1027 0.2382 0.1529 0.0313  -0.0330 -0.0470 12  DG  B "C2'" 
347 C  "C2'" B DG  B 6 ? 0.1453 0.3086 0.1175 0.0369  -0.0160 -0.0583 12  DG  B "C2'" 
348 C  "C1'" A DG  B 6 ? 0.0776 0.1847 0.1611 -0.0027 -0.0128 -0.0673 12  DG  B "C1'" 
349 C  "C1'" B DG  B 6 ? 0.1571 0.2257 0.1162 0.0313  0.0048  -0.0663 12  DG  B "C1'" 
350 N  N9    A DG  B 6 ? 0.0712 0.1646 0.1379 -0.0057 -0.0035 -0.0722 12  DG  B N9    
351 N  N9    B DG  B 6 ? 0.1370 0.1658 0.1255 -0.0273 -0.0031 -0.0591 12  DG  B N9    
352 C  C8    A DG  B 6 ? 0.0931 0.1549 0.1598 -0.0463 0.0095  -0.0870 12  DG  B C8    
353 C  C8    B DG  B 6 ? 0.1611 0.1910 0.1362 -0.0268 0.0127  -0.0438 12  DG  B C8    
354 N  N7    A DG  B 6 ? 0.1007 0.1436 0.1608 -0.0494 0.0049  -0.0694 12  DG  B N7    
355 N  N7    B DG  B 6 ? 0.1568 0.1704 0.1372 -0.0228 0.0222  -0.0443 12  DG  B N7    
356 C  C5    A DG  B 6 ? 0.0893 0.1215 0.1069 -0.0243 0.0123  -0.0597 12  DG  B C5    
357 C  C5    B DG  B 6 ? 0.1540 0.1880 0.0952 -0.0237 -0.0086 -0.0287 12  DG  B C5    
358 C  C6    A DG  B 6 ? 0.0966 0.1029 0.1108 -0.0317 -0.0020 -0.0356 12  DG  B C6    
359 C  C6    B DG  B 6 ? 0.1546 0.1222 0.0828 -0.0038 0.0289  -0.0383 12  DG  B C6    
360 O  O6    A DG  B 6 ? 0.0940 0.0956 0.1910 -0.0282 0.0070  -0.0387 12  DG  B O6    
361 O  O6    B DG  B 6 ? 0.2034 0.1543 0.1148 -0.0198 -0.0197 0.0180  12  DG  B O6    
362 N  N1    A DG  B 6 ? 0.0769 0.1132 0.1012 -0.0148 0.0049  -0.0286 12  DG  B N1    
363 N  N1    B DG  B 6 ? 0.1577 0.1178 0.0793 -0.0172 -0.0136 -0.0198 12  DG  B N1    
364 C  C2    A DG  B 6 ? 0.0856 0.1355 0.0808 -0.0133 0.0039  -0.0018 12  DG  B C2    
365 C  C2    B DG  B 6 ? 0.1342 0.1353 0.1033 -0.0003 0.0012  -0.0163 12  DG  B C2    
366 N  N2    A DG  B 6 ? 0.0806 0.1414 0.1336 0.0037  0.0009  0.0351  12  DG  B N2    
367 N  N2    B DG  B 6 ? 0.1302 0.1265 0.0938 0.0049  -0.0015 0.0034  12  DG  B N2    
368 N  N3    A DG  B 6 ? 0.0771 0.1526 0.0894 -0.0069 -0.0007 -0.0124 12  DG  B N3    
369 N  N3    B DG  B 6 ? 0.1213 0.1755 0.1000 0.0061  0.0067  -0.0420 12  DG  B N3    
370 C  C4    A DG  B 6 ? 0.0770 0.1467 0.1010 -0.0168 -0.0058 -0.0411 12  DG  B C4    
371 C  C4    B DG  B 6 ? 0.1374 0.1497 0.1268 0.0078  0.0275  -0.0595 12  DG  B C4    
372 MG MG    A MG  C . ? 0.0448 0.0400 0.0862 0.0066  -0.0104 0.0044  101 MG  A MG    
373 MG MG    B MG  C . ? 0.1393 0.1634 0.4401 -0.0041 0.0035  0.1456  101 MG  A MG    
374 MG MG    . MG  D . ? 0.1474 0.1925 0.2946 0.0654  0.1141  0.1462  102 MG  A MG    
375 MG MG    . MG  E . ? 0.0633 0.0604 0.0598 0.0036  -0.0072 -0.0117 101 MG  B MG    
376 O  O     . HOH F . ? 0.1503 0.0952 0.1034 0.0263  0.0078  -0.0079 201 HOH A O     
377 O  O     . HOH F . ? 0.0783 0.0626 0.1167 0.0077  0.0136  0.0075  202 HOH A O     
378 O  O     . HOH F . ? 0.1456 0.2129 0.1342 0.0452  -0.0359 0.0271  203 HOH A O     
379 O  O     . HOH F . ? 0.1490 0.1629 0.2831 0.0521  0.0893  0.0785  204 HOH A O     
380 O  O     . HOH F . ? 0.3105 0.2298 0.3768 0.0196  -0.1363 0.1990  205 HOH A O     
381 O  O     . HOH F . ? 0.4576 0.2405 0.4899 0.1123  0.0141  0.2291  206 HOH A O     
382 O  O     . HOH F . ? 0.2361 0.2446 0.1650 0.1521  -0.0107 0.0227  207 HOH A O     
383 O  O     A HOH F . ? 0.0692 0.1054 0.0840 0.0074  0.0152  -0.0157 208 HOH A O     
384 O  O     B HOH F . ? 0.3128 0.3526 0.2744 0.0551  -0.0437 -0.1161 208 HOH A O     
385 O  O     A HOH F . ? 0.0844 0.1193 0.0905 -0.0042 -0.0181 -0.0108 209 HOH A O     
386 O  O     B HOH F . ? 0.1533 0.2238 0.3058 -0.0587 -0.0352 0.1235  209 HOH A O     
387 O  O     A HOH F . ? 0.0863 0.1007 0.1096 0.0272  -0.0084 0.0037  210 HOH A O     
388 O  O     B HOH F . ? 0.1599 0.2492 0.1237 0.0465  -0.0438 -0.0087 210 HOH A O     
389 O  O     . HOH F . ? 0.1310 0.1617 0.1345 0.0504  0.0492  0.0327  211 HOH A O     
390 O  O     . HOH F . ? 0.2789 0.1553 0.7692 0.0503  0.0407  0.0174  212 HOH A O     
391 O  O     A HOH F . ? 0.1126 0.1008 0.1407 0.0048  -0.0153 0.0028  213 HOH A O     
392 O  O     B HOH F . ? 0.2024 0.1815 0.4739 -0.0499 -0.1362 0.0763  213 HOH A O     
393 O  O     . HOH F . ? 0.2813 0.2276 0.1270 0.1483  0.0227  0.0359  214 HOH A O     
394 O  O     . HOH F . ? 0.2675 0.3019 0.2628 0.1496  0.1092  0.1909  215 HOH A O     
395 O  O     . HOH F . ? 0.3160 0.3868 0.3606 0.1553  -0.1965 -0.1457 216 HOH A O     
396 O  O     A HOH F . ? 0.3447 0.2216 0.1511 -0.1380 0.1086  -0.0322 217 HOH A O     
397 O  O     B HOH F . ? 0.1276 0.0956 0.1390 0.0277  0.0560  0.0478  217 HOH A O     
398 O  O     A HOH F . ? 0.0543 0.0535 0.0592 -0.0022 -0.0101 0.0117  218 HOH A O     
399 O  O     B HOH F . ? 0.1454 0.2471 0.2007 0.0318  -0.0409 0.0941  218 HOH A O     
400 O  O     A HOH F . ? 0.1058 0.1272 0.1061 0.0153  0.0106  0.0210  219 HOH A O     
401 O  O     B HOH F . ? 0.4113 0.3305 0.1796 -0.0815 0.0020  -0.1255 219 HOH A O     
402 O  O     . HOH F . ? 0.4233 0.6082 0.4928 0.0600  -0.2829 0.0543  220 HOH A O     
403 O  O     . HOH F . ? 0.1465 0.1030 0.1161 -0.0145 0.0158  -0.0112 221 HOH A O     
404 O  O     . HOH F . ? 0.1029 0.2340 0.2225 -0.0194 -0.0016 -0.0882 222 HOH A O     
405 O  O     . HOH F . ? 0.1617 0.1526 0.1305 -0.0187 0.0198  0.0041  223 HOH A O     
406 O  O     . HOH F . ? 0.3916 0.0905 0.1757 0.0151  -0.1176 0.0075  224 HOH A O     
407 O  O     . HOH F . ? 0.2932 0.1551 0.1299 0.0670  -0.0464 0.0139  225 HOH A O     
408 O  O     . HOH F . ? 0.2065 0.2670 0.3094 -0.0113 -0.0330 0.1742  226 HOH A O     
409 O  O     A HOH F . ? 0.0897 0.1060 0.3602 0.0014  0.0831  -0.0696 227 HOH A O     
410 O  O     B HOH F . ? 0.0776 0.0975 0.1330 0.0049  -0.0216 0.0186  227 HOH A O     
411 O  O     . HOH F . ? 0.1480 0.2189 0.3329 0.0947  -0.0246 -0.0709 228 HOH A O     
412 O  O     . HOH F . ? 0.3358 0.2323 0.6146 0.0259  -0.2107 0.1075  229 HOH A O     
413 O  O     A HOH F . ? 0.1674 0.1570 0.2375 0.0233  -0.0450 0.0620  230 HOH A O     
414 O  O     B HOH F . ? 0.1937 0.3247 0.4328 -0.0763 -0.0281 -0.1071 230 HOH A O     
415 O  O     . HOH F . ? 0.3277 0.1606 0.1516 -0.0091 -0.0292 -0.0010 231 HOH A O     
416 O  O     . HOH F . ? 0.0744 0.0713 0.2053 0.0089  -0.0235 0.0068  232 HOH A O     
417 O  O     . HOH F . ? 0.0858 0.0994 0.0907 -0.0241 0.0020  -0.0140 233 HOH A O     
418 O  O     A HOH F . ? 0.0953 0.1020 0.1064 0.0223  -0.0003 -0.0165 234 HOH A O     
419 O  O     B HOH F . ? 0.2021 0.1478 0.0522 0.0173  0.0040  0.0343  234 HOH A O     
420 O  O     . HOH F . ? 0.0691 0.1863 0.1486 0.0362  -0.0198 0.0092  235 HOH A O     
421 O  O     . HOH F . ? 0.6763 0.1705 0.3050 -0.0538 -0.0538 0.0574  236 HOH A O     
422 O  O     . HOH F . ? 0.1655 0.1031 0.1455 0.0316  -0.0627 0.0235  237 HOH A O     
423 O  O     A HOH F . ? 0.2358 0.0964 0.1356 -0.0026 -0.0146 -0.0153 238 HOH A O     
424 O  O     B HOH F . ? 0.1875 0.6292 0.2241 -0.1259 0.0353  -0.1900 238 HOH A O     
425 O  O     A HOH F . ? 0.1640 0.2040 0.3008 0.0272  -0.0625 -0.0174 239 HOH A O     
426 O  O     B HOH F . ? 0.2993 0.2444 0.1566 -0.1586 0.1099  -0.0488 239 HOH A O     
427 O  O     . HOH F . ? 0.2676 0.7348 0.3001 0.0101  0.0051  0.3329  240 HOH A O     
428 O  O     . HOH F . ? 0.2364 0.2322 0.6252 0.0611  -0.0424 0.0461  241 HOH A O     
429 O  O     . HOH F . ? 0.1101 0.1133 0.1165 0.0335  -0.0226 -0.0022 242 HOH A O     
430 O  O     . HOH F . ? 0.3487 0.2203 0.4333 -0.1372 -0.0731 0.0679  243 HOH A O     
431 O  O     . HOH F . ? 0.1434 0.1481 0.1695 -0.0158 0.0084  0.0096  244 HOH A O     
432 O  O     . HOH F . ? 0.2956 0.5726 0.3151 -0.2286 -0.1965 0.2378  245 HOH A O     
433 O  O     . HOH F . ? 0.0653 0.0756 0.0903 0.0143  -0.0042 0.0113  246 HOH A O     
434 O  O     . HOH F . ? 0.3000 0.5705 0.7365 0.2613  0.0126  0.1678  247 HOH A O     
435 O  O     . HOH F . ? 0.1212 0.0965 0.1594 -0.0172 0.0474  0.0116  248 HOH A O     
436 O  O     . HOH F . ? 0.2561 0.2297 0.2193 0.1452  0.1078  0.1006  249 HOH A O     
437 O  O     . HOH F . ? 0.1737 0.1426 0.1742 0.0781  -0.0824 -0.0293 250 HOH A O     
438 O  O     . HOH F . ? 0.2133 0.1528 0.3295 -0.0464 0.1160  -0.0689 251 HOH A O     
439 O  O     A HOH F . ? 0.1221 0.2727 0.1714 0.0194  0.0272  0.1069  252 HOH A O     
440 O  O     B HOH F . ? 0.3115 0.1893 0.3445 0.1222  0.1577  -0.0140 252 HOH A O     
441 O  O     . HOH F . ? 0.1269 0.2501 0.2050 0.0769  -0.0304 -0.1061 253 HOH A O     
442 O  O     A HOH F . ? 0.4238 0.2472 0.2298 0.1136  0.0676  -0.0191 254 HOH A O     
443 O  O     B HOH F . ? 0.1278 0.6876 0.3103 0.0574  -0.0225 -0.1023 254 HOH A O     
444 O  O     . HOH G . ? 0.1838 0.1320 0.2587 0.0289  0.0059  -0.0722 201 HOH B O     
445 O  O     . HOH G . ? 0.4057 0.4731 0.6696 -0.1050 0.0094  -0.2197 202 HOH B O     
446 O  O     . HOH G . ? 0.1989 0.2707 0.2250 0.0943  0.0331  -0.0631 203 HOH B O     
447 O  O     . HOH G . ? 0.7796 0.4020 0.4872 -0.2320 0.4749  -0.1593 204 HOH B O     
448 O  O     . HOH G . ? 0.6522 0.4240 0.6417 0.0390  -0.1607 -0.1143 205 HOH B O     
449 O  O     . HOH G . ? 0.2369 0.2371 0.4514 0.0527  -0.0028 0.0058  206 HOH B O     
450 O  O     . HOH G . ? 0.2934 0.4543 0.2869 -0.0725 -0.0846 0.2538  207 HOH B O     
451 O  O     A HOH G . ? 0.3169 0.2452 0.5000 0.0620  0.0381  0.1933  208 HOH B O     
452 O  O     B HOH G . ? 0.2756 0.1843 0.5497 0.0194  0.0691  0.1875  208 HOH B O     
453 O  O     . HOH G . ? 0.5464 0.1954 0.2262 0.0754  0.0022  -0.0529 209 HOH B O     
454 O  O     . HOH G . ? 0.1781 0.1305 0.2056 0.0597  0.0155  0.0410  210 HOH B O     
455 O  O     . HOH G . ? 1.7332 1.0746 0.3735 0.3800  0.0813  -0.0270 211 HOH B O     
456 O  O     . HOH G . ? 0.1859 0.1404 0.1606 0.0207  0.0336  0.0129  212 HOH B O     
457 O  O     A HOH G . ? 0.1790 0.7803 0.4916 0.0375  -0.1569 -0.3612 213 HOH B O     
458 O  O     B HOH G . ? 0.3582 0.7595 0.5005 0.1344  0.0418  -0.2745 213 HOH B O     
459 O  O     . HOH G . ? 0.0922 0.0839 0.2197 -0.0164 0.0338  -0.0221 214 HOH B O     
460 O  O     . HOH G . ? 0.1644 0.1123 0.1883 -0.0097 -0.0182 0.0012  215 HOH B O     
461 O  O     . HOH G . ? 0.3173 0.1805 0.2213 0.0846  -0.1630 -0.0470 216 HOH B O     
462 O  O     A HOH G . ? 0.1048 0.1070 0.1386 0.0058  -0.0027 -0.0132 217 HOH B O     
463 O  O     B HOH G . ? 0.0869 0.0957 0.1098 0.0072  0.0126  -0.0132 217 HOH B O     
464 O  O     . HOH G . ? 0.0863 0.0883 0.1300 0.0215  -0.0220 0.0024  218 HOH B O     
465 O  O     . HOH G . ? 0.4040 0.3567 0.5467 -0.0057 0.0766  0.2667  219 HOH B O     
466 O  O     . HOH G . ? 0.1275 0.2298 0.1085 0.0248  -0.0249 0.0059  220 HOH B O     
467 O  O     . HOH G . ? 0.1962 0.2005 0.3368 -0.0729 0.0577  -0.0465 221 HOH B O     
468 O  O     . HOH G . ? 0.2153 0.1435 0.2843 -0.0956 -0.1343 0.0812  222 HOH B O     
469 O  O     . HOH G . ? 0.1802 0.1153 0.1927 0.0205  -0.0408 -0.0055 223 HOH B O     
470 O  O     . HOH G . ? 0.3758 0.4035 0.3012 -0.1543 -0.1252 0.1808  224 HOH B O     
471 O  O     A HOH G . ? 0.1032 0.1321 0.1421 -0.0100 -0.0409 -0.0074 225 HOH B O     
472 O  O     B HOH G . ? 0.2752 0.2396 0.2145 0.1199  0.0581  0.0167  225 HOH B O     
473 O  O     . HOH G . ? 0.6082 0.6648 0.7714 0.3726  -0.0997 -0.1219 226 HOH B O     
474 O  O     . HOH G . ? 0.0977 0.1339 0.1154 -0.0052 -0.0304 -0.0008 227 HOH B O     
475 O  O     . HOH G . ? 0.1817 0.2212 0.2331 -0.0523 0.0912  -0.0509 228 HOH B O     
476 O  O     A HOH G . ? 0.1136 0.0547 0.0910 0.0148  -0.0293 0.0032  229 HOH B O     
477 O  O     B HOH G . ? 0.1593 0.1213 0.3488 0.0517  0.0682  0.0475  229 HOH B O     
478 O  O     . HOH G . ? 0.2134 0.2418 0.2659 0.0266  0.0481  0.0644  230 HOH B O     
479 O  O     . HOH G . ? 0.2783 0.1317 0.4846 -0.0521 0.0777  -0.1881 231 HOH B O     
480 O  O     . HOH G . ? 0.1934 0.1373 0.2249 0.0253  -0.0297 0.0050  232 HOH B O     
481 O  O     A HOH G . ? 0.0701 0.0715 0.0905 0.0076  -0.0064 0.0009  233 HOH B O     
482 O  O     B HOH G . ? 0.1671 0.3285 0.6070 0.0913  -0.0104 -0.1002 233 HOH B O     
483 O  O     A HOH G . ? 0.0764 0.0516 0.0759 0.0145  -0.0021 -0.0023 234 HOH B O     
484 O  O     B HOH G . ? 0.0835 0.3778 0.1442 -0.0115 0.0153  0.0315  234 HOH B O     
485 O  O     A HOH G . ? 0.0820 0.0588 0.1145 -0.0188 0.0003  -0.0110 235 HOH B O     
486 O  O     B HOH G . ? 0.3516 0.3430 0.2565 0.0636  -0.1575 -0.1034 235 HOH B O     
487 O  O     . HOH G . ? 0.3649 0.1038 0.2437 -0.0416 0.0530  0.0050  236 HOH B O     
488 O  O     A HOH G . ? 0.2474 0.1568 0.1003 -0.0518 0.0754  -0.0361 237 HOH B O     
489 O  O     B HOH G . ? 0.5724 0.3775 0.2690 0.1783  0.0935  -0.0662 237 HOH B O     
490 O  O     . HOH G . ? 0.1695 0.1441 0.1293 0.0579  0.0337  0.0054  238 HOH B O     
491 O  O     . HOH G . ? 0.1210 0.0963 0.0684 -0.0018 -0.0161 -0.0129 239 HOH B O     
492 O  O     . HOH G . ? 0.1077 0.1593 0.0990 -0.0453 -0.0081 -0.0127 240 HOH B O     
493 O  O     . HOH G . ? 0.1063 0.0857 0.1116 0.0095  -0.0083 -0.0156 241 HOH B O     
494 O  O     A HOH G . ? 0.1160 0.0496 0.1150 0.0314  -0.0563 -0.0167 242 HOH B O     
495 O  O     B HOH G . ? 0.2251 0.2281 0.2051 0.0511  -0.0940 -0.0713 242 HOH B O     
496 O  O     . HOH G . ? 0.2388 0.5367 0.2460 0.0577  -0.0298 -0.0947 243 HOH B O     
497 O  O     . HOH G . ? 0.2968 0.9862 1.4542 -0.1461 0.0670  0.0007  244 HOH B O     
498 O  O     A HOH G . ? 0.4324 0.3693 0.1926 -0.2687 0.0912  -0.1475 245 HOH B O     
499 O  O     B HOH G . ? 0.3688 0.4908 0.3158 -0.1004 -0.0075 -0.2299 245 HOH B O     
500 O  O     A HOH G . ? 0.4531 0.4400 0.1980 -0.0172 -0.0614 -0.1526 246 HOH B O     
501 O  O     B HOH G . ? 0.1173 0.2713 0.2422 -0.0505 -0.0298 0.0986  246 HOH B O     
502 O  O     . HOH G . ? 0.7667 0.2564 0.5074 -0.2385 0.0797  0.0310  247 HOH B O     
503 O  O     . HOH G . ? 0.5159 1.0661 0.3191 -0.1181 0.0156  -0.0266 248 HOH B O     
504 O  O     . HOH G . ? 0.3388 0.4718 0.4749 0.1777  -0.1996 -0.3109 249 HOH B O     
505 O  O     . HOH G . ? 0.2945 1.4059 0.5520 -0.2062 0.1390  -0.1793 250 HOH B O     
506 O  O     . HOH G . ? 0.2736 0.1172 0.1455 -0.0629 -0.0267 0.0254  251 HOH B O     
507 O  O     . HOH G . ? 0.1367 0.2332 0.0790 0.0815  -0.0321 -0.0361 252 HOH B O     
508 O  O     A HOH G . ? 0.1479 0.1217 0.1156 0.0366  -0.0101 0.0272  253 HOH B O     
509 O  O     B HOH G . ? 0.1305 0.1125 0.1415 0.0458  -0.0283 0.0231  253 HOH B O     
510 O  O     . HOH G . ? 0.1119 0.2969 0.1572 -0.0834 0.0479  -0.1415 254 HOH B O     
511 O  O     . HOH G . ? 0.4706 0.1357 0.4946 -0.0818 0.0202  0.0413  255 HOH B O     
512 O  O     . HOH G . ? 0.6788 0.3611 0.4980 -0.3658 0.1759  -0.1576 256 HOH B O     
513 O  O     . HOH G . ? 0.2034 0.3968 0.4065 0.0089  0.0530  -0.0759 257 HOH B O     
514 O  O     . HOH G . ? 0.5070 0.3906 0.3670 -0.2607 0.0943  0.1151  258 HOH B O     
515 O  O     . HOH G . ? 0.1878 0.3446 0.1201 0.0216  0.0176  0.0196  259 HOH B O     
516 O  O     . HOH G . ? 0.3221 0.1554 0.3557 -0.0322 -0.0733 0.0729  260 HOH B O     
517 O  O     A HOH G . ? 0.2851 0.3268 0.5396 0.0938  0.0876  0.1561  261 HOH B O     
518 O  O     B HOH G . ? 0.1714 0.5009 0.6198 0.0330  -0.1360 0.1870  261 HOH B O     
519 O  O     . HOH G . ? 0.1500 0.0686 0.1251 -0.0042 0.0262  -0.0091 262 HOH B O     
520 O  O     . HOH G . ? 0.3755 0.2854 0.2281 0.1508  0.0204  0.0505  263 HOH B O     
521 O  O     . HOH G . ? 0.8835 0.4059 0.3266 -0.2337 -0.0893 0.2630  264 HOH B O     
522 O  O     . HOH G . ? 0.1465 0.1894 0.6093 -0.0728 -0.1204 0.0646  265 HOH B O     
523 O  O     . HOH G . ? 0.2700 0.1893 0.1839 0.0304  -0.0868 -0.1284 266 HOH B O     
524 O  O     . HOH G . ? 0.1652 0.3510 0.3324 0.0184  -0.0413 -0.1152 267 HOH B O     
525 O  O     . HOH G . ? 0.4886 0.3500 0.4071 0.2841  0.1302  0.1257  268 HOH B O     
526 O  O     A HOH G . ? 0.1102 0.1616 0.1470 0.0373  0.0015  0.0091  269 HOH B O     
527 O  O     B HOH G . ? 0.2384 0.3208 0.4400 -0.1036 0.0116  0.0098  269 HOH B O     
528 O  O     . HOH G . ? 0.1072 0.2005 0.3676 0.0056  -0.0362 0.0441  270 HOH B O     
529 O  O     . HOH G . ? 0.0976 0.0956 0.1086 0.0251  -0.0086 -0.0214 271 HOH B O     
530 O  O     . HOH G . ? 0.4373 0.2920 0.6420 0.1203  -0.1503 0.0065  272 HOH B O     
531 O  O     A HOH G . ? 0.3572 0.3994 0.4377 -0.0175 0.1108  -0.0798 273 HOH B O     
532 O  O     B HOH G . ? 0.4976 0.2739 0.3156 -0.0140 0.1141  0.0531  273 HOH B O     
533 O  O     A HOH G . ? 0.6915 0.2258 0.1995 -0.0170 0.2126  0.0022  274 HOH B O     
534 O  O     B HOH G . ? 0.0835 0.1786 0.4003 0.0249  0.0924  0.1528  274 HOH B O     
535 O  O     . HOH G . ? 0.2211 0.6569 0.3311 0.0566  -0.0635 -0.2609 275 HOH B O     
536 O  O     . HOH G . ? 0.6450 1.3329 0.5991 -0.1498 0.1904  0.0065  276 HOH B O     
537 O  O     . HOH G . ? 0.2675 0.5927 0.5287 0.0934  0.1229  0.2047  277 HOH B O     
538 O  O     . HOH G . ? 0.2260 0.3020 0.1577 -0.0159 0.0417  -0.0893 278 HOH B O     
539 O  O     . HOH G . ? 0.5966 1.0949 0.4945 -0.1858 -0.1887 -0.3268 279 HOH B O     
540 O  O     . HOH G . ? 0.6571 0.2797 0.1937 0.0317  -0.0613 -0.0640 280 HOH B O     
541 O  O     . HOH G . ? 0.1757 0.2116 0.1167 -0.0559 -0.0088 -0.0533 281 HOH B O     
542 O  O     . HOH G . ? 0.0700 0.0593 0.0812 0.0137  0.0045  0.0099  282 HOH B O     
543 O  O     A HOH G . ? 0.3071 0.1240 0.0880 0.0923  0.0224  0.0049  283 HOH B O     
544 O  O     B HOH G . ? 0.6938 0.3946 0.2122 0.0026  -0.0725 -0.0432 283 HOH B O     
545 O  O     . HOH G . ? 0.9923 0.2741 0.5066 0.0045  -0.0896 0.1977  284 HOH B O     
546 O  O     . HOH G . ? 0.1594 0.2630 0.8436 -0.0347 -0.0378 -0.0051 285 HOH B O     
547 O  O     . HOH G . ? 0.4373 0.3282 1.4504 -0.1141 -0.0029 0.0361  286 HOH B O     
548 O  O     A HOH G . ? 0.2449 0.3397 0.1578 -0.0199 -0.0631 0.1063  287 HOH B O     
549 O  O     B HOH G . ? 0.2185 0.1503 0.2231 0.0795  0.0204  -0.0404 287 HOH B O     
550 O  O     . HOH G . ? 0.1821 0.3095 0.5339 0.0135  0.0245  0.2645  288 HOH B O     
# 
